data_7BGH
#
_entry.id   7BGH
#
_entity_poly.entity_id   1
_entity_poly.type   'polypeptide(L)'
_entity_poly.pdbx_seq_one_letter_code
;METSLRYGGDSKALKIHAKEKLRIDTNTFFQVRGGLDTKTGQPSSGSALIRHFYPNFSATLGVGVRYDKQDSVGVRYAKN
DKLRYTVLAKKTFPVTNDGLVNFKIKGGCDVDQDFKEWKSRGGAEFSWNVFNFQKDQDVRLRIGYEAFEQVPYLQIRENN
WTFNADYKGRWNVRYDLLEHHHHHHHHHH
;
_entity_poly.pdbx_strand_id   A
#
# COMPACT_ATOMS: atom_id res chain seq x y z
N MET A 1 1.35 -15.27 8.48
CA MET A 1 -0.09 -15.32 8.11
C MET A 1 -0.88 -14.36 8.99
N GLU A 2 -1.13 -13.15 8.48
CA GLU A 2 -1.87 -12.14 9.22
C GLU A 2 -3.07 -11.66 8.40
N THR A 3 -4.12 -11.19 9.07
CA THR A 3 -5.32 -10.73 8.38
C THR A 3 -5.67 -9.31 8.82
N SER A 4 -6.08 -8.49 7.85
CA SER A 4 -6.43 -7.10 8.16
C SER A 4 -7.75 -6.76 7.51
N LEU A 5 -8.54 -5.94 8.18
CA LEU A 5 -9.82 -5.51 7.66
C LEU A 5 -9.64 -4.15 7.01
N ARG A 6 -10.18 -4.00 5.80
CA ARG A 6 -10.16 -2.71 5.12
C ARG A 6 -11.59 -2.25 4.90
N TYR A 7 -11.93 -1.11 5.48
CA TYR A 7 -13.24 -0.51 5.31
C TYR A 7 -13.13 0.51 4.18
N GLY A 8 -14.21 0.73 3.45
CA GLY A 8 -14.21 1.74 2.40
C GLY A 8 -15.53 2.52 2.38
N GLY A 9 -15.45 3.78 1.98
CA GLY A 9 -16.63 4.60 1.80
C GLY A 9 -16.54 5.32 0.46
N ASP A 10 -17.69 5.46 -0.20
CA ASP A 10 -17.75 5.98 -1.56
C ASP A 10 -16.93 5.08 -2.49
N SER A 11 -17.09 3.78 -2.33
CA SER A 11 -16.40 2.80 -3.19
C SER A 11 -16.82 1.37 -2.81
N LYS A 12 -16.27 0.86 -1.71
CA LYS A 12 -16.62 -0.49 -1.25
C LYS A 12 -16.83 -0.49 0.26
N ALA A 13 -17.76 -1.31 0.73
CA ALA A 13 -18.06 -1.35 2.16
C ALA A 13 -16.95 -2.04 2.95
N LEU A 14 -16.83 -3.36 2.81
CA LEU A 14 -15.79 -4.11 3.53
C LEU A 14 -15.05 -5.07 2.63
N LYS A 15 -13.76 -5.23 2.90
CA LYS A 15 -12.92 -6.15 2.14
C LYS A 15 -11.80 -6.69 3.04
N ILE A 16 -11.37 -7.93 2.81
CA ILE A 16 -10.32 -8.54 3.63
C ILE A 16 -9.02 -8.63 2.83
N HIS A 17 -7.92 -8.26 3.50
CA HIS A 17 -6.60 -8.40 2.91
C HIS A 17 -5.70 -9.15 3.89
N ALA A 18 -5.08 -10.22 3.42
CA ALA A 18 -4.21 -11.03 4.28
C ALA A 18 -2.83 -11.19 3.64
N LYS A 19 -1.81 -11.36 4.47
CA LYS A 19 -0.43 -11.31 4.01
C LYS A 19 0.32 -12.59 4.37
N GLU A 20 1.15 -13.08 3.45
CA GLU A 20 1.88 -14.33 3.69
C GLU A 20 3.33 -14.19 3.23
N LYS A 21 4.22 -15.00 3.79
CA LYS A 21 5.64 -14.94 3.45
C LYS A 21 6.20 -16.33 3.16
N LEU A 22 7.16 -16.42 2.24
CA LEU A 22 7.76 -17.71 1.90
C LEU A 22 9.25 -17.56 1.67
N ARG A 23 10.02 -18.54 2.12
CA ARG A 23 11.46 -18.51 1.88
C ARG A 23 11.79 -19.25 0.59
N ILE A 24 12.34 -18.52 -0.38
CA ILE A 24 12.68 -19.12 -1.68
C ILE A 24 14.18 -19.37 -1.74
N ASP A 25 14.97 -18.39 -1.34
CA ASP A 25 16.42 -18.53 -1.31
C ASP A 25 16.99 -17.96 -0.01
N THR A 26 18.30 -18.10 0.17
CA THR A 26 18.95 -17.60 1.38
C THR A 26 18.76 -16.09 1.53
N ASN A 27 18.75 -15.37 0.42
CA ASN A 27 18.61 -13.91 0.46
C ASN A 27 17.44 -13.41 -0.39
N THR A 28 16.43 -14.25 -0.60
CA THR A 28 15.26 -13.85 -1.37
C THR A 28 13.97 -14.17 -0.61
N PHE A 29 13.12 -13.16 -0.46
CA PHE A 29 11.87 -13.33 0.29
C PHE A 29 10.66 -13.19 -0.63
N PHE A 30 9.64 -14.01 -0.37
CA PHE A 30 8.36 -13.91 -1.05
C PHE A 30 7.39 -13.20 -0.11
N GLN A 31 6.72 -12.15 -0.58
CA GLN A 31 5.76 -11.44 0.26
C GLN A 31 4.56 -11.05 -0.59
N VAL A 32 3.38 -11.59 -0.27
CA VAL A 32 2.23 -11.41 -1.17
C VAL A 32 0.94 -11.19 -0.39
N ARG A 33 -0.06 -10.62 -1.04
CA ARG A 33 -1.32 -10.31 -0.36
C ARG A 33 -2.50 -10.81 -1.19
N GLY A 34 -3.50 -11.32 -0.49
CA GLY A 34 -4.72 -11.80 -1.15
C GLY A 34 -5.92 -10.99 -0.68
N GLY A 35 -6.65 -10.42 -1.64
CA GLY A 35 -7.84 -9.64 -1.32
C GLY A 35 -9.10 -10.44 -1.65
N LEU A 36 -9.96 -10.61 -0.66
CA LEU A 36 -11.17 -11.39 -0.80
C LEU A 36 -12.36 -10.43 -0.96
N ASP A 37 -13.16 -10.68 -2.00
CA ASP A 37 -14.13 -9.68 -2.50
C ASP A 37 -15.10 -9.16 -1.44
N THR A 38 -15.67 -7.99 -1.71
CA THR A 38 -16.68 -7.41 -0.83
C THR A 38 -17.83 -8.38 -0.62
N LYS A 39 -18.20 -9.11 -1.67
CA LYS A 39 -19.26 -10.12 -1.55
C LYS A 39 -18.96 -11.11 -0.41
N THR A 40 -17.68 -11.40 -0.20
CA THR A 40 -17.21 -12.23 0.90
C THR A 40 -17.33 -13.71 0.56
N GLY A 41 -16.19 -14.34 0.31
CA GLY A 41 -16.15 -15.78 0.03
C GLY A 41 -15.57 -16.10 -1.36
N GLN A 42 -14.85 -15.15 -1.97
CA GLN A 42 -14.21 -15.42 -3.25
C GLN A 42 -12.96 -14.57 -3.38
N PRO A 43 -12.09 -14.85 -4.33
CA PRO A 43 -10.93 -13.93 -4.58
C PRO A 43 -11.40 -12.51 -4.84
N SER A 44 -10.46 -11.61 -5.05
CA SER A 44 -10.77 -10.27 -5.54
C SER A 44 -9.60 -9.74 -6.37
N SER A 45 -8.42 -9.77 -5.77
CA SER A 45 -7.20 -9.34 -6.44
C SER A 45 -5.98 -9.93 -5.75
N GLY A 46 -4.83 -9.93 -6.44
CA GLY A 46 -3.61 -10.47 -5.84
C GLY A 46 -2.41 -9.56 -6.08
N SER A 47 -1.50 -9.51 -5.12
CA SER A 47 -0.27 -8.72 -5.28
C SER A 47 0.90 -9.50 -4.70
N ALA A 48 2.10 -9.28 -5.22
CA ALA A 48 3.26 -10.02 -4.74
C ALA A 48 4.55 -9.22 -4.85
N LEU A 49 5.52 -9.56 -3.98
CA LEU A 49 6.81 -8.89 -3.98
C LEU A 49 7.96 -9.89 -3.90
N ILE A 50 8.98 -9.64 -4.70
CA ILE A 50 10.23 -10.41 -4.61
C ILE A 50 11.33 -9.45 -4.17
N ARG A 51 12.01 -9.73 -3.05
CA ARG A 51 12.93 -8.75 -2.49
C ARG A 51 14.25 -9.34 -2.00
N HIS A 52 15.31 -8.53 -2.07
CA HIS A 52 16.62 -8.87 -1.53
C HIS A 52 17.10 -7.70 -0.67
N PHE A 53 17.95 -7.95 0.32
CA PHE A 53 18.36 -6.90 1.25
C PHE A 53 19.88 -6.69 1.25
N TYR A 54 20.30 -5.48 1.62
CA TYR A 54 21.72 -5.17 1.77
C TYR A 54 21.98 -4.79 3.24
N PRO A 55 23.10 -5.16 3.80
CA PRO A 55 23.34 -4.95 5.26
C PRO A 55 23.78 -3.52 5.61
N ASN A 56 25.01 -3.15 5.25
CA ASN A 56 25.51 -1.82 5.58
C ASN A 56 24.57 -0.75 5.02
N PHE A 57 24.22 -0.91 3.75
CA PHE A 57 23.20 -0.05 3.15
C PHE A 57 21.83 -0.63 3.47
N SER A 58 21.44 -0.48 4.73
CA SER A 58 20.20 -1.07 5.24
C SER A 58 19.01 -0.74 4.35
N ALA A 59 18.69 -1.66 3.44
CA ALA A 59 17.58 -1.43 2.51
C ALA A 59 17.27 -2.70 1.72
N THR A 60 16.18 -2.69 0.98
CA THR A 60 15.84 -3.82 0.12
C THR A 60 15.46 -3.36 -1.27
N LEU A 61 15.74 -4.18 -2.27
CA LEU A 61 15.37 -3.90 -3.65
C LEU A 61 14.49 -5.04 -4.15
N GLY A 62 13.42 -4.72 -4.88
CA GLY A 62 12.54 -5.78 -5.36
C GLY A 62 11.53 -5.25 -6.35
N VAL A 63 10.61 -6.12 -6.78
CA VAL A 63 9.57 -5.69 -7.73
C VAL A 63 8.21 -6.07 -7.14
N GLY A 64 7.19 -5.30 -7.48
CA GLY A 64 5.83 -5.55 -7.03
C GLY A 64 4.89 -5.56 -8.21
N VAL A 65 3.93 -6.49 -8.20
CA VAL A 65 2.93 -6.55 -9.26
C VAL A 65 1.55 -6.77 -8.66
N ARG A 66 0.52 -6.54 -9.47
CA ARG A 66 -0.85 -6.83 -9.06
C ARG A 66 -1.64 -7.34 -10.25
N TYR A 67 -2.53 -8.29 -10.00
CA TYR A 67 -3.37 -8.86 -11.04
C TYR A 67 -4.84 -8.55 -10.78
N ASP A 68 -5.48 -7.95 -11.77
CA ASP A 68 -6.92 -7.74 -11.76
C ASP A 68 -7.56 -8.63 -12.81
N LYS A 69 -8.67 -9.27 -12.45
CA LYS A 69 -9.24 -10.34 -13.26
C LYS A 69 -9.84 -9.79 -14.55
N GLN A 70 -9.74 -10.57 -15.62
CA GLN A 70 -10.22 -10.14 -16.92
C GLN A 70 -11.72 -10.42 -17.07
N ASP A 71 -12.42 -9.51 -17.74
CA ASP A 71 -13.85 -9.68 -17.98
C ASP A 71 -14.18 -9.35 -19.44
N SER A 72 -14.13 -8.07 -19.79
CA SER A 72 -14.38 -7.66 -21.17
C SER A 72 -13.69 -6.34 -21.46
N VAL A 73 -13.01 -6.27 -22.60
CA VAL A 73 -12.32 -5.04 -23.01
C VAL A 73 -12.57 -4.78 -24.49
N GLY A 74 -12.84 -3.52 -24.83
CA GLY A 74 -13.07 -3.15 -26.21
C GLY A 74 -13.32 -1.64 -26.34
N VAL A 75 -14.52 -1.28 -26.79
CA VAL A 75 -14.89 0.13 -26.92
C VAL A 75 -14.77 0.82 -25.56
N ARG A 76 -15.19 0.14 -24.50
CA ARG A 76 -15.12 0.70 -23.15
C ARG A 76 -14.07 -0.03 -22.33
N TYR A 77 -13.64 0.58 -21.23
CA TYR A 77 -12.63 0.00 -20.37
C TYR A 77 -13.14 -0.10 -18.93
N ALA A 78 -12.46 -0.92 -18.12
CA ALA A 78 -12.88 -1.13 -16.74
C ALA A 78 -11.68 -1.19 -15.81
N LYS A 79 -11.91 -0.90 -14.54
CA LYS A 79 -10.84 -0.93 -13.54
C LYS A 79 -10.18 -2.31 -13.50
N ASN A 80 -10.98 -3.37 -13.67
CA ASN A 80 -10.45 -4.72 -13.69
C ASN A 80 -9.72 -4.99 -15.00
N ASP A 81 -9.28 -6.24 -15.17
CA ASP A 81 -8.59 -6.64 -16.40
C ASP A 81 -7.38 -5.74 -16.65
N LYS A 82 -6.29 -6.01 -15.93
CA LYS A 82 -5.08 -5.21 -16.05
C LYS A 82 -3.98 -5.78 -15.16
N LEU A 83 -2.76 -5.78 -15.67
CA LEU A 83 -1.60 -6.20 -14.90
C LEU A 83 -0.62 -5.04 -14.81
N ARG A 84 -0.06 -4.79 -13.62
CA ARG A 84 0.98 -3.76 -13.49
C ARG A 84 2.17 -4.29 -12.71
N TYR A 85 3.33 -3.71 -12.99
CA TYR A 85 4.57 -4.16 -12.35
C TYR A 85 5.51 -2.99 -12.13
N THR A 86 6.29 -3.06 -11.06
CA THR A 86 7.14 -1.93 -10.66
C THR A 86 8.38 -2.43 -9.94
N VAL A 87 9.43 -1.62 -9.91
CA VAL A 87 10.64 -1.99 -9.18
C VAL A 87 11.11 -0.79 -8.38
N LEU A 88 11.50 -1.02 -7.12
CA LEU A 88 11.75 0.10 -6.23
C LEU A 88 12.68 -0.30 -5.09
N ALA A 89 13.24 0.72 -4.44
CA ALA A 89 14.01 0.52 -3.23
C ALA A 89 13.13 0.82 -2.01
N LYS A 90 13.30 0.05 -0.94
CA LYS A 90 12.59 0.32 0.30
C LYS A 90 13.57 0.80 1.37
N LYS A 91 13.30 1.99 1.93
CA LYS A 91 14.19 2.55 2.93
C LYS A 91 13.38 3.15 4.08
N THR A 92 13.91 3.05 5.30
CA THR A 92 13.27 3.63 6.46
C THR A 92 14.24 4.57 7.17
N PHE A 93 13.79 5.78 7.52
CA PHE A 93 14.63 6.73 8.23
C PHE A 93 13.89 7.29 9.44
N PRO A 94 14.25 6.96 10.66
CA PRO A 94 13.68 7.66 11.84
C PRO A 94 14.43 8.95 12.14
N VAL A 95 13.75 10.07 11.97
CA VAL A 95 14.36 11.40 12.21
C VAL A 95 13.55 12.18 13.25
N THR A 96 12.81 11.48 14.10
CA THR A 96 12.11 12.12 15.22
C THR A 96 13.07 12.36 16.38
N ASN A 97 12.57 13.02 17.42
CA ASN A 97 13.39 13.38 18.58
C ASN A 97 14.49 14.36 18.16
N ASP A 98 15.58 13.86 17.59
CA ASP A 98 16.60 14.73 17.02
C ASP A 98 15.99 15.68 15.98
N GLY A 99 15.05 15.16 15.20
CA GLY A 99 14.34 15.96 14.20
C GLY A 99 12.85 16.03 14.53
N LEU A 100 12.02 15.53 13.62
CA LEU A 100 10.58 15.58 13.81
C LEU A 100 9.80 14.65 12.87
N VAL A 101 10.50 13.82 12.07
CA VAL A 101 9.81 12.97 11.08
C VAL A 101 10.29 11.52 11.12
N ASN A 102 9.59 10.68 10.37
CA ASN A 102 9.96 9.28 10.21
C ASN A 102 9.22 8.71 9.00
N PHE A 103 9.93 8.10 8.04
CA PHE A 103 9.26 7.63 6.82
C PHE A 103 9.69 6.22 6.43
N LYS A 104 8.77 5.54 5.75
CA LYS A 104 9.12 4.29 5.08
C LYS A 104 8.66 4.46 3.64
N ILE A 105 9.59 4.37 2.69
CA ILE A 105 9.28 4.78 1.32
C ILE A 105 9.54 3.67 0.33
N LYS A 106 8.84 3.76 -0.80
CA LYS A 106 9.12 2.94 -1.96
C LYS A 106 9.49 3.87 -3.10
N GLY A 107 10.72 3.77 -3.58
CA GLY A 107 11.20 4.71 -4.60
C GLY A 107 11.47 3.98 -5.90
N GLY A 108 10.61 4.19 -6.90
CA GLY A 108 10.79 3.49 -8.16
C GLY A 108 9.71 3.81 -9.18
N CYS A 109 9.55 2.92 -10.15
CA CYS A 109 8.67 3.20 -11.30
C CYS A 109 7.74 2.02 -11.55
N ASP A 110 6.52 2.36 -11.96
CA ASP A 110 5.48 1.37 -12.24
C ASP A 110 4.95 1.56 -13.65
N VAL A 111 4.61 0.45 -14.32
CA VAL A 111 3.99 0.51 -15.63
C VAL A 111 2.67 -0.26 -15.61
N ASP A 112 1.68 0.29 -16.29
CA ASP A 112 0.41 -0.38 -16.44
C ASP A 112 0.39 -1.09 -17.78
N GLN A 113 0.23 -2.41 -17.71
CA GLN A 113 0.09 -3.26 -18.88
C GLN A 113 -1.38 -3.30 -19.27
N ASP A 114 -1.67 -2.39 -20.19
CA ASP A 114 -3.03 -2.05 -20.62
C ASP A 114 -2.95 -0.78 -21.49
N PHE A 115 -2.10 0.16 -21.08
CA PHE A 115 -1.81 1.34 -21.87
C PHE A 115 -0.45 1.83 -21.40
N LYS A 116 0.48 2.05 -22.32
CA LYS A 116 1.85 2.40 -21.96
C LYS A 116 1.88 3.61 -21.02
N GLU A 117 1.58 3.38 -19.74
CA GLU A 117 1.61 4.45 -18.75
C GLU A 117 2.70 4.19 -17.72
N TRP A 118 3.61 5.15 -17.54
CA TRP A 118 4.75 4.96 -16.65
C TRP A 118 4.86 6.12 -15.66
N LYS A 119 4.99 5.80 -14.38
CA LYS A 119 5.07 6.83 -13.34
C LYS A 119 6.10 6.47 -12.27
N SER A 120 6.65 7.49 -11.61
CA SER A 120 7.53 7.27 -10.46
C SER A 120 6.75 7.61 -9.19
N ARG A 121 7.10 7.01 -8.05
CA ARG A 121 6.29 7.18 -6.85
C ARG A 121 7.08 7.35 -5.55
N GLY A 122 6.64 8.33 -4.75
CA GLY A 122 6.92 8.43 -3.32
C GLY A 122 5.96 7.51 -2.54
N GLY A 123 6.13 6.23 -2.91
CA GLY A 123 5.26 5.14 -2.49
C GLY A 123 5.53 4.87 -1.03
N ALA A 124 5.00 5.75 -0.21
CA ALA A 124 5.54 5.91 1.12
C ALA A 124 4.47 6.28 2.12
N GLU A 125 4.91 6.31 3.38
CA GLU A 125 4.16 6.96 4.42
C GLU A 125 5.14 7.87 5.16
N PHE A 126 5.00 9.19 4.96
CA PHE A 126 5.95 10.13 5.58
C PHE A 126 5.42 10.79 6.86
N SER A 127 6.08 10.57 8.00
CA SER A 127 5.53 11.02 9.28
C SER A 127 5.92 12.46 9.55
N TRP A 128 4.88 13.29 9.68
CA TRP A 128 5.02 14.72 9.87
C TRP A 128 4.05 15.17 10.97
N ASN A 129 4.35 16.31 11.59
CA ASN A 129 3.62 16.77 12.78
C ASN A 129 2.81 18.04 12.53
N VAL A 130 1.50 17.88 12.38
CA VAL A 130 0.62 19.02 12.19
C VAL A 130 -0.72 18.80 12.90
N PHE A 131 -1.25 19.87 13.47
CA PHE A 131 -2.51 19.81 14.19
C PHE A 131 -2.98 21.22 14.54
N ASN A 132 -2.23 21.89 15.42
CA ASN A 132 -2.51 23.27 15.77
C ASN A 132 -3.95 23.42 16.30
N PHE A 133 -4.36 22.48 17.15
CA PHE A 133 -5.68 22.56 17.78
C PHE A 133 -5.55 22.60 19.30
N GLN A 134 -6.53 23.21 19.96
CA GLN A 134 -6.51 23.34 21.41
C GLN A 134 -6.47 21.97 22.09
N LYS A 135 -7.12 20.97 21.49
CA LYS A 135 -7.16 19.63 22.07
C LYS A 135 -5.77 19.01 22.05
N ASP A 136 -5.46 18.23 23.09
CA ASP A 136 -4.14 17.61 23.19
C ASP A 136 -4.12 16.22 22.55
N GLN A 137 -4.99 15.97 21.58
CA GLN A 137 -5.02 14.67 20.90
C GLN A 137 -3.99 14.65 19.78
N ASP A 138 -2.89 13.96 20.03
CA ASP A 138 -1.80 13.86 19.06
C ASP A 138 -2.21 12.99 17.87
N VAL A 139 -1.86 13.44 16.67
CA VAL A 139 -2.15 12.68 15.46
C VAL A 139 -0.91 12.66 14.56
N ARG A 140 -0.71 11.56 13.85
CA ARG A 140 0.46 11.43 12.97
C ARG A 140 0.01 11.38 11.52
N LEU A 141 0.66 12.13 10.62
CA LEU A 141 0.22 12.22 9.23
C LEU A 141 1.30 11.65 8.29
N ARG A 142 0.84 10.92 7.27
CA ARG A 142 1.71 10.28 6.28
C ARG A 142 0.94 10.20 4.98
N ILE A 143 1.53 10.34 3.75
CA ILE A 143 0.67 10.44 2.59
C ILE A 143 0.84 9.05 2.00
N GLY A 144 -0.26 8.33 1.99
CA GLY A 144 -0.29 7.00 1.41
C GLY A 144 -0.40 7.24 -0.06
N TYR A 145 0.75 7.53 -0.65
CA TYR A 145 0.75 8.15 -1.96
C TYR A 145 1.86 7.68 -2.84
N GLU A 146 1.61 7.89 -4.12
CA GLU A 146 2.64 7.85 -5.12
C GLU A 146 2.82 9.28 -5.57
N ALA A 147 3.89 9.89 -5.08
CA ALA A 147 4.14 11.30 -5.38
C ALA A 147 5.08 11.44 -6.57
N PHE A 148 4.63 12.22 -7.55
CA PHE A 148 5.33 12.52 -8.78
C PHE A 148 4.38 13.25 -9.70
N GLU A 149 3.32 12.55 -10.10
CA GLU A 149 2.24 13.14 -10.88
C GLU A 149 1.13 12.09 -11.08
N GLN A 150 0.51 11.66 -9.97
CA GLN A 150 -0.52 10.63 -10.04
C GLN A 150 -1.67 10.90 -9.06
N VAL A 151 -1.49 10.57 -7.78
CA VAL A 151 -2.57 10.75 -6.81
C VAL A 151 -2.06 10.55 -5.39
N PRO A 152 -2.25 11.48 -4.48
CA PRO A 152 -2.03 11.23 -3.05
C PRO A 152 -3.29 11.00 -2.25
N TYR A 153 -3.25 10.02 -1.36
CA TYR A 153 -4.27 9.87 -0.32
C TYR A 153 -3.56 9.83 1.04
N LEU A 154 -4.19 10.40 2.07
CA LEU A 154 -3.49 10.62 3.34
C LEU A 154 -3.76 9.44 4.23
N GLN A 155 -2.86 9.15 5.16
CA GLN A 155 -3.10 8.13 6.16
C GLN A 155 -2.71 8.72 7.51
N ILE A 156 -3.60 8.59 8.51
CA ILE A 156 -3.28 9.10 9.83
C ILE A 156 -3.53 8.02 10.88
N ARG A 157 -2.80 8.13 11.98
CA ARG A 157 -2.95 7.20 13.09
C ARG A 157 -3.54 7.94 14.29
N GLU A 158 -4.65 7.43 14.81
CA GLU A 158 -5.26 7.98 16.01
C GLU A 158 -5.71 6.85 16.92
N ASN A 159 -5.36 6.94 18.20
CA ASN A 159 -5.70 5.89 19.16
C ASN A 159 -5.07 4.55 18.76
N ASN A 160 -5.72 3.79 17.87
CA ASN A 160 -5.15 2.54 17.38
C ASN A 160 -5.78 2.12 16.05
N TRP A 161 -6.19 3.09 15.23
CA TRP A 161 -6.79 2.79 13.94
C TRP A 161 -6.10 3.62 12.86
N THR A 162 -6.09 3.11 11.63
CA THR A 162 -5.46 3.83 10.52
C THR A 162 -6.53 4.15 9.49
N PHE A 163 -6.66 5.42 9.14
CA PHE A 163 -7.76 5.84 8.27
C PHE A 163 -7.22 6.78 7.20
N ASN A 164 -7.89 6.88 6.05
CA ASN A 164 -7.32 7.60 4.91
C ASN A 164 -8.35 8.38 4.09
N ALA A 165 -7.83 9.33 3.30
CA ALA A 165 -8.65 10.09 2.35
C ALA A 165 -7.93 10.18 1.01
N ASP A 166 -8.67 9.97 -0.07
CA ASP A 166 -8.09 10.10 -1.42
C ASP A 166 -8.84 11.21 -2.15
N TYR A 167 -8.12 11.93 -3.01
CA TYR A 167 -8.69 13.09 -3.70
C TYR A 167 -9.98 12.77 -4.44
N LYS A 168 -10.24 11.48 -4.69
CA LYS A 168 -11.47 11.08 -5.37
C LYS A 168 -12.66 11.01 -4.42
N GLY A 169 -12.55 11.59 -3.22
CA GLY A 169 -13.61 11.51 -2.23
C GLY A 169 -13.74 10.09 -1.68
N ARG A 170 -12.62 9.37 -1.58
CA ARG A 170 -12.67 7.99 -1.07
C ARG A 170 -12.00 7.91 0.29
N TRP A 171 -12.55 7.11 1.20
CA TRP A 171 -11.94 6.98 2.53
C TRP A 171 -12.03 5.54 3.03
N ASN A 172 -11.20 5.22 4.03
CA ASN A 172 -11.07 3.84 4.48
C ASN A 172 -10.53 3.76 5.90
N VAL A 173 -10.65 2.57 6.49
CA VAL A 173 -9.97 2.24 7.74
C VAL A 173 -9.19 0.93 7.53
N ARG A 174 -8.09 0.81 8.28
CA ARG A 174 -7.33 -0.42 8.29
C ARG A 174 -7.09 -0.81 9.74
N TYR A 175 -7.48 -2.02 10.10
CA TYR A 175 -7.35 -2.46 11.48
C TYR A 175 -6.99 -3.95 11.52
N ASP A 176 -5.96 -4.29 12.29
CA ASP A 176 -5.46 -5.65 12.34
C ASP A 176 -6.40 -6.55 13.13
N LEU A 177 -6.51 -7.82 12.72
CA LEU A 177 -7.38 -8.76 13.41
C LEU A 177 -6.59 -9.59 14.41
N MET A 1 0.22 -16.80 8.53
CA MET A 1 -0.80 -16.05 7.74
C MET A 1 -1.37 -14.92 8.60
N GLU A 2 -1.40 -13.72 8.04
CA GLU A 2 -1.93 -12.55 8.75
C GLU A 2 -3.14 -12.00 8.03
N THR A 3 -4.14 -11.53 8.77
CA THR A 3 -5.37 -11.02 8.16
C THR A 3 -5.63 -9.58 8.60
N SER A 4 -6.04 -8.74 7.65
CA SER A 4 -6.33 -7.36 7.95
C SER A 4 -7.61 -6.93 7.24
N LEU A 5 -8.36 -6.03 7.87
CA LEU A 5 -9.60 -5.54 7.29
C LEU A 5 -9.34 -4.22 6.60
N ARG A 6 -9.96 -4.04 5.43
CA ARG A 6 -9.86 -2.78 4.70
C ARG A 6 -11.27 -2.27 4.42
N TYR A 7 -11.58 -1.09 4.92
CA TYR A 7 -12.87 -0.47 4.72
C TYR A 7 -12.77 0.59 3.62
N GLY A 8 -13.80 0.67 2.80
CA GLY A 8 -13.96 1.77 1.86
C GLY A 8 -15.20 2.58 2.23
N GLY A 9 -15.03 3.89 2.38
CA GLY A 9 -16.12 4.73 2.87
C GLY A 9 -16.80 5.48 1.73
N ASP A 10 -17.99 5.00 1.37
CA ASP A 10 -18.79 5.58 0.31
C ASP A 10 -20.08 4.77 0.16
N SER A 11 -19.93 3.45 0.16
CA SER A 11 -21.06 2.52 0.12
C SER A 11 -20.67 1.24 0.83
N LYS A 12 -21.57 0.25 0.84
CA LYS A 12 -21.26 -1.04 1.47
C LYS A 12 -20.01 -1.64 0.84
N ALA A 13 -18.88 -1.46 1.50
CA ALA A 13 -17.60 -1.86 0.92
C ALA A 13 -16.63 -2.35 2.00
N LEU A 14 -16.67 -3.66 2.28
CA LEU A 14 -15.74 -4.26 3.23
C LEU A 14 -14.97 -5.39 2.54
N LYS A 15 -13.65 -5.38 2.69
CA LYS A 15 -12.81 -6.38 2.04
C LYS A 15 -11.79 -6.94 3.02
N ILE A 16 -11.38 -8.20 2.81
CA ILE A 16 -10.35 -8.82 3.63
C ILE A 16 -9.09 -9.03 2.79
N HIS A 17 -7.96 -8.60 3.34
CA HIS A 17 -6.67 -8.81 2.69
C HIS A 17 -5.77 -9.58 3.65
N ALA A 18 -5.25 -10.72 3.21
CA ALA A 18 -4.42 -11.55 4.06
C ALA A 18 -3.12 -11.91 3.35
N LYS A 19 -2.03 -11.99 4.10
CA LYS A 19 -0.70 -12.13 3.51
C LYS A 19 -0.07 -13.47 3.86
N GLU A 20 0.71 -14.00 2.91
CA GLU A 20 1.43 -15.25 3.12
C GLU A 20 2.91 -15.05 2.78
N LYS A 21 3.79 -15.75 3.49
CA LYS A 21 5.23 -15.59 3.30
C LYS A 21 5.88 -16.90 2.85
N LEU A 22 6.84 -16.82 1.93
CA LEU A 22 7.54 -18.01 1.47
C LEU A 22 9.04 -17.72 1.38
N ARG A 23 9.88 -18.63 1.88
CA ARG A 23 11.32 -18.39 1.90
C ARG A 23 11.96 -18.94 0.63
N ILE A 24 12.33 -18.04 -0.29
CA ILE A 24 12.92 -18.45 -1.54
C ILE A 24 14.41 -18.77 -1.35
N ASP A 25 15.09 -17.91 -0.60
CA ASP A 25 16.51 -18.08 -0.35
C ASP A 25 16.88 -17.42 0.97
N THR A 26 18.16 -17.51 1.34
CA THR A 26 18.62 -16.94 2.61
C THR A 26 18.24 -15.46 2.72
N ASN A 27 18.30 -14.74 1.61
CA ASN A 27 18.03 -13.31 1.61
C ASN A 27 16.94 -12.91 0.60
N THR A 28 16.05 -13.83 0.27
CA THR A 28 14.96 -13.52 -0.66
C THR A 28 13.62 -13.91 -0.07
N PHE A 29 12.70 -12.95 0.02
CA PHE A 29 11.41 -13.19 0.65
C PHE A 29 10.27 -13.05 -0.35
N PHE A 30 9.27 -13.93 -0.23
CA PHE A 30 8.06 -13.83 -1.02
C PHE A 30 6.96 -13.31 -0.09
N GLN A 31 6.26 -12.25 -0.49
CA GLN A 31 5.18 -11.72 0.33
C GLN A 31 4.04 -11.30 -0.57
N VAL A 32 2.90 -11.98 -0.48
CA VAL A 32 1.81 -11.72 -1.40
C VAL A 32 0.49 -11.67 -0.64
N ARG A 33 -0.53 -11.04 -1.21
CA ARG A 33 -1.79 -10.84 -0.51
C ARG A 33 -2.97 -11.18 -1.40
N GLY A 34 -3.99 -11.78 -0.80
CA GLY A 34 -5.22 -12.08 -1.49
C GLY A 34 -6.35 -11.23 -0.92
N GLY A 35 -7.01 -10.50 -1.80
CA GLY A 35 -8.15 -9.67 -1.40
C GLY A 35 -9.46 -10.37 -1.76
N LEU A 36 -10.21 -10.76 -0.75
CA LEU A 36 -11.44 -11.51 -0.93
C LEU A 36 -12.61 -10.54 -0.82
N ASP A 37 -13.52 -10.57 -1.80
CA ASP A 37 -14.67 -9.67 -1.76
C ASP A 37 -15.68 -10.17 -0.74
N THR A 38 -15.84 -9.41 0.35
CA THR A 38 -16.72 -9.83 1.45
C THR A 38 -18.14 -10.09 0.96
N LYS A 39 -18.58 -9.34 -0.04
CA LYS A 39 -19.95 -9.46 -0.55
C LYS A 39 -20.30 -10.91 -0.89
N THR A 40 -19.31 -11.73 -1.25
CA THR A 40 -19.58 -13.09 -1.70
C THR A 40 -18.74 -14.11 -0.92
N GLY A 41 -17.43 -13.94 -0.97
CA GLY A 41 -16.52 -14.91 -0.36
C GLY A 41 -15.66 -15.57 -1.45
N GLN A 42 -15.16 -14.75 -2.36
CA GLN A 42 -14.38 -15.21 -3.49
C GLN A 42 -13.21 -14.25 -3.71
N PRO A 43 -12.30 -14.51 -4.61
CA PRO A 43 -11.21 -13.55 -4.94
C PRO A 43 -11.74 -12.12 -5.15
N SER A 44 -10.83 -11.18 -5.28
CA SER A 44 -11.15 -9.84 -5.73
C SER A 44 -9.97 -9.25 -6.49
N SER A 45 -8.80 -9.29 -5.85
CA SER A 45 -7.57 -8.82 -6.47
C SER A 45 -6.36 -9.51 -5.83
N GLY A 46 -5.23 -9.55 -6.52
CA GLY A 46 -4.04 -10.18 -5.95
C GLY A 46 -2.80 -9.31 -6.13
N SER A 47 -1.85 -9.40 -5.20
CA SER A 47 -0.61 -8.65 -5.33
C SER A 47 0.55 -9.45 -4.75
N ALA A 48 1.76 -9.18 -5.21
CA ALA A 48 2.93 -9.93 -4.71
C ALA A 48 4.16 -9.04 -4.61
N LEU A 49 5.08 -9.40 -3.72
CA LEU A 49 6.29 -8.60 -3.52
C LEU A 49 7.52 -9.51 -3.39
N ILE A 50 8.58 -9.16 -4.12
CA ILE A 50 9.86 -9.86 -3.99
C ILE A 50 10.87 -8.92 -3.34
N ARG A 51 11.50 -9.34 -2.24
CA ARG A 51 12.39 -8.43 -1.50
C ARG A 51 13.79 -9.02 -1.32
N HIS A 52 14.80 -8.16 -1.44
CA HIS A 52 16.17 -8.53 -1.12
C HIS A 52 16.83 -7.37 -0.37
N PHE A 53 17.44 -7.65 0.79
CA PHE A 53 17.95 -6.57 1.64
C PHE A 53 19.47 -6.55 1.69
N TYR A 54 20.03 -5.36 1.95
CA TYR A 54 21.46 -5.20 2.11
C TYR A 54 21.75 -4.77 3.56
N PRO A 55 22.82 -5.23 4.16
CA PRO A 55 23.06 -4.98 5.62
C PRO A 55 23.62 -3.59 5.90
N ASN A 56 24.88 -3.36 5.52
CA ASN A 56 25.51 -2.06 5.78
C ASN A 56 24.68 -0.93 5.20
N PHE A 57 24.34 -1.05 3.92
CA PHE A 57 23.40 -0.13 3.31
C PHE A 57 21.99 -0.59 3.63
N SER A 58 21.57 -0.34 4.87
CA SER A 58 20.27 -0.80 5.36
C SER A 58 19.15 -0.40 4.41
N ALA A 59 18.76 -1.32 3.54
CA ALA A 59 17.70 -1.03 2.58
C ALA A 59 17.26 -2.30 1.87
N THR A 60 16.15 -2.21 1.13
CA THR A 60 15.63 -3.37 0.40
C THR A 60 15.30 -2.99 -1.04
N LEU A 61 15.59 -3.89 -1.98
CA LEU A 61 15.25 -3.67 -3.38
C LEU A 61 14.27 -4.76 -3.77
N GLY A 62 13.22 -4.42 -4.52
CA GLY A 62 12.20 -5.42 -4.82
C GLY A 62 11.26 -4.95 -5.92
N VAL A 63 10.35 -5.83 -6.31
CA VAL A 63 9.33 -5.47 -7.30
C VAL A 63 7.96 -5.84 -6.73
N GLY A 64 6.93 -5.12 -7.16
CA GLY A 64 5.56 -5.40 -6.75
C GLY A 64 4.67 -5.48 -7.98
N VAL A 65 3.71 -6.41 -7.97
CA VAL A 65 2.78 -6.51 -9.09
C VAL A 65 1.35 -6.69 -8.58
N ARG A 66 0.39 -6.46 -9.47
CA ARG A 66 -1.02 -6.58 -9.14
C ARG A 66 -1.77 -7.24 -10.28
N TYR A 67 -2.67 -8.15 -9.94
CA TYR A 67 -3.46 -8.87 -10.93
C TYR A 67 -4.91 -8.39 -10.90
N ASP A 68 -5.36 -7.86 -12.03
CA ASP A 68 -6.77 -7.54 -12.23
C ASP A 68 -7.37 -8.56 -13.20
N LYS A 69 -8.57 -9.02 -12.89
CA LYS A 69 -9.14 -10.18 -13.58
C LYS A 69 -10.11 -9.77 -14.68
N GLN A 70 -10.32 -10.67 -15.63
CA GLN A 70 -11.29 -10.45 -16.70
C GLN A 70 -12.72 -10.32 -16.15
N ASP A 71 -13.01 -11.03 -15.06
CA ASP A 71 -14.35 -11.04 -14.49
C ASP A 71 -14.92 -9.63 -14.32
N SER A 72 -14.05 -8.67 -14.01
CA SER A 72 -14.45 -7.27 -13.87
C SER A 72 -15.44 -7.09 -12.72
N VAL A 73 -15.25 -6.00 -11.98
CA VAL A 73 -16.14 -5.68 -10.87
C VAL A 73 -17.55 -5.38 -11.38
N GLY A 74 -17.64 -4.67 -12.49
CA GLY A 74 -18.94 -4.30 -13.05
C GLY A 74 -18.95 -4.47 -14.57
N VAL A 75 -20.14 -4.40 -15.16
CA VAL A 75 -20.30 -4.57 -16.59
C VAL A 75 -19.59 -3.44 -17.35
N ARG A 76 -19.66 -2.23 -16.81
CA ARG A 76 -19.06 -1.07 -17.48
C ARG A 76 -18.33 -0.17 -16.48
N TYR A 77 -17.62 0.82 -17.01
CA TYR A 77 -16.84 1.72 -16.18
C TYR A 77 -15.75 0.96 -15.41
N ALA A 78 -15.16 -0.04 -16.06
CA ALA A 78 -14.12 -0.84 -15.44
C ALA A 78 -13.57 -1.86 -16.44
N LYS A 79 -12.55 -1.46 -17.19
CA LYS A 79 -11.98 -2.35 -18.20
C LYS A 79 -11.43 -3.62 -17.57
N ASN A 80 -10.75 -3.47 -16.42
CA ASN A 80 -10.17 -4.63 -15.73
C ASN A 80 -9.28 -5.43 -16.67
N ASP A 81 -8.88 -6.64 -16.26
CA ASP A 81 -7.95 -7.44 -17.07
C ASP A 81 -6.69 -6.64 -17.39
N LYS A 82 -5.78 -6.57 -16.42
CA LYS A 82 -4.61 -5.71 -16.52
C LYS A 82 -3.56 -6.20 -15.53
N LEU A 83 -2.31 -6.22 -15.96
CA LEU A 83 -1.20 -6.49 -15.05
C LEU A 83 -0.39 -5.22 -14.86
N ARG A 84 -0.04 -4.92 -13.62
CA ARG A 84 0.86 -3.80 -13.32
C ARG A 84 2.06 -4.33 -12.56
N TYR A 85 3.25 -3.80 -12.86
CA TYR A 85 4.45 -4.21 -12.12
C TYR A 85 5.42 -3.05 -11.98
N THR A 86 6.13 -3.04 -10.85
CA THR A 86 6.91 -1.87 -10.43
C THR A 86 8.17 -2.35 -9.72
N VAL A 87 9.27 -1.60 -9.82
CA VAL A 87 10.49 -1.95 -9.09
C VAL A 87 11.02 -0.71 -8.39
N LEU A 88 11.46 -0.87 -7.14
CA LEU A 88 11.75 0.30 -6.32
C LEU A 88 12.75 -0.02 -5.21
N ALA A 89 13.34 1.03 -4.66
CA ALA A 89 14.19 0.91 -3.48
C ALA A 89 13.37 1.22 -2.23
N LYS A 90 13.69 0.55 -1.12
CA LYS A 90 13.00 0.80 0.14
C LYS A 90 13.98 1.39 1.15
N LYS A 91 13.69 2.61 1.61
CA LYS A 91 14.57 3.30 2.55
C LYS A 91 13.79 3.71 3.78
N THR A 92 14.43 3.60 4.95
CA THR A 92 13.80 3.99 6.21
C THR A 92 14.72 4.93 6.98
N PHE A 93 14.18 6.01 7.53
CA PHE A 93 14.99 6.94 8.31
C PHE A 93 14.17 7.48 9.49
N PRO A 94 14.48 7.14 10.72
CA PRO A 94 13.83 7.80 11.89
C PRO A 94 14.57 9.09 12.25
N VAL A 95 13.90 10.23 12.07
CA VAL A 95 14.48 11.54 12.35
C VAL A 95 13.64 12.31 13.38
N THR A 96 12.86 11.59 14.19
CA THR A 96 12.07 12.22 15.24
C THR A 96 12.91 12.54 16.46
N ASN A 97 13.73 11.59 16.91
CA ASN A 97 14.59 11.82 18.06
C ASN A 97 15.58 12.93 17.75
N ASP A 98 16.23 12.82 16.60
CA ASP A 98 17.13 13.87 16.13
C ASP A 98 16.34 15.13 15.73
N GLY A 99 15.16 14.93 15.16
CA GLY A 99 14.36 16.05 14.68
C GLY A 99 12.88 15.90 15.07
N LEU A 100 12.05 15.54 14.10
CA LEU A 100 10.61 15.47 14.34
C LEU A 100 9.87 14.61 13.31
N VAL A 101 10.58 13.88 12.45
CA VAL A 101 9.92 13.08 11.40
C VAL A 101 10.49 11.66 11.32
N ASN A 102 9.81 10.82 10.56
CA ASN A 102 10.29 9.46 10.28
C ASN A 102 9.54 8.90 9.09
N PHE A 103 10.23 8.24 8.16
CA PHE A 103 9.56 7.78 6.93
C PHE A 103 10.05 6.42 6.47
N LYS A 104 9.19 5.76 5.69
CA LYS A 104 9.57 4.55 4.98
C LYS A 104 9.03 4.70 3.57
N ILE A 105 9.91 4.68 2.56
CA ILE A 105 9.50 5.08 1.22
C ILE A 105 9.82 4.03 0.19
N LYS A 106 9.05 4.07 -0.89
CA LYS A 106 9.29 3.24 -2.05
C LYS A 106 9.57 4.15 -3.24
N GLY A 107 10.78 4.06 -3.79
CA GLY A 107 11.18 4.98 -4.84
C GLY A 107 11.45 4.21 -6.12
N GLY A 108 10.55 4.32 -7.09
CA GLY A 108 10.73 3.57 -8.33
C GLY A 108 9.66 3.87 -9.36
N CYS A 109 9.45 2.93 -10.28
CA CYS A 109 8.57 3.17 -11.43
C CYS A 109 7.65 1.99 -11.67
N ASP A 110 6.40 2.30 -12.02
CA ASP A 110 5.42 1.28 -12.32
C ASP A 110 5.04 1.36 -13.79
N VAL A 111 4.66 0.24 -14.38
CA VAL A 111 4.16 0.25 -15.75
C VAL A 111 2.84 -0.53 -15.82
N ASP A 112 1.90 0.03 -16.57
CA ASP A 112 0.66 -0.67 -16.83
C ASP A 112 0.84 -1.55 -18.04
N GLN A 113 0.70 -2.86 -17.83
CA GLN A 113 0.80 -3.86 -18.88
C GLN A 113 -0.56 -4.00 -19.54
N ASP A 114 -0.70 -3.20 -20.59
CA ASP A 114 -1.94 -2.95 -21.30
C ASP A 114 -1.70 -1.77 -22.25
N PHE A 115 -1.06 -0.73 -21.71
CA PHE A 115 -0.56 0.38 -22.51
C PHE A 115 0.74 0.83 -21.86
N LYS A 116 1.85 0.75 -22.58
CA LYS A 116 3.15 1.08 -22.01
C LYS A 116 3.17 2.45 -21.34
N GLU A 117 2.49 2.55 -20.19
CA GLU A 117 2.41 3.81 -19.47
C GLU A 117 3.23 3.73 -18.18
N TRP A 118 4.21 4.62 -18.03
CA TRP A 118 5.16 4.52 -16.91
C TRP A 118 5.07 5.73 -15.99
N LYS A 119 5.02 5.49 -14.68
CA LYS A 119 4.94 6.57 -13.70
C LYS A 119 5.81 6.27 -12.48
N SER A 120 6.42 7.31 -11.90
CA SER A 120 7.20 7.12 -10.67
C SER A 120 6.27 7.08 -9.46
N ARG A 121 6.80 6.67 -8.30
CA ARG A 121 5.99 6.64 -7.08
C ARG A 121 6.75 7.14 -5.85
N GLY A 122 6.14 8.17 -5.21
CA GLY A 122 6.44 8.55 -3.82
C GLY A 122 5.69 7.64 -2.85
N GLY A 123 6.05 6.36 -3.00
CA GLY A 123 5.33 5.22 -2.42
C GLY A 123 5.70 5.12 -0.97
N ALA A 124 5.19 6.05 -0.18
CA ALA A 124 5.81 6.32 1.11
C ALA A 124 4.81 6.66 2.19
N GLU A 125 5.31 6.55 3.41
CA GLU A 125 4.66 7.06 4.58
C GLU A 125 5.60 8.07 5.20
N PHE A 126 5.28 9.35 5.10
CA PHE A 126 6.11 10.38 5.74
C PHE A 126 5.52 10.88 7.06
N SER A 127 6.23 10.66 8.17
CA SER A 127 5.68 11.03 9.48
C SER A 127 6.06 12.45 9.82
N TRP A 128 5.05 13.31 9.87
CA TRP A 128 5.25 14.72 10.16
C TRP A 128 4.27 15.18 11.25
N ASN A 129 4.61 16.26 11.93
CA ASN A 129 3.82 16.74 13.07
C ASN A 129 3.09 18.02 12.74
N VAL A 130 1.91 18.20 13.32
CA VAL A 130 1.10 19.39 13.04
C VAL A 130 0.60 19.99 14.35
N PHE A 131 0.79 21.31 14.50
CA PHE A 131 0.38 22.00 15.72
C PHE A 131 -1.13 22.19 15.79
N ASN A 132 -1.79 22.30 14.63
CA ASN A 132 -3.23 22.53 14.61
C ASN A 132 -3.99 21.21 14.71
N PHE A 133 -4.58 20.96 15.86
CA PHE A 133 -5.35 19.75 16.09
C PHE A 133 -6.60 20.03 16.91
N GLN A 134 -7.60 19.16 16.78
CA GLN A 134 -8.84 19.32 17.53
C GLN A 134 -8.84 18.44 18.78
N LYS A 135 -8.53 17.16 18.60
CA LYS A 135 -8.54 16.21 19.71
C LYS A 135 -7.24 16.31 20.51
N ASP A 136 -7.33 15.96 21.80
CA ASP A 136 -6.18 16.06 22.69
C ASP A 136 -5.32 14.79 22.63
N GLN A 137 -5.33 14.08 21.49
CA GLN A 137 -4.53 12.88 21.34
C GLN A 137 -3.56 13.07 20.17
N ASP A 138 -2.29 12.75 20.42
CA ASP A 138 -1.26 12.91 19.42
C ASP A 138 -1.57 12.07 18.18
N VAL A 139 -1.34 12.67 17.01
CA VAL A 139 -1.58 11.97 15.75
C VAL A 139 -0.41 12.21 14.79
N ARG A 140 -0.12 11.22 13.94
CA ARG A 140 0.97 11.36 12.97
C ARG A 140 0.40 11.43 11.56
N LEU A 141 0.92 12.34 10.73
CA LEU A 141 0.37 12.58 9.40
C LEU A 141 1.41 12.23 8.31
N ARG A 142 0.91 11.65 7.21
CA ARG A 142 1.74 11.24 6.07
C ARG A 142 0.92 11.26 4.80
N ILE A 143 1.51 11.07 3.60
CA ILE A 143 0.69 10.88 2.43
C ILE A 143 0.94 9.41 2.16
N GLY A 144 -0.13 8.64 2.27
CA GLY A 144 -0.10 7.25 1.88
C GLY A 144 -0.32 7.27 0.39
N TYR A 145 0.76 7.54 -0.33
CA TYR A 145 0.63 7.98 -1.71
C TYR A 145 1.61 7.33 -2.64
N GLU A 146 1.20 7.35 -3.89
CA GLU A 146 2.09 7.10 -5.00
C GLU A 146 2.10 8.39 -5.79
N ALA A 147 3.18 9.17 -5.64
CA ALA A 147 3.22 10.48 -6.30
C ALA A 147 3.93 10.42 -7.64
N PHE A 148 3.15 10.72 -8.68
CA PHE A 148 3.61 11.03 -10.02
C PHE A 148 2.37 11.29 -10.89
N GLU A 149 1.64 12.35 -10.55
CA GLU A 149 0.36 12.63 -11.19
C GLU A 149 -0.59 11.42 -11.10
N GLN A 150 -0.51 10.67 -10.00
CA GLN A 150 -1.34 9.47 -9.83
C GLN A 150 -2.45 9.71 -8.80
N VAL A 151 -2.15 9.56 -7.50
CA VAL A 151 -3.16 9.79 -6.47
C VAL A 151 -2.52 9.71 -5.08
N PRO A 152 -2.54 10.77 -4.30
CA PRO A 152 -2.20 10.66 -2.86
C PRO A 152 -3.42 10.66 -1.94
N TYR A 153 -3.41 9.79 -0.94
CA TYR A 153 -4.41 9.85 0.13
C TYR A 153 -3.69 10.12 1.46
N LEU A 154 -4.33 10.90 2.33
CA LEU A 154 -3.67 11.39 3.53
C LEU A 154 -3.98 10.44 4.67
N GLN A 155 -2.95 9.93 5.31
CA GLN A 155 -3.12 8.78 6.20
C GLN A 155 -2.60 9.16 7.57
N ILE A 156 -3.30 8.74 8.62
CA ILE A 156 -2.87 9.05 9.98
C ILE A 156 -2.96 7.82 10.87
N ARG A 157 -2.16 7.84 11.91
CA ARG A 157 -2.21 6.79 12.93
C ARG A 157 -2.74 7.40 14.22
N GLU A 158 -3.82 6.80 14.74
CA GLU A 158 -4.41 7.28 15.99
C GLU A 158 -4.81 6.08 16.85
N ASN A 159 -4.32 6.06 18.09
CA ASN A 159 -4.59 4.96 19.01
C ASN A 159 -4.14 3.62 18.40
N ASN A 160 -5.00 2.95 17.63
CA ASN A 160 -4.61 1.69 16.99
C ASN A 160 -5.38 1.49 15.67
N TRP A 161 -5.72 2.58 14.99
CA TRP A 161 -6.43 2.49 13.71
C TRP A 161 -5.68 3.28 12.65
N THR A 162 -5.72 2.83 11.40
CA THR A 162 -5.01 3.51 10.34
C THR A 162 -6.03 3.96 9.31
N PHE A 163 -6.15 5.27 9.09
CA PHE A 163 -7.28 5.79 8.31
C PHE A 163 -6.79 6.88 7.35
N ASN A 164 -7.54 7.13 6.28
CA ASN A 164 -7.13 8.15 5.33
C ASN A 164 -8.25 8.71 4.47
N ALA A 165 -7.90 9.77 3.73
CA ALA A 165 -8.81 10.36 2.74
C ALA A 165 -8.17 10.30 1.36
N ASP A 166 -8.97 9.94 0.35
CA ASP A 166 -8.47 9.90 -1.01
C ASP A 166 -9.14 11.01 -1.81
N TYR A 167 -8.42 11.57 -2.78
CA TYR A 167 -8.94 12.67 -3.59
C TYR A 167 -10.28 12.35 -4.27
N LYS A 168 -10.63 11.07 -4.33
CA LYS A 168 -11.91 10.66 -4.90
C LYS A 168 -13.07 10.81 -3.91
N GLY A 169 -12.86 11.53 -2.81
CA GLY A 169 -13.86 11.64 -1.76
C GLY A 169 -14.09 10.30 -1.08
N ARG A 170 -13.03 9.49 -0.94
CA ARG A 170 -13.19 8.16 -0.35
C ARG A 170 -12.48 8.06 1.00
N TRP A 171 -13.14 7.42 1.96
CA TRP A 171 -12.55 7.21 3.28
C TRP A 171 -12.07 5.77 3.39
N ASN A 172 -11.00 5.54 4.15
CA ASN A 172 -10.46 4.18 4.28
C ASN A 172 -10.00 3.90 5.70
N VAL A 173 -10.15 2.64 6.13
CA VAL A 173 -9.57 2.17 7.39
C VAL A 173 -8.77 0.88 7.14
N ARG A 174 -7.71 0.72 7.90
CA ARG A 174 -6.95 -0.53 7.90
C ARG A 174 -6.71 -0.93 9.35
N TYR A 175 -7.10 -2.15 9.70
CA TYR A 175 -6.93 -2.63 11.06
C TYR A 175 -6.59 -4.12 11.05
N ASP A 176 -5.53 -4.49 11.76
CA ASP A 176 -5.06 -5.88 11.73
C ASP A 176 -5.67 -6.68 12.88
N LEU A 177 -5.75 -8.00 12.69
CA LEU A 177 -6.28 -8.88 13.72
C LEU A 177 -5.17 -9.40 14.61
N MET A 1 -0.18 -15.26 6.97
CA MET A 1 0.47 -15.15 8.31
C MET A 1 -0.18 -14.01 9.09
N GLU A 2 -0.44 -12.89 8.41
CA GLU A 2 -1.06 -11.75 9.06
C GLU A 2 -2.33 -11.35 8.32
N THR A 3 -3.33 -10.88 9.05
CA THR A 3 -4.61 -10.52 8.44
C THR A 3 -4.94 -9.07 8.78
N SER A 4 -5.45 -8.33 7.80
CA SER A 4 -5.79 -6.93 8.03
C SER A 4 -7.10 -6.60 7.33
N LEU A 5 -7.85 -5.68 7.92
CA LEU A 5 -9.08 -5.23 7.31
C LEU A 5 -8.83 -3.90 6.64
N ARG A 6 -9.42 -3.71 5.46
CA ARG A 6 -9.37 -2.41 4.81
C ARG A 6 -10.77 -1.99 4.40
N TYR A 7 -11.14 -0.78 4.82
CA TYR A 7 -12.39 -0.16 4.41
C TYR A 7 -12.05 0.85 3.32
N GLY A 8 -12.89 0.98 2.31
CA GLY A 8 -12.62 1.93 1.24
C GLY A 8 -13.83 2.18 0.35
N GLY A 9 -14.21 3.45 0.20
CA GLY A 9 -15.26 3.81 -0.75
C GLY A 9 -16.00 5.06 -0.32
N ASP A 10 -16.94 5.49 -1.15
CA ASP A 10 -17.85 6.57 -0.78
C ASP A 10 -18.84 6.08 0.29
N SER A 11 -19.32 4.85 0.10
CA SER A 11 -20.23 4.23 1.06
C SER A 11 -19.52 3.06 1.75
N LYS A 12 -20.10 2.58 2.84
CA LYS A 12 -19.47 1.51 3.62
C LYS A 12 -19.22 0.29 2.73
N ALA A 13 -17.99 -0.19 2.76
CA ALA A 13 -17.60 -1.38 2.00
C ALA A 13 -16.32 -1.97 2.56
N LEU A 14 -16.41 -3.20 3.05
CA LEU A 14 -15.29 -3.83 3.75
C LEU A 14 -14.63 -4.93 2.92
N LYS A 15 -13.31 -5.04 3.05
CA LYS A 15 -12.55 -6.07 2.37
C LYS A 15 -11.51 -6.66 3.31
N ILE A 16 -11.19 -7.95 3.13
CA ILE A 16 -10.15 -8.60 3.92
C ILE A 16 -8.94 -8.90 3.04
N HIS A 17 -7.76 -8.59 3.57
CA HIS A 17 -6.52 -8.89 2.86
C HIS A 17 -5.50 -9.43 3.86
N ALA A 18 -4.76 -10.47 3.47
CA ALA A 18 -3.79 -11.08 4.38
C ALA A 18 -2.53 -11.47 3.61
N LYS A 19 -1.40 -11.53 4.30
CA LYS A 19 -0.11 -11.70 3.63
C LYS A 19 0.64 -12.92 4.15
N GLU A 20 1.46 -13.51 3.27
CA GLU A 20 2.24 -14.69 3.62
C GLU A 20 3.69 -14.50 3.20
N LYS A 21 4.60 -15.23 3.85
CA LYS A 21 6.03 -15.11 3.56
C LYS A 21 6.64 -16.47 3.24
N LEU A 22 7.46 -16.54 2.19
CA LEU A 22 8.08 -17.80 1.81
C LEU A 22 9.56 -17.60 1.54
N ARG A 23 10.39 -18.54 1.97
CA ARG A 23 11.82 -18.44 1.71
C ARG A 23 12.17 -19.12 0.39
N ILE A 24 12.70 -18.33 -0.55
CA ILE A 24 13.09 -18.87 -1.85
C ILE A 24 14.55 -19.30 -1.80
N ASP A 25 15.41 -18.33 -1.51
CA ASP A 25 16.84 -18.59 -1.36
C ASP A 25 17.33 -17.94 -0.07
N THR A 26 18.63 -18.08 0.19
CA THR A 26 19.21 -17.52 1.42
C THR A 26 18.94 -16.03 1.52
N ASN A 27 18.96 -15.33 0.38
CA ASN A 27 18.79 -13.88 0.37
C ASN A 27 17.58 -13.42 -0.46
N THR A 28 16.63 -14.32 -0.72
CA THR A 28 15.45 -13.95 -1.51
C THR A 28 14.17 -14.24 -0.73
N PHE A 29 13.30 -13.24 -0.61
CA PHE A 29 12.06 -13.40 0.15
C PHE A 29 10.84 -13.24 -0.75
N PHE A 30 9.82 -14.05 -0.47
CA PHE A 30 8.54 -13.97 -1.16
C PHE A 30 7.55 -13.31 -0.21
N GLN A 31 6.90 -12.22 -0.63
CA GLN A 31 5.92 -11.57 0.22
C GLN A 31 4.71 -11.18 -0.62
N VAL A 32 3.57 -11.80 -0.36
CA VAL A 32 2.42 -11.61 -1.26
C VAL A 32 1.14 -11.44 -0.44
N ARG A 33 0.14 -10.80 -1.06
CA ARG A 33 -1.09 -10.47 -0.37
C ARG A 33 -2.28 -10.91 -1.21
N GLY A 34 -3.28 -11.49 -0.55
CA GLY A 34 -4.49 -11.92 -1.24
C GLY A 34 -5.71 -11.48 -0.44
N GLY A 35 -6.68 -10.88 -1.11
CA GLY A 35 -7.87 -10.39 -0.42
C GLY A 35 -9.14 -10.75 -1.18
N LEU A 36 -10.24 -10.78 -0.43
CA LEU A 36 -11.54 -11.18 -0.97
C LEU A 36 -12.60 -10.14 -0.60
N ASP A 37 -13.49 -9.84 -1.56
CA ASP A 37 -14.50 -8.80 -1.38
C ASP A 37 -15.89 -9.30 -1.74
N THR A 38 -16.88 -8.43 -1.57
CA THR A 38 -18.24 -8.73 -2.04
C THR A 38 -18.79 -9.98 -1.38
N LYS A 39 -19.70 -9.79 -0.43
CA LYS A 39 -20.29 -10.92 0.30
C LYS A 39 -19.22 -11.73 1.05
N THR A 40 -18.02 -11.18 1.23
CA THR A 40 -16.98 -11.82 2.03
C THR A 40 -16.75 -13.25 1.57
N GLY A 41 -16.55 -13.40 0.26
CA GLY A 41 -16.35 -14.73 -0.32
C GLY A 41 -16.25 -14.68 -1.84
N GLN A 42 -15.82 -13.56 -2.41
CA GLN A 42 -15.56 -13.48 -3.84
C GLN A 42 -14.16 -12.92 -4.07
N PRO A 43 -13.57 -13.07 -5.24
CA PRO A 43 -12.23 -12.47 -5.51
C PRO A 43 -12.18 -11.00 -5.10
N SER A 44 -10.98 -10.43 -5.03
CA SER A 44 -10.85 -8.98 -4.90
C SER A 44 -9.57 -8.51 -5.60
N SER A 45 -8.42 -9.04 -5.19
CA SER A 45 -7.15 -8.65 -5.80
C SER A 45 -5.99 -9.48 -5.24
N GLY A 46 -4.91 -9.58 -6.00
CA GLY A 46 -3.70 -10.25 -5.51
C GLY A 46 -2.45 -9.45 -5.86
N SER A 47 -1.41 -9.56 -5.04
CA SER A 47 -0.16 -8.87 -5.31
C SER A 47 1.01 -9.66 -4.75
N ALA A 48 2.21 -9.46 -5.30
CA ALA A 48 3.38 -10.19 -4.81
C ALA A 48 4.64 -9.35 -4.89
N LEU A 49 5.61 -9.65 -4.02
CA LEU A 49 6.87 -8.93 -4.00
C LEU A 49 8.07 -9.88 -3.93
N ILE A 50 9.09 -9.59 -4.72
CA ILE A 50 10.38 -10.29 -4.63
C ILE A 50 11.41 -9.32 -4.08
N ARG A 51 12.08 -9.67 -2.97
CA ARG A 51 12.95 -8.71 -2.29
C ARG A 51 14.34 -9.27 -1.99
N HIS A 52 15.34 -8.41 -2.09
CA HIS A 52 16.71 -8.71 -1.66
C HIS A 52 17.22 -7.54 -0.81
N PHE A 53 17.92 -7.82 0.29
CA PHE A 53 18.27 -6.76 1.23
C PHE A 53 19.77 -6.47 1.25
N TYR A 54 20.11 -5.24 1.64
CA TYR A 54 21.50 -4.85 1.80
C TYR A 54 21.84 -4.86 3.29
N PRO A 55 23.03 -5.29 3.67
CA PRO A 55 23.36 -5.67 5.09
C PRO A 55 22.87 -4.70 6.16
N ASN A 56 22.86 -5.18 7.39
CA ASN A 56 22.40 -4.39 8.53
C ASN A 56 20.97 -3.91 8.30
N PHE A 57 20.13 -4.82 7.81
CA PHE A 57 18.79 -4.47 7.36
C PHE A 57 18.87 -3.42 6.26
N SER A 58 19.20 -2.19 6.65
CA SER A 58 19.44 -1.09 5.71
C SER A 58 18.28 -0.91 4.71
N ALA A 59 18.28 -1.63 3.59
CA ALA A 59 17.28 -1.39 2.55
C ALA A 59 17.11 -2.62 1.66
N THR A 60 16.03 -2.66 0.89
CA THR A 60 15.80 -3.78 -0.02
C THR A 60 15.45 -3.29 -1.42
N LEU A 61 15.79 -4.08 -2.42
CA LEU A 61 15.39 -3.79 -3.80
C LEU A 61 14.49 -4.94 -4.26
N GLY A 62 13.40 -4.62 -4.95
CA GLY A 62 12.47 -5.67 -5.36
C GLY A 62 11.49 -5.17 -6.39
N VAL A 63 10.58 -6.05 -6.80
CA VAL A 63 9.54 -5.66 -7.76
C VAL A 63 8.19 -6.07 -7.15
N GLY A 64 7.15 -5.33 -7.50
CA GLY A 64 5.81 -5.62 -7.03
C GLY A 64 4.86 -5.65 -8.21
N VAL A 65 3.93 -6.60 -8.22
CA VAL A 65 2.91 -6.65 -9.26
C VAL A 65 1.54 -6.88 -8.63
N ARG A 66 0.50 -6.56 -9.40
CA ARG A 66 -0.86 -6.70 -8.93
C ARG A 66 -1.75 -7.28 -10.03
N TYR A 67 -2.65 -8.17 -9.64
CA TYR A 67 -3.55 -8.83 -10.58
C TYR A 67 -4.97 -8.30 -10.36
N ASP A 68 -5.51 -7.70 -11.42
CA ASP A 68 -6.93 -7.36 -11.45
C ASP A 68 -7.66 -8.31 -12.39
N LYS A 69 -8.76 -8.87 -11.91
CA LYS A 69 -9.45 -9.95 -12.61
C LYS A 69 -10.58 -9.41 -13.47
N GLN A 70 -10.97 -10.19 -14.48
CA GLN A 70 -12.12 -9.85 -15.31
C GLN A 70 -13.42 -9.90 -14.49
N ASP A 71 -13.51 -10.85 -13.58
CA ASP A 71 -14.74 -11.05 -12.81
C ASP A 71 -14.76 -10.26 -11.50
N SER A 72 -13.85 -9.29 -11.34
CA SER A 72 -13.81 -8.49 -10.12
C SER A 72 -15.16 -7.80 -9.89
N VAL A 73 -15.81 -7.35 -10.97
CA VAL A 73 -17.11 -6.70 -10.87
C VAL A 73 -18.11 -7.42 -11.75
N GLY A 74 -19.35 -7.54 -11.27
CA GLY A 74 -20.39 -8.29 -11.97
C GLY A 74 -20.50 -7.88 -13.45
N VAL A 75 -20.20 -6.62 -13.75
CA VAL A 75 -20.27 -6.14 -15.13
C VAL A 75 -19.39 -6.99 -16.04
N ARG A 76 -19.88 -7.24 -17.25
CA ARG A 76 -19.15 -8.08 -18.20
C ARG A 76 -17.74 -7.54 -18.43
N TYR A 77 -17.61 -6.22 -18.49
CA TYR A 77 -16.30 -5.61 -18.69
C TYR A 77 -16.16 -4.34 -17.83
N ALA A 78 -14.93 -3.92 -17.61
CA ALA A 78 -14.67 -2.74 -16.79
C ALA A 78 -13.17 -2.42 -16.76
N LYS A 79 -12.81 -1.43 -15.96
CA LYS A 79 -11.40 -1.05 -15.81
C LYS A 79 -10.54 -2.23 -15.35
N ASN A 80 -11.15 -3.15 -14.60
CA ASN A 80 -10.42 -4.32 -14.09
C ASN A 80 -9.83 -5.13 -15.25
N ASP A 81 -9.35 -6.34 -14.99
CA ASP A 81 -8.63 -7.10 -15.99
C ASP A 81 -7.43 -6.31 -16.53
N LYS A 82 -6.30 -6.41 -15.81
CA LYS A 82 -5.13 -5.64 -16.13
C LYS A 82 -4.01 -5.99 -15.16
N LEU A 83 -2.78 -5.94 -15.64
CA LEU A 83 -1.61 -6.21 -14.79
C LEU A 83 -0.80 -4.94 -14.59
N ARG A 84 -0.31 -4.74 -13.38
CA ARG A 84 0.61 -3.65 -13.09
C ARG A 84 1.87 -4.22 -12.46
N TYR A 85 3.03 -3.62 -12.77
CA TYR A 85 4.28 -4.09 -12.19
C TYR A 85 5.28 -2.95 -12.05
N THR A 86 6.15 -3.05 -11.05
CA THR A 86 7.02 -1.93 -10.69
C THR A 86 8.28 -2.42 -9.99
N VAL A 87 9.32 -1.59 -9.97
CA VAL A 87 10.55 -1.95 -9.26
C VAL A 87 11.03 -0.75 -8.47
N LEU A 88 11.42 -0.98 -7.21
CA LEU A 88 11.67 0.14 -6.31
C LEU A 88 12.62 -0.24 -5.18
N ALA A 89 13.17 0.78 -4.54
CA ALA A 89 13.92 0.59 -3.31
C ALA A 89 12.98 0.81 -2.13
N LYS A 90 13.12 -0.01 -1.08
CA LYS A 90 12.27 0.11 0.09
C LYS A 90 13.14 0.45 1.29
N LYS A 91 12.81 1.55 1.96
CA LYS A 91 13.59 2.01 3.10
C LYS A 91 12.68 2.53 4.21
N THR A 92 12.97 2.11 5.44
CA THR A 92 12.20 2.60 6.59
C THR A 92 13.15 3.27 7.57
N PHE A 93 12.78 4.47 8.02
CA PHE A 93 13.63 5.22 8.95
C PHE A 93 12.79 5.72 10.13
N PRO A 94 12.87 5.12 11.29
CA PRO A 94 12.24 5.71 12.51
C PRO A 94 13.12 6.81 13.09
N VAL A 95 12.62 8.05 13.03
CA VAL A 95 13.36 9.21 13.56
C VAL A 95 12.55 9.91 14.66
N THR A 96 11.75 9.13 15.38
CA THR A 96 10.99 9.62 16.53
C THR A 96 11.86 9.84 17.77
N ASN A 97 13.14 9.44 17.74
CA ASN A 97 14.03 9.65 18.88
C ASN A 97 14.06 11.12 19.28
N ASP A 98 14.08 12.00 18.29
CA ASP A 98 13.98 13.44 18.55
C ASP A 98 12.59 14.02 18.23
N GLY A 99 11.63 13.18 17.88
CA GLY A 99 10.28 13.64 17.55
C GLY A 99 10.27 14.30 16.19
N LEU A 100 10.97 13.70 15.22
CA LEU A 100 11.10 14.29 13.90
C LEU A 100 10.04 13.68 12.99
N VAL A 101 10.20 12.38 12.74
CA VAL A 101 9.41 11.68 11.73
C VAL A 101 9.54 10.16 11.85
N ASN A 102 8.81 9.45 11.00
CA ASN A 102 9.01 8.01 10.81
C ASN A 102 8.32 7.59 9.53
N PHE A 103 9.07 7.01 8.59
CA PHE A 103 8.50 6.72 7.27
C PHE A 103 8.91 5.35 6.73
N LYS A 104 8.11 4.85 5.81
CA LYS A 104 8.48 3.68 5.01
C LYS A 104 8.13 3.99 3.56
N ILE A 105 9.12 3.98 2.68
CA ILE A 105 8.92 4.51 1.33
C ILE A 105 9.25 3.49 0.25
N LYS A 106 8.64 3.69 -0.90
CA LYS A 106 8.97 2.95 -2.11
C LYS A 106 9.36 3.95 -3.18
N GLY A 107 10.60 3.84 -3.67
CA GLY A 107 11.10 4.79 -4.65
C GLY A 107 11.43 4.07 -5.93
N GLY A 108 10.62 4.26 -6.97
CA GLY A 108 10.81 3.52 -8.22
C GLY A 108 9.78 3.87 -9.27
N CYS A 109 9.60 2.96 -10.23
CA CYS A 109 8.77 3.24 -11.39
C CYS A 109 7.78 2.10 -11.63
N ASP A 110 6.54 2.46 -11.97
CA ASP A 110 5.48 1.48 -12.14
C ASP A 110 4.84 1.65 -13.51
N VAL A 111 4.42 0.54 -14.12
CA VAL A 111 3.78 0.58 -15.42
C VAL A 111 2.44 -0.14 -15.38
N ASP A 112 1.48 0.44 -16.07
CA ASP A 112 0.19 -0.22 -16.24
C ASP A 112 0.21 -0.98 -17.56
N GLN A 113 0.05 -2.29 -17.46
CA GLN A 113 -0.04 -3.16 -18.62
C GLN A 113 -1.49 -3.20 -19.07
N ASP A 114 -1.75 -2.30 -20.00
CA ASP A 114 -3.09 -1.97 -20.48
C ASP A 114 -2.97 -0.74 -21.39
N PHE A 115 -2.15 0.23 -20.96
CA PHE A 115 -1.75 1.34 -21.80
C PHE A 115 -0.38 1.79 -21.35
N LYS A 116 0.60 1.71 -22.24
CA LYS A 116 2.00 1.94 -21.87
C LYS A 116 2.21 3.25 -21.11
N GLU A 117 1.83 3.26 -19.83
CA GLU A 117 2.05 4.45 -19.00
C GLU A 117 3.03 4.14 -17.87
N TRP A 118 4.10 4.92 -17.77
CA TRP A 118 5.16 4.65 -16.80
C TRP A 118 5.40 5.90 -15.95
N LYS A 119 5.28 5.78 -14.63
CA LYS A 119 5.44 6.94 -13.75
C LYS A 119 6.20 6.57 -12.47
N SER A 120 6.99 7.51 -11.95
CA SER A 120 7.71 7.29 -10.70
C SER A 120 6.75 7.42 -9.51
N ARG A 121 7.19 7.03 -8.31
CA ARG A 121 6.32 7.10 -7.13
C ARG A 121 7.06 7.57 -5.87
N GLY A 122 6.42 8.50 -5.15
CA GLY A 122 6.73 8.83 -3.75
C GLY A 122 5.79 8.04 -2.83
N GLY A 123 5.97 6.72 -2.95
CA GLY A 123 4.97 5.76 -2.55
C GLY A 123 5.26 5.29 -1.14
N ALA A 124 4.48 5.79 -0.20
CA ALA A 124 4.97 5.81 1.17
C ALA A 124 3.89 6.07 2.20
N GLU A 125 4.34 5.98 3.45
CA GLU A 125 3.63 6.59 4.56
C GLU A 125 4.67 7.45 5.29
N PHE A 126 4.55 8.77 5.18
CA PHE A 126 5.55 9.66 5.78
C PHE A 126 5.05 10.34 7.07
N SER A 127 5.59 9.99 8.23
CA SER A 127 5.07 10.53 9.48
C SER A 127 5.74 11.85 9.80
N TRP A 128 4.94 12.92 9.77
CA TRP A 128 5.42 14.27 10.04
C TRP A 128 4.65 14.86 11.23
N ASN A 129 5.27 15.85 11.87
CA ASN A 129 4.75 16.43 13.11
C ASN A 129 3.82 17.60 12.81
N VAL A 130 2.77 17.75 13.62
CA VAL A 130 1.83 18.86 13.43
C VAL A 130 1.28 19.33 14.77
N PHE A 131 1.01 18.39 15.67
CA PHE A 131 0.48 18.74 16.99
C PHE A 131 1.54 18.55 18.07
N ASN A 132 1.74 19.60 18.87
CA ASN A 132 2.70 19.53 19.99
C ASN A 132 2.02 19.68 21.36
N PHE A 133 0.70 19.57 21.42
CA PHE A 133 -0.03 19.70 22.68
C PHE A 133 -0.87 18.46 22.94
N GLN A 134 -1.27 18.27 24.19
CA GLN A 134 -2.09 17.11 24.55
C GLN A 134 -1.33 15.82 24.21
N LYS A 135 -0.15 15.67 24.81
CA LYS A 135 0.69 14.51 24.53
C LYS A 135 -0.05 13.19 24.73
N ASP A 136 -0.99 13.17 25.67
CA ASP A 136 -1.74 11.94 25.95
C ASP A 136 -2.37 11.38 24.68
N GLN A 137 -2.85 12.26 23.80
CA GLN A 137 -3.39 11.86 22.51
C GLN A 137 -2.61 12.56 21.40
N ASP A 138 -2.02 11.77 20.52
CA ASP A 138 -1.18 12.31 19.45
C ASP A 138 -1.59 11.74 18.09
N VAL A 139 -1.51 12.57 17.07
CA VAL A 139 -1.82 12.16 15.70
C VAL A 139 -0.69 12.59 14.76
N ARG A 140 -0.40 11.74 13.78
CA ARG A 140 0.70 12.01 12.84
C ARG A 140 0.16 12.03 11.41
N LEU A 141 0.77 12.84 10.53
CA LEU A 141 0.26 13.05 9.18
C LEU A 141 1.18 12.41 8.13
N ARG A 142 0.60 11.93 7.02
CA ARG A 142 1.37 11.27 5.96
C ARG A 142 0.62 11.46 4.63
N ILE A 143 1.17 11.08 3.43
CA ILE A 143 0.29 10.79 2.34
C ILE A 143 0.43 9.27 2.22
N GLY A 144 -0.72 8.62 2.19
CA GLY A 144 -0.81 7.20 1.93
C GLY A 144 -1.04 7.09 0.44
N TYR A 145 0.06 6.87 -0.29
CA TYR A 145 0.04 7.26 -1.68
C TYR A 145 1.08 6.61 -2.54
N GLU A 146 0.89 6.89 -3.84
CA GLU A 146 1.96 6.86 -4.82
C GLU A 146 1.92 8.22 -5.50
N ALA A 147 2.85 9.13 -5.16
CA ALA A 147 2.77 10.50 -5.69
C ALA A 147 3.63 10.68 -6.94
N PHE A 148 3.01 11.35 -7.92
CA PHE A 148 3.62 11.74 -9.20
C PHE A 148 2.49 11.92 -10.22
N GLU A 149 1.70 10.86 -10.40
CA GLU A 149 0.55 10.92 -11.30
C GLU A 149 -0.62 10.04 -10.83
N GLN A 150 -0.33 8.99 -10.06
CA GLN A 150 -1.36 8.00 -9.71
C GLN A 150 -2.46 8.65 -8.87
N VAL A 151 -2.21 8.84 -7.58
CA VAL A 151 -3.22 9.36 -6.68
C VAL A 151 -2.66 9.49 -5.26
N PRO A 152 -2.76 10.64 -4.61
CA PRO A 152 -2.45 10.75 -3.16
C PRO A 152 -3.69 10.79 -2.27
N TYR A 153 -3.72 9.97 -1.21
CA TYR A 153 -4.72 10.13 -0.15
C TYR A 153 -4.00 10.38 1.17
N LEU A 154 -4.56 11.23 2.03
CA LEU A 154 -3.84 11.72 3.20
C LEU A 154 -4.17 10.85 4.38
N GLN A 155 -3.15 10.36 5.06
CA GLN A 155 -3.33 9.32 6.06
C GLN A 155 -2.87 9.82 7.41
N ILE A 156 -3.63 9.50 8.45
CA ILE A 156 -3.20 9.82 9.80
C ILE A 156 -3.34 8.60 10.70
N ARG A 157 -2.51 8.56 11.73
CA ARG A 157 -2.58 7.48 12.71
C ARG A 157 -3.06 8.04 14.03
N GLU A 158 -4.11 7.41 14.59
CA GLU A 158 -4.65 7.84 15.87
C GLU A 158 -4.95 6.63 16.74
N ASN A 159 -4.57 6.70 18.00
CA ASN A 159 -4.75 5.59 18.94
C ASN A 159 -4.08 4.31 18.42
N ASN A 160 -4.78 3.51 17.61
CA ASN A 160 -4.20 2.29 17.07
C ASN A 160 -4.79 1.90 15.71
N TRP A 161 -5.20 2.89 14.92
CA TRP A 161 -5.74 2.61 13.60
C TRP A 161 -5.31 3.72 12.64
N THR A 162 -5.45 3.50 11.34
CA THR A 162 -5.04 4.51 10.36
C THR A 162 -6.22 4.78 9.44
N PHE A 163 -6.37 6.03 9.06
CA PHE A 163 -7.52 6.42 8.25
C PHE A 163 -7.06 7.49 7.25
N ASN A 164 -7.78 7.65 6.14
CA ASN A 164 -7.33 8.61 5.13
C ASN A 164 -8.43 9.11 4.21
N ALA A 165 -8.09 10.18 3.47
CA ALA A 165 -8.99 10.76 2.47
C ALA A 165 -8.31 10.75 1.11
N ASP A 166 -9.06 10.35 0.08
CA ASP A 166 -8.55 10.42 -1.29
C ASP A 166 -9.32 11.48 -2.03
N TYR A 167 -8.66 12.20 -2.91
CA TYR A 167 -9.29 13.27 -3.67
C TYR A 167 -10.52 12.81 -4.45
N LYS A 168 -10.71 11.49 -4.58
CA LYS A 168 -11.90 10.97 -5.26
C LYS A 168 -13.12 10.93 -4.33
N GLY A 169 -13.04 11.59 -3.16
CA GLY A 169 -14.11 11.51 -2.18
C GLY A 169 -14.16 10.13 -1.54
N ARG A 170 -13.00 9.49 -1.36
CA ARG A 170 -12.98 8.14 -0.80
C ARG A 170 -12.43 8.14 0.62
N TRP A 171 -13.09 7.41 1.52
CA TRP A 171 -12.63 7.30 2.90
C TRP A 171 -12.11 5.89 3.11
N ASN A 172 -11.00 5.74 3.84
CA ASN A 172 -10.42 4.41 4.06
C ASN A 172 -9.87 4.24 5.48
N VAL A 173 -9.84 2.98 5.94
CA VAL A 173 -9.18 2.63 7.19
C VAL A 173 -8.36 1.35 7.00
N ARG A 174 -7.31 1.22 7.81
CA ARG A 174 -6.58 -0.04 7.91
C ARG A 174 -6.50 -0.42 9.38
N TYR A 175 -6.86 -1.65 9.71
CA TYR A 175 -6.85 -2.09 11.09
C TYR A 175 -6.41 -3.55 11.19
N ASP A 176 -5.53 -3.85 12.14
CA ASP A 176 -4.97 -5.19 12.26
C ASP A 176 -5.98 -6.17 12.82
N LEU A 177 -5.83 -7.45 12.50
CA LEU A 177 -6.74 -8.51 12.99
C LEU A 177 -7.11 -8.34 14.46
N MET A 1 1.33 -14.87 7.67
CA MET A 1 0.12 -15.24 8.46
C MET A 1 -0.38 -14.00 9.21
N GLU A 2 -0.40 -12.87 8.52
CA GLU A 2 -0.86 -11.62 9.12
C GLU A 2 -2.14 -11.16 8.43
N THR A 3 -3.07 -10.58 9.19
CA THR A 3 -4.35 -10.15 8.62
C THR A 3 -4.59 -8.68 8.93
N SER A 4 -5.01 -7.92 7.92
CA SER A 4 -5.31 -6.51 8.10
C SER A 4 -6.67 -6.20 7.51
N LEU A 5 -7.45 -5.39 8.22
CA LEU A 5 -8.76 -5.00 7.74
C LEU A 5 -8.66 -3.66 7.05
N ARG A 6 -9.25 -3.56 5.86
CA ARG A 6 -9.31 -2.31 5.14
C ARG A 6 -10.78 -1.92 4.96
N TYR A 7 -11.13 -0.76 5.50
CA TYR A 7 -12.51 -0.27 5.42
C TYR A 7 -12.56 0.77 4.31
N GLY A 8 -13.72 0.89 3.68
CA GLY A 8 -13.92 1.90 2.64
C GLY A 8 -15.33 2.50 2.71
N GLY A 9 -15.39 3.82 2.65
CA GLY A 9 -16.67 4.53 2.65
C GLY A 9 -16.87 5.19 1.29
N ASP A 10 -18.11 5.13 0.79
CA ASP A 10 -18.40 5.48 -0.60
C ASP A 10 -17.76 4.46 -1.54
N SER A 11 -17.86 3.19 -1.16
CA SER A 11 -17.25 2.09 -1.92
C SER A 11 -17.62 0.78 -1.23
N LYS A 12 -16.92 -0.31 -1.56
CA LYS A 12 -17.15 -1.58 -0.89
C LYS A 12 -16.93 -1.43 0.61
N ALA A 13 -17.81 -2.01 1.41
CA ALA A 13 -17.77 -1.79 2.85
C ALA A 13 -16.44 -2.25 3.45
N LEU A 14 -16.19 -3.56 3.45
CA LEU A 14 -14.97 -4.09 4.06
C LEU A 14 -14.27 -5.10 3.16
N LYS A 15 -12.96 -5.15 3.30
CA LYS A 15 -12.15 -6.11 2.56
C LYS A 15 -10.97 -6.57 3.43
N ILE A 16 -10.55 -7.82 3.27
CA ILE A 16 -9.44 -8.35 4.07
C ILE A 16 -8.20 -8.50 3.18
N HIS A 17 -7.06 -8.03 3.71
CA HIS A 17 -5.78 -8.22 3.03
C HIS A 17 -4.85 -8.94 3.98
N ALA A 18 -4.37 -10.12 3.58
CA ALA A 18 -3.51 -10.93 4.45
C ALA A 18 -2.18 -11.23 3.76
N LYS A 19 -1.12 -11.33 4.55
CA LYS A 19 0.22 -11.48 4.02
C LYS A 19 0.76 -12.89 4.27
N GLU A 20 1.39 -13.46 3.26
CA GLU A 20 2.02 -14.78 3.39
C GLU A 20 3.43 -14.72 2.81
N LYS A 21 4.32 -15.61 3.27
CA LYS A 21 5.71 -15.57 2.83
C LYS A 21 6.23 -16.95 2.43
N LEU A 22 7.24 -16.96 1.55
CA LEU A 22 7.83 -18.22 1.10
C LEU A 22 9.32 -18.03 0.86
N ARG A 23 10.10 -19.09 1.06
CA ARG A 23 11.54 -19.02 0.85
C ARG A 23 11.90 -19.52 -0.55
N ILE A 24 12.48 -18.66 -1.37
CA ILE A 24 12.87 -19.05 -2.72
C ILE A 24 14.34 -19.44 -2.73
N ASP A 25 15.15 -18.60 -2.11
CA ASP A 25 16.58 -18.85 -1.99
C ASP A 25 17.12 -18.14 -0.76
N THR A 26 18.38 -18.37 -0.44
CA THR A 26 18.98 -17.76 0.75
C THR A 26 18.84 -16.24 0.72
N ASN A 27 18.94 -15.65 -0.47
CA ASN A 27 18.87 -14.19 -0.61
C ASN A 27 17.57 -13.71 -1.27
N THR A 28 16.58 -14.59 -1.46
CA THR A 28 15.35 -14.20 -2.14
C THR A 28 14.12 -14.56 -1.30
N PHE A 29 13.27 -13.57 -1.03
CA PHE A 29 12.07 -13.78 -0.22
C PHE A 29 10.81 -13.53 -1.02
N PHE A 30 9.77 -14.32 -0.76
CA PHE A 30 8.47 -14.14 -1.39
C PHE A 30 7.53 -13.50 -0.38
N GLN A 31 6.82 -12.45 -0.77
CA GLN A 31 5.83 -11.84 0.13
C GLN A 31 4.67 -11.36 -0.70
N VAL A 32 3.46 -11.87 -0.43
CA VAL A 32 2.33 -11.57 -1.32
C VAL A 32 1.06 -11.31 -0.51
N ARG A 33 0.10 -10.63 -1.12
CA ARG A 33 -1.10 -10.21 -0.43
C ARG A 33 -2.32 -10.80 -1.12
N GLY A 34 -3.20 -11.39 -0.33
CA GLY A 34 -4.47 -11.91 -0.84
C GLY A 34 -5.59 -11.00 -0.39
N GLY A 35 -6.25 -10.36 -1.34
CA GLY A 35 -7.39 -9.50 -1.03
C GLY A 35 -8.69 -10.26 -1.27
N LEU A 36 -9.41 -10.55 -0.19
CA LEU A 36 -10.62 -11.35 -0.26
C LEU A 36 -11.82 -10.41 -0.19
N ASP A 37 -12.77 -10.58 -1.11
CA ASP A 37 -13.96 -9.73 -1.12
C ASP A 37 -14.93 -10.18 -0.03
N THR A 38 -15.25 -9.27 0.88
CA THR A 38 -16.03 -9.63 2.07
C THR A 38 -17.29 -10.40 1.73
N LYS A 39 -17.33 -11.66 2.15
CA LYS A 39 -18.53 -12.49 2.01
C LYS A 39 -19.09 -12.44 0.59
N THR A 40 -18.22 -12.36 -0.40
CA THR A 40 -18.64 -12.30 -1.79
C THR A 40 -18.19 -13.54 -2.53
N GLY A 41 -16.93 -13.92 -2.31
CA GLY A 41 -16.39 -15.12 -2.93
C GLY A 41 -15.30 -15.74 -2.08
N GLN A 42 -14.17 -15.03 -1.96
CA GLN A 42 -12.91 -15.55 -1.39
C GLN A 42 -11.74 -14.76 -1.98
N PRO A 43 -11.66 -14.59 -3.28
CA PRO A 43 -10.66 -13.69 -3.89
C PRO A 43 -11.21 -12.28 -4.12
N SER A 44 -10.32 -11.40 -4.55
CA SER A 44 -10.72 -10.07 -5.03
C SER A 44 -9.61 -9.51 -5.91
N SER A 45 -8.37 -9.55 -5.40
CA SER A 45 -7.21 -9.10 -6.15
C SER A 45 -5.95 -9.72 -5.57
N GLY A 46 -4.84 -9.70 -6.32
CA GLY A 46 -3.60 -10.32 -5.83
C GLY A 46 -2.38 -9.42 -6.04
N SER A 47 -1.46 -9.41 -5.08
CA SER A 47 -0.22 -8.66 -5.24
C SER A 47 0.93 -9.51 -4.73
N ALA A 48 2.13 -9.35 -5.31
CA ALA A 48 3.28 -10.13 -4.86
C ALA A 48 4.57 -9.34 -4.94
N LEU A 49 5.54 -9.70 -4.08
CA LEU A 49 6.83 -9.01 -4.06
C LEU A 49 7.99 -9.99 -4.00
N ILE A 50 9.02 -9.68 -4.79
CA ILE A 50 10.29 -10.40 -4.69
C ILE A 50 11.31 -9.45 -4.07
N ARG A 51 11.92 -9.83 -2.95
CA ARG A 51 12.77 -8.91 -2.19
C ARG A 51 14.16 -9.46 -1.95
N HIS A 52 15.16 -8.57 -1.98
CA HIS A 52 16.51 -8.89 -1.55
C HIS A 52 17.01 -7.77 -0.65
N PHE A 53 17.70 -8.10 0.45
CA PHE A 53 18.07 -7.09 1.43
C PHE A 53 19.56 -6.78 1.42
N TYR A 54 19.92 -5.57 1.86
CA TYR A 54 21.32 -5.18 1.95
C TYR A 54 21.62 -4.67 3.37
N PRO A 55 22.81 -4.86 3.88
CA PRO A 55 23.13 -4.48 5.29
C PRO A 55 23.55 -3.03 5.44
N ASN A 56 24.06 -2.69 6.62
CA ASN A 56 24.41 -1.31 6.94
C ASN A 56 23.18 -0.41 6.78
N PHE A 57 22.94 0.13 5.58
CA PHE A 57 21.71 0.85 5.32
C PHE A 57 20.58 -0.15 5.09
N SER A 58 20.08 -0.72 6.19
CA SER A 58 19.06 -1.76 6.12
C SER A 58 17.93 -1.41 5.16
N ALA A 59 17.94 -2.05 4.00
CA ALA A 59 16.93 -1.77 2.98
C ALA A 59 16.79 -2.96 2.05
N THR A 60 15.75 -2.95 1.20
CA THR A 60 15.57 -4.04 0.24
C THR A 60 15.27 -3.49 -1.15
N LEU A 61 15.66 -4.25 -2.16
CA LEU A 61 15.35 -3.91 -3.55
C LEU A 61 14.50 -5.03 -4.11
N GLY A 62 13.45 -4.71 -4.85
CA GLY A 62 12.55 -5.76 -5.33
C GLY A 62 11.57 -5.23 -6.35
N VAL A 63 10.64 -6.09 -6.77
CA VAL A 63 9.61 -5.68 -7.72
C VAL A 63 8.26 -6.10 -7.12
N GLY A 64 7.22 -5.34 -7.45
CA GLY A 64 5.87 -5.66 -7.01
C GLY A 64 4.94 -5.69 -8.21
N VAL A 65 3.97 -6.60 -8.20
CA VAL A 65 2.98 -6.62 -9.27
C VAL A 65 1.57 -6.77 -8.69
N ARG A 66 0.59 -6.45 -9.53
CA ARG A 66 -0.82 -6.46 -9.14
C ARG A 66 -1.64 -7.12 -10.24
N TYR A 67 -2.51 -8.05 -9.86
CA TYR A 67 -3.33 -8.79 -10.82
C TYR A 67 -4.78 -8.33 -10.73
N ASP A 68 -5.27 -7.76 -11.82
CA ASP A 68 -6.69 -7.45 -11.97
C ASP A 68 -7.30 -8.38 -13.02
N LYS A 69 -8.61 -8.59 -12.93
CA LYS A 69 -9.27 -9.70 -13.64
C LYS A 69 -10.35 -9.22 -14.60
N GLN A 70 -10.65 -10.06 -15.59
CA GLN A 70 -11.73 -9.78 -16.54
C GLN A 70 -13.08 -9.77 -15.82
N ASP A 71 -14.16 -9.63 -16.61
CA ASP A 71 -15.51 -9.73 -16.07
C ASP A 71 -15.79 -8.62 -15.05
N SER A 72 -15.47 -7.38 -15.43
CA SER A 72 -15.75 -6.22 -14.58
C SER A 72 -16.64 -5.24 -15.34
N VAL A 73 -17.54 -4.58 -14.62
CA VAL A 73 -18.48 -3.65 -15.26
C VAL A 73 -18.41 -2.28 -14.59
N GLY A 74 -18.39 -1.23 -15.40
CA GLY A 74 -18.32 0.13 -14.89
C GLY A 74 -17.60 1.05 -15.89
N VAL A 75 -17.98 2.32 -15.90
CA VAL A 75 -17.35 3.28 -16.81
C VAL A 75 -15.86 3.38 -16.50
N ARG A 76 -15.52 3.44 -15.22
CA ARG A 76 -14.13 3.52 -14.78
C ARG A 76 -13.78 2.42 -13.78
N TYR A 77 -14.77 2.00 -12.99
CA TYR A 77 -14.53 0.97 -11.97
C TYR A 77 -14.07 -0.34 -12.59
N ALA A 78 -14.55 -0.65 -13.79
CA ALA A 78 -14.21 -1.92 -14.43
C ALA A 78 -12.78 -1.90 -14.93
N LYS A 79 -11.88 -2.51 -14.17
CA LYS A 79 -10.49 -2.64 -14.59
C LYS A 79 -10.37 -3.44 -15.88
N ASN A 80 -11.22 -4.47 -16.03
CA ASN A 80 -11.25 -5.27 -17.24
C ASN A 80 -9.90 -5.95 -17.49
N ASP A 81 -9.34 -6.54 -16.42
CA ASP A 81 -8.06 -7.23 -16.52
C ASP A 81 -6.92 -6.32 -16.96
N LYS A 82 -5.80 -6.41 -16.23
CA LYS A 82 -4.63 -5.58 -16.49
C LYS A 82 -3.57 -5.93 -15.46
N LEU A 83 -2.32 -5.88 -15.88
CA LEU A 83 -1.19 -6.14 -14.99
C LEU A 83 -0.40 -4.86 -14.75
N ARG A 84 -0.07 -4.62 -13.49
CA ARG A 84 0.70 -3.44 -13.13
C ARG A 84 1.97 -3.90 -12.42
N TYR A 85 3.14 -3.40 -12.84
CA TYR A 85 4.40 -3.83 -12.25
C TYR A 85 5.17 -2.65 -11.69
N THR A 86 6.07 -2.91 -10.75
CA THR A 86 6.89 -1.83 -10.18
C THR A 86 8.23 -2.39 -9.72
N VAL A 87 9.28 -1.56 -9.73
CA VAL A 87 10.55 -1.95 -9.13
C VAL A 87 11.09 -0.79 -8.32
N LEU A 88 11.47 -1.05 -7.07
CA LEU A 88 11.70 0.06 -6.14
C LEU A 88 12.62 -0.35 -5.00
N ALA A 89 13.16 0.67 -4.32
CA ALA A 89 13.87 0.46 -3.07
C ALA A 89 12.89 0.65 -1.90
N LYS A 90 13.04 -0.16 -0.86
CA LYS A 90 12.16 -0.08 0.30
C LYS A 90 12.96 0.35 1.52
N LYS A 91 12.54 1.43 2.16
CA LYS A 91 13.27 1.96 3.31
C LYS A 91 12.31 2.40 4.42
N THR A 92 12.63 2.04 5.65
CA THR A 92 11.83 2.44 6.80
C THR A 92 12.71 3.17 7.81
N PHE A 93 12.20 4.27 8.38
CA PHE A 93 12.96 4.98 9.41
C PHE A 93 12.01 5.50 10.50
N PRO A 94 12.17 5.12 11.76
CA PRO A 94 11.45 5.82 12.85
C PRO A 94 12.27 6.99 13.40
N VAL A 95 11.77 8.20 13.19
CA VAL A 95 12.46 9.42 13.64
C VAL A 95 11.63 10.20 14.67
N THR A 96 10.68 9.52 15.30
CA THR A 96 9.95 10.11 16.43
C THR A 96 10.82 10.16 17.68
N ASN A 97 11.53 9.06 17.93
CA ASN A 97 12.38 8.98 19.13
C ASN A 97 13.42 10.10 19.13
N ASP A 98 14.05 10.32 17.98
CA ASP A 98 15.01 11.42 17.83
C ASP A 98 14.43 12.61 17.06
N GLY A 99 13.10 12.68 16.94
CA GLY A 99 12.47 13.77 16.21
C GLY A 99 10.96 13.78 16.44
N LEU A 100 10.21 13.46 15.40
CA LEU A 100 8.75 13.48 15.49
C LEU A 100 8.06 12.87 14.26
N VAL A 101 8.80 12.13 13.43
CA VAL A 101 8.22 11.53 12.22
C VAL A 101 8.60 10.06 12.06
N ASN A 102 7.95 9.40 11.10
CA ASN A 102 8.27 8.02 10.78
C ASN A 102 7.68 7.67 9.42
N PHE A 103 8.37 6.83 8.63
CA PHE A 103 7.88 6.53 7.28
C PHE A 103 8.29 5.15 6.77
N LYS A 104 7.55 4.66 5.77
CA LYS A 104 7.97 3.51 4.99
C LYS A 104 7.78 3.88 3.52
N ILE A 105 8.86 3.88 2.73
CA ILE A 105 8.77 4.42 1.37
C ILE A 105 9.14 3.40 0.30
N LYS A 106 8.59 3.64 -0.89
CA LYS A 106 8.93 2.88 -2.07
C LYS A 106 9.35 3.86 -3.15
N GLY A 107 10.60 3.78 -3.57
CA GLY A 107 11.13 4.74 -4.55
C GLY A 107 11.48 4.02 -5.83
N GLY A 108 10.72 4.25 -6.89
CA GLY A 108 10.95 3.50 -8.12
C GLY A 108 9.96 3.85 -9.21
N CYS A 109 9.77 2.92 -10.15
CA CYS A 109 8.97 3.17 -11.34
C CYS A 109 7.88 2.12 -11.48
N ASP A 110 6.77 2.53 -12.08
CA ASP A 110 5.61 1.66 -12.26
C ASP A 110 5.19 1.66 -13.73
N VAL A 111 4.75 0.49 -14.21
CA VAL A 111 4.23 0.37 -15.57
C VAL A 111 2.80 -0.17 -15.51
N ASP A 112 1.96 0.42 -16.35
CA ASP A 112 0.65 -0.14 -16.62
C ASP A 112 0.75 -0.94 -17.92
N GLN A 113 0.63 -2.26 -17.79
CA GLN A 113 0.62 -3.15 -18.95
C GLN A 113 -0.84 -3.31 -19.39
N ASP A 114 -1.17 -2.43 -20.33
CA ASP A 114 -2.53 -2.15 -20.78
C ASP A 114 -2.51 -0.82 -21.54
N PHE A 115 -1.71 0.14 -21.05
CA PHE A 115 -1.49 1.40 -21.72
C PHE A 115 -0.06 1.82 -21.43
N LYS A 116 0.74 2.00 -22.48
CA LYS A 116 2.16 2.30 -22.31
C LYS A 116 2.38 3.48 -21.38
N GLU A 117 2.21 3.25 -20.07
CA GLU A 117 2.37 4.33 -19.09
C GLU A 117 3.51 3.99 -18.13
N TRP A 118 4.46 4.92 -17.97
CA TRP A 118 5.62 4.67 -17.12
C TRP A 118 5.93 5.90 -16.27
N LYS A 119 5.84 5.76 -14.96
CA LYS A 119 6.01 6.90 -14.04
C LYS A 119 6.90 6.51 -12.85
N SER A 120 7.57 7.50 -12.25
CA SER A 120 8.31 7.27 -11.01
C SER A 120 7.53 7.87 -9.84
N ARG A 121 7.65 7.32 -8.63
CA ARG A 121 6.69 7.67 -7.56
C ARG A 121 7.29 7.74 -6.15
N GLY A 122 6.68 8.64 -5.35
CA GLY A 122 6.95 8.79 -3.90
C GLY A 122 5.94 7.97 -3.09
N GLY A 123 6.18 6.65 -3.19
CA GLY A 123 5.20 5.65 -2.90
C GLY A 123 5.39 5.16 -1.48
N ALA A 124 4.56 5.62 -0.59
CA ALA A 124 4.92 5.60 0.81
C ALA A 124 3.76 5.85 1.73
N GLU A 125 4.04 5.72 3.01
CA GLU A 125 3.20 6.34 4.02
C GLU A 125 4.17 7.01 4.97
N PHE A 126 4.22 8.35 4.96
CA PHE A 126 5.04 9.04 5.97
C PHE A 126 4.10 9.62 7.02
N SER A 127 4.64 9.92 8.20
CA SER A 127 3.87 10.60 9.23
C SER A 127 4.59 11.89 9.63
N TRP A 128 3.92 13.02 9.40
CA TRP A 128 4.48 14.34 9.71
C TRP A 128 3.57 15.05 10.73
N ASN A 129 4.14 16.01 11.46
CA ASN A 129 3.45 16.58 12.63
C ASN A 129 2.63 17.83 12.27
N VAL A 130 1.35 17.80 12.58
CA VAL A 130 0.49 18.96 12.39
C VAL A 130 -0.64 18.95 13.43
N PHE A 131 -1.00 20.14 13.92
CA PHE A 131 -2.12 20.26 14.85
C PHE A 131 -3.33 20.84 14.13
N ASN A 132 -4.44 20.10 14.14
CA ASN A 132 -5.64 20.56 13.47
C ASN A 132 -6.15 21.86 14.09
N PHE A 133 -6.08 21.94 15.41
CA PHE A 133 -6.55 23.13 16.13
C PHE A 133 -6.23 23.02 17.61
N GLN A 134 -6.58 21.88 18.20
CA GLN A 134 -6.34 21.67 19.62
C GLN A 134 -5.02 20.95 19.85
N LYS A 135 -4.14 21.58 20.62
CA LYS A 135 -2.84 20.99 20.93
C LYS A 135 -2.98 19.66 21.67
N ASP A 136 -4.01 19.56 22.51
CA ASP A 136 -4.20 18.36 23.32
C ASP A 136 -4.24 17.11 22.45
N GLN A 137 -4.84 17.21 21.27
CA GLN A 137 -4.94 16.07 20.37
C GLN A 137 -3.81 16.09 19.35
N ASP A 138 -2.89 15.15 19.49
CA ASP A 138 -1.75 15.06 18.58
C ASP A 138 -2.04 14.06 17.46
N VAL A 139 -2.00 14.55 16.23
CA VAL A 139 -2.23 13.71 15.06
C VAL A 139 -1.19 13.99 13.99
N ARG A 140 -0.76 12.95 13.26
CA ARG A 140 0.31 13.12 12.27
C ARG A 140 -0.12 12.58 10.91
N LEU A 141 0.10 13.36 9.84
CA LEU A 141 -0.42 13.04 8.51
C LEU A 141 0.66 13.15 7.43
N ARG A 142 0.77 12.14 6.59
CA ARG A 142 1.50 12.23 5.31
C ARG A 142 0.97 11.18 4.35
N ILE A 143 1.38 11.14 3.06
CA ILE A 143 0.44 10.71 2.06
C ILE A 143 0.64 9.20 1.96
N GLY A 144 -0.48 8.52 1.93
CA GLY A 144 -0.53 7.09 1.63
C GLY A 144 -0.88 6.99 0.17
N TYR A 145 0.12 6.68 -0.65
CA TYR A 145 0.03 7.11 -2.04
C TYR A 145 1.08 6.54 -2.96
N GLU A 146 0.86 6.84 -4.23
CA GLU A 146 1.90 6.81 -5.24
C GLU A 146 1.88 8.21 -5.87
N ALA A 147 2.86 9.07 -5.53
CA ALA A 147 2.81 10.45 -6.01
C ALA A 147 3.64 10.67 -7.28
N PHE A 148 2.96 11.23 -8.28
CA PHE A 148 3.56 11.69 -9.53
C PHE A 148 2.44 12.20 -10.44
N GLU A 149 1.54 11.28 -10.79
CA GLU A 149 0.33 11.63 -11.52
C GLU A 149 -0.66 10.46 -11.44
N GLN A 150 -0.78 9.87 -10.24
CA GLN A 150 -1.66 8.72 -10.04
C GLN A 150 -2.76 9.08 -9.03
N VAL A 151 -2.46 9.08 -7.74
CA VAL A 151 -3.45 9.43 -6.73
C VAL A 151 -2.81 9.55 -5.34
N PRO A 152 -2.91 10.68 -4.66
CA PRO A 152 -2.51 10.76 -3.23
C PRO A 152 -3.71 10.75 -2.28
N TYR A 153 -3.68 9.88 -1.26
CA TYR A 153 -4.64 9.97 -0.17
C TYR A 153 -3.89 10.16 1.15
N LEU A 154 -4.41 11.02 2.02
CA LEU A 154 -3.67 11.46 3.20
C LEU A 154 -4.05 10.59 4.36
N GLN A 155 -3.06 10.06 5.10
CA GLN A 155 -3.39 9.13 6.17
C GLN A 155 -2.86 9.66 7.49
N ILE A 156 -3.69 9.56 8.53
CA ILE A 156 -3.34 10.10 9.81
C ILE A 156 -3.26 8.96 10.83
N ARG A 157 -2.37 9.10 11.80
CA ARG A 157 -2.32 8.16 12.91
C ARG A 157 -2.92 8.83 14.13
N GLU A 158 -3.96 8.22 14.69
CA GLU A 158 -4.56 8.73 15.91
C GLU A 158 -4.90 7.56 16.84
N ASN A 159 -4.48 7.67 18.11
CA ASN A 159 -4.70 6.61 19.08
C ASN A 159 -4.03 5.31 18.64
N ASN A 160 -4.68 4.51 17.81
CA ASN A 160 -4.09 3.28 17.30
C ASN A 160 -4.77 2.82 16.00
N TRP A 161 -5.24 3.76 15.19
CA TRP A 161 -5.89 3.43 13.94
C TRP A 161 -5.32 4.30 12.83
N THR A 162 -5.38 3.82 11.57
CA THR A 162 -4.87 4.59 10.46
C THR A 162 -6.02 4.87 9.52
N PHE A 163 -6.32 6.15 9.29
CA PHE A 163 -7.49 6.51 8.50
C PHE A 163 -7.06 7.55 7.46
N ASN A 164 -7.74 7.64 6.33
CA ASN A 164 -7.30 8.53 5.27
C ASN A 164 -8.40 9.00 4.33
N ALA A 165 -8.05 10.02 3.54
CA ALA A 165 -8.96 10.57 2.53
C ALA A 165 -8.33 10.51 1.16
N ASP A 166 -9.10 10.08 0.17
CA ASP A 166 -8.62 10.01 -1.21
C ASP A 166 -9.36 11.05 -2.04
N TYR A 167 -8.68 11.59 -3.05
CA TYR A 167 -9.25 12.63 -3.89
C TYR A 167 -10.59 12.24 -4.50
N LYS A 168 -10.90 10.95 -4.51
CA LYS A 168 -12.18 10.48 -5.07
C LYS A 168 -13.33 10.63 -4.07
N GLY A 169 -13.12 11.38 -2.98
CA GLY A 169 -14.13 11.48 -1.94
C GLY A 169 -14.29 10.15 -1.21
N ARG A 170 -13.18 9.41 -1.04
CA ARG A 170 -13.26 8.08 -0.43
C ARG A 170 -12.60 8.07 0.94
N TRP A 171 -13.23 7.39 1.89
CA TRP A 171 -12.69 7.30 3.25
C TRP A 171 -12.20 5.88 3.49
N ASN A 172 -11.15 5.71 4.27
CA ASN A 172 -10.64 4.37 4.54
C ASN A 172 -10.00 4.25 5.92
N VAL A 173 -10.01 3.02 6.46
CA VAL A 173 -9.28 2.72 7.70
C VAL A 173 -8.40 1.47 7.48
N ARG A 174 -7.32 1.40 8.23
CA ARG A 174 -6.49 0.21 8.27
C ARG A 174 -6.24 -0.15 9.72
N TYR A 175 -6.53 -1.39 10.07
CA TYR A 175 -6.38 -1.83 11.46
C TYR A 175 -5.90 -3.29 11.50
N ASP A 176 -4.90 -3.54 12.34
CA ASP A 176 -4.28 -4.88 12.41
C ASP A 176 -5.14 -5.84 13.23
N LEU A 177 -5.24 -7.07 12.77
CA LEU A 177 -6.02 -8.09 13.46
C LEU A 177 -7.47 -7.61 13.67
N MET A 1 0.73 -16.48 8.84
CA MET A 1 -0.46 -15.93 8.13
C MET A 1 -1.04 -14.79 8.95
N GLU A 2 -1.06 -13.59 8.36
CA GLU A 2 -1.61 -12.41 9.03
C GLU A 2 -2.80 -11.88 8.25
N THR A 3 -3.77 -11.28 8.94
CA THR A 3 -4.97 -10.78 8.27
C THR A 3 -5.21 -9.32 8.62
N SER A 4 -5.52 -8.51 7.60
CA SER A 4 -5.82 -7.10 7.83
C SER A 4 -7.12 -6.74 7.13
N LEU A 5 -7.91 -5.86 7.74
CA LEU A 5 -9.15 -5.41 7.15
C LEU A 5 -8.93 -4.10 6.42
N ARG A 6 -9.47 -3.98 5.22
CA ARG A 6 -9.41 -2.74 4.46
C ARG A 6 -10.82 -2.26 4.19
N TYR A 7 -11.10 -1.02 4.54
CA TYR A 7 -12.42 -0.42 4.33
C TYR A 7 -12.31 0.65 3.25
N GLY A 8 -13.36 0.78 2.46
CA GLY A 8 -13.51 1.91 1.53
C GLY A 8 -14.70 2.76 1.96
N GLY A 9 -14.55 4.08 1.87
CA GLY A 9 -15.59 4.99 2.37
C GLY A 9 -16.29 5.69 1.20
N ASP A 10 -17.48 5.19 0.90
CA ASP A 10 -18.31 5.71 -0.19
C ASP A 10 -19.61 4.91 -0.25
N SER A 11 -19.45 3.59 -0.21
CA SER A 11 -20.58 2.67 -0.16
C SER A 11 -20.17 1.42 0.61
N LYS A 12 -21.11 0.49 0.82
CA LYS A 12 -20.79 -0.75 1.53
C LYS A 12 -19.65 -1.48 0.83
N ALA A 13 -18.48 -1.49 1.45
CA ALA A 13 -17.28 -2.01 0.79
C ALA A 13 -16.22 -2.44 1.81
N LEU A 14 -16.22 -3.72 2.16
CA LEU A 14 -15.18 -4.28 3.02
C LEU A 14 -14.47 -5.45 2.36
N LYS A 15 -13.16 -5.51 2.56
CA LYS A 15 -12.35 -6.57 1.97
C LYS A 15 -11.29 -7.06 2.95
N ILE A 16 -10.86 -8.30 2.79
CA ILE A 16 -9.79 -8.86 3.61
C ILE A 16 -8.54 -9.06 2.77
N HIS A 17 -7.41 -8.61 3.31
CA HIS A 17 -6.12 -8.82 2.67
C HIS A 17 -5.20 -9.52 3.67
N ALA A 18 -4.75 -10.72 3.33
CA ALA A 18 -3.92 -11.51 4.24
C ALA A 18 -2.55 -11.77 3.61
N LYS A 19 -1.52 -11.81 4.45
CA LYS A 19 -0.15 -11.87 3.98
C LYS A 19 0.47 -13.24 4.24
N GLU A 20 1.25 -13.73 3.27
CA GLU A 20 1.95 -15.00 3.42
C GLU A 20 3.41 -14.84 3.00
N LYS A 21 4.31 -15.58 3.66
CA LYS A 21 5.74 -15.46 3.38
C LYS A 21 6.35 -16.82 3.06
N LEU A 22 7.26 -16.86 2.08
CA LEU A 22 7.91 -18.11 1.70
C LEU A 22 9.40 -17.89 1.49
N ARG A 23 10.21 -18.87 1.86
CA ARG A 23 11.65 -18.77 1.66
C ARG A 23 12.06 -19.44 0.35
N ILE A 24 12.52 -18.64 -0.60
CA ILE A 24 12.93 -19.17 -1.90
C ILE A 24 14.41 -19.55 -1.86
N ASP A 25 15.21 -18.64 -1.30
CA ASP A 25 16.64 -18.82 -1.19
C ASP A 25 17.17 -17.88 -0.11
N THR A 26 18.45 -18.01 0.22
CA THR A 26 19.04 -17.17 1.26
C THR A 26 18.88 -15.69 0.95
N ASN A 27 18.92 -15.34 -0.34
CA ASN A 27 18.85 -13.94 -0.75
C ASN A 27 17.50 -13.55 -1.37
N THR A 28 16.51 -14.44 -1.35
CA THR A 28 15.21 -14.14 -1.96
C THR A 28 14.05 -14.51 -1.03
N PHE A 29 13.16 -13.54 -0.81
CA PHE A 29 11.96 -13.78 0.00
C PHE A 29 10.69 -13.56 -0.82
N PHE A 30 9.66 -14.35 -0.52
CA PHE A 30 8.37 -14.25 -1.19
C PHE A 30 7.39 -13.58 -0.23
N GLN A 31 6.70 -12.53 -0.67
CA GLN A 31 5.72 -11.88 0.19
C GLN A 31 4.51 -11.49 -0.65
N VAL A 32 3.35 -12.07 -0.39
CA VAL A 32 2.20 -11.87 -1.29
C VAL A 32 0.92 -11.68 -0.50
N ARG A 33 -0.09 -11.09 -1.14
CA ARG A 33 -1.34 -10.78 -0.48
C ARG A 33 -2.51 -11.38 -1.23
N GLY A 34 -3.41 -12.01 -0.49
CA GLY A 34 -4.62 -12.56 -1.08
C GLY A 34 -5.81 -11.69 -0.68
N GLY A 35 -6.46 -11.08 -1.66
CA GLY A 35 -7.61 -10.24 -1.39
C GLY A 35 -8.89 -11.02 -1.64
N LEU A 36 -9.71 -11.15 -0.61
CA LEU A 36 -10.95 -11.88 -0.69
C LEU A 36 -12.10 -10.88 -0.71
N ASP A 37 -13.05 -11.08 -1.63
CA ASP A 37 -14.22 -10.23 -1.69
C ASP A 37 -15.33 -10.81 -0.82
N THR A 38 -15.85 -10.00 0.10
CA THR A 38 -16.86 -10.47 1.05
C THR A 38 -18.05 -11.10 0.32
N LYS A 39 -18.36 -10.60 -0.88
CA LYS A 39 -19.55 -11.07 -1.59
C LYS A 39 -19.55 -12.58 -1.77
N THR A 40 -18.38 -13.17 -2.05
CA THR A 40 -18.30 -14.60 -2.31
C THR A 40 -17.56 -15.32 -1.18
N GLY A 41 -16.37 -14.82 -0.88
CA GLY A 41 -15.55 -15.40 0.18
C GLY A 41 -14.36 -16.17 -0.42
N GLN A 42 -13.77 -15.62 -1.47
CA GLN A 42 -12.60 -16.25 -2.07
C GLN A 42 -11.90 -15.34 -3.09
N PRO A 43 -12.60 -14.81 -4.07
CA PRO A 43 -11.96 -14.04 -5.16
C PRO A 43 -12.04 -12.53 -4.93
N SER A 44 -10.96 -11.84 -5.28
CA SER A 44 -10.97 -10.38 -5.37
C SER A 44 -9.76 -9.89 -6.18
N SER A 45 -8.57 -10.12 -5.65
CA SER A 45 -7.35 -9.69 -6.34
C SER A 45 -6.12 -10.33 -5.71
N GLY A 46 -4.99 -10.32 -6.43
CA GLY A 46 -3.76 -10.90 -5.88
C GLY A 46 -2.56 -9.99 -6.13
N SER A 47 -1.61 -9.97 -5.20
CA SER A 47 -0.38 -9.20 -5.39
C SER A 47 0.80 -9.95 -4.79
N ALA A 48 1.99 -9.74 -5.34
CA ALA A 48 3.17 -10.45 -4.83
C ALA A 48 4.43 -9.59 -4.88
N LEU A 49 5.38 -9.91 -4.00
CA LEU A 49 6.63 -9.15 -3.93
C LEU A 49 7.83 -10.10 -3.85
N ILE A 50 8.86 -9.75 -4.62
CA ILE A 50 10.15 -10.43 -4.51
C ILE A 50 11.16 -9.46 -3.93
N ARG A 51 11.80 -9.81 -2.81
CA ARG A 51 12.64 -8.85 -2.08
C ARG A 51 14.04 -9.39 -1.80
N HIS A 52 15.02 -8.48 -1.82
CA HIS A 52 16.38 -8.79 -1.38
C HIS A 52 16.83 -7.73 -0.38
N PHE A 53 17.51 -8.15 0.69
CA PHE A 53 17.93 -7.20 1.72
C PHE A 53 19.31 -6.63 1.40
N TYR A 54 19.54 -5.38 1.80
CA TYR A 54 20.81 -4.70 1.52
C TYR A 54 21.31 -3.94 2.74
N PRO A 55 22.59 -3.62 2.81
CA PRO A 55 23.16 -2.90 3.99
C PRO A 55 22.48 -1.56 4.27
N ASN A 56 23.12 -0.71 5.08
CA ASN A 56 22.55 0.56 5.53
C ASN A 56 21.38 0.29 6.47
N PHE A 57 21.71 -0.31 7.62
CA PHE A 57 20.73 -0.71 8.62
C PHE A 57 19.82 -1.80 8.07
N SER A 58 18.91 -1.44 7.18
CA SER A 58 18.01 -2.42 6.58
C SER A 58 17.19 -1.79 5.47
N ALA A 59 17.50 -2.15 4.22
CA ALA A 59 16.70 -1.66 3.09
C ALA A 59 16.53 -2.80 2.10
N THR A 60 15.48 -2.75 1.28
CA THR A 60 15.20 -3.85 0.36
C THR A 60 14.94 -3.34 -1.05
N LEU A 61 15.35 -4.14 -2.02
CA LEU A 61 15.05 -3.86 -3.42
C LEU A 61 14.19 -5.00 -3.94
N GLY A 62 13.11 -4.69 -4.65
CA GLY A 62 12.21 -5.75 -5.09
C GLY A 62 11.22 -5.25 -6.12
N VAL A 63 10.34 -6.14 -6.58
CA VAL A 63 9.31 -5.75 -7.55
C VAL A 63 7.96 -6.19 -6.97
N GLY A 64 6.92 -5.45 -7.32
CA GLY A 64 5.57 -5.79 -6.88
C GLY A 64 4.64 -5.80 -8.08
N VAL A 65 3.75 -6.80 -8.14
CA VAL A 65 2.77 -6.85 -9.21
C VAL A 65 1.39 -7.18 -8.65
N ARG A 66 0.36 -6.94 -9.46
CA ARG A 66 -1.01 -7.20 -9.06
C ARG A 66 -1.80 -7.75 -10.24
N TYR A 67 -2.67 -8.71 -9.96
CA TYR A 67 -3.48 -9.35 -10.99
C TYR A 67 -4.94 -8.91 -10.85
N ASP A 68 -5.47 -8.32 -11.93
CA ASP A 68 -6.89 -8.04 -12.03
C ASP A 68 -7.53 -9.06 -12.96
N LYS A 69 -8.71 -9.54 -12.56
CA LYS A 69 -9.29 -10.74 -13.14
C LYS A 69 -9.99 -10.48 -14.47
N GLN A 70 -10.14 -11.52 -15.28
CA GLN A 70 -10.78 -11.38 -16.58
C GLN A 70 -12.25 -11.81 -16.51
N ASP A 71 -13.13 -10.91 -16.89
CA ASP A 71 -14.56 -11.20 -16.91
C ASP A 71 -15.25 -10.41 -18.01
N SER A 72 -16.35 -10.97 -18.54
CA SER A 72 -17.08 -10.31 -19.62
C SER A 72 -18.48 -9.93 -19.17
N VAL A 73 -18.89 -8.70 -19.48
CA VAL A 73 -20.23 -8.23 -19.14
C VAL A 73 -20.88 -7.61 -20.36
N GLY A 74 -22.18 -7.87 -20.53
CA GLY A 74 -22.89 -7.42 -21.72
C GLY A 74 -23.26 -5.94 -21.65
N VAL A 75 -24.41 -5.64 -21.06
CA VAL A 75 -24.91 -4.28 -21.04
C VAL A 75 -24.02 -3.34 -20.21
N ARG A 76 -23.46 -3.87 -19.13
CA ARG A 76 -22.63 -3.07 -18.25
C ARG A 76 -21.15 -3.35 -18.51
N TYR A 77 -20.30 -2.35 -18.24
CA TYR A 77 -18.86 -2.52 -18.44
C TYR A 77 -18.09 -2.04 -17.21
N ALA A 78 -16.90 -2.58 -17.01
CA ALA A 78 -16.07 -2.22 -15.87
C ALA A 78 -14.60 -2.46 -16.17
N LYS A 79 -13.72 -1.78 -15.45
CA LYS A 79 -12.29 -1.94 -15.66
C LYS A 79 -11.80 -3.23 -15.02
N ASN A 80 -11.25 -4.12 -15.83
CA ASN A 80 -10.74 -5.40 -15.34
C ASN A 80 -9.73 -5.98 -16.32
N ASP A 81 -9.20 -7.16 -16.00
CA ASP A 81 -8.24 -7.83 -16.88
C ASP A 81 -7.07 -6.91 -17.20
N LYS A 82 -6.05 -6.94 -16.36
CA LYS A 82 -4.90 -6.06 -16.52
C LYS A 82 -3.85 -6.38 -15.47
N LEU A 83 -2.59 -6.27 -15.86
CA LEU A 83 -1.48 -6.48 -14.95
C LEU A 83 -0.78 -5.16 -14.66
N ARG A 84 -0.36 -4.98 -13.41
CA ARG A 84 0.48 -3.85 -13.05
C ARG A 84 1.74 -4.37 -12.38
N TYR A 85 2.89 -3.77 -12.67
CA TYR A 85 4.14 -4.21 -12.06
C TYR A 85 5.10 -3.05 -11.85
N THR A 86 5.94 -3.16 -10.83
CA THR A 86 6.76 -2.02 -10.42
C THR A 86 8.03 -2.50 -9.72
N VAL A 87 9.07 -1.68 -9.69
CA VAL A 87 10.29 -2.04 -8.97
C VAL A 87 10.79 -0.82 -8.20
N LEU A 88 11.16 -1.02 -6.94
CA LEU A 88 11.43 0.11 -6.07
C LEU A 88 12.36 -0.26 -4.92
N ALA A 89 12.94 0.75 -4.31
CA ALA A 89 13.70 0.58 -3.08
C ALA A 89 12.81 0.91 -1.88
N LYS A 90 12.92 0.13 -0.82
CA LYS A 90 12.14 0.39 0.39
C LYS A 90 13.08 0.79 1.53
N LYS A 91 12.87 1.98 2.08
CA LYS A 91 13.76 2.50 3.11
C LYS A 91 12.97 3.18 4.23
N THR A 92 13.44 2.99 5.45
CA THR A 92 12.83 3.64 6.61
C THR A 92 13.89 4.48 7.33
N PHE A 93 13.52 5.71 7.72
CA PHE A 93 14.46 6.57 8.43
C PHE A 93 13.73 7.36 9.53
N PRO A 94 14.10 7.24 10.78
CA PRO A 94 13.51 8.11 11.84
C PRO A 94 14.31 9.39 12.01
N VAL A 95 13.70 10.52 11.66
CA VAL A 95 14.35 11.83 11.77
C VAL A 95 13.64 12.70 12.82
N THR A 96 13.02 12.07 13.80
CA THR A 96 12.43 12.78 14.93
C THR A 96 13.50 13.21 15.92
N ASN A 97 14.38 12.29 16.31
CA ASN A 97 15.45 12.62 17.23
C ASN A 97 16.34 13.69 16.62
N ASP A 98 16.68 13.51 15.35
CA ASP A 98 17.43 14.52 14.61
C ASP A 98 16.55 15.75 14.34
N GLY A 99 15.26 15.53 14.10
CA GLY A 99 14.35 16.61 13.75
C GLY A 99 12.96 16.39 14.34
N LEU A 100 12.03 15.93 13.49
CA LEU A 100 10.63 15.82 13.90
C LEU A 100 9.80 14.92 12.96
N VAL A 101 10.45 14.18 12.05
CA VAL A 101 9.71 13.35 11.10
C VAL A 101 10.25 11.92 11.05
N ASN A 102 9.53 11.05 10.36
CA ASN A 102 9.97 9.68 10.15
C ASN A 102 9.16 9.08 9.00
N PHE A 103 9.80 8.36 8.08
CA PHE A 103 9.10 7.92 6.88
C PHE A 103 9.44 6.48 6.48
N LYS A 104 8.51 5.86 5.77
CA LYS A 104 8.77 4.58 5.14
C LYS A 104 8.35 4.75 3.70
N ILE A 105 9.28 4.57 2.75
CA ILE A 105 9.03 4.99 1.38
C ILE A 105 9.27 3.89 0.37
N LYS A 106 8.61 4.01 -0.76
CA LYS A 106 8.88 3.17 -1.91
C LYS A 106 9.27 4.10 -3.06
N GLY A 107 10.51 3.96 -3.53
CA GLY A 107 11.01 4.88 -4.54
C GLY A 107 11.29 4.11 -5.82
N GLY A 108 10.44 4.29 -6.83
CA GLY A 108 10.60 3.52 -8.06
C GLY A 108 9.45 3.70 -9.01
N CYS A 109 9.36 2.80 -9.99
CA CYS A 109 8.49 3.02 -11.15
C CYS A 109 7.47 1.90 -11.29
N ASP A 110 6.23 2.28 -11.57
CA ASP A 110 5.14 1.33 -11.73
C ASP A 110 4.49 1.56 -13.08
N VAL A 111 4.11 0.47 -13.76
CA VAL A 111 3.52 0.60 -15.09
C VAL A 111 2.23 -0.21 -15.17
N ASP A 112 1.27 0.33 -15.91
CA ASP A 112 0.03 -0.37 -16.17
C ASP A 112 0.17 -1.11 -17.50
N GLN A 113 0.10 -2.44 -17.40
CA GLN A 113 0.17 -3.32 -18.57
C GLN A 113 -1.23 -3.47 -19.14
N ASP A 114 -1.53 -2.54 -20.04
CA ASP A 114 -2.84 -2.34 -20.62
C ASP A 114 -2.81 -1.07 -21.47
N PHE A 115 -2.15 -0.03 -20.95
CA PHE A 115 -1.90 1.19 -21.69
C PHE A 115 -0.58 1.77 -21.20
N LYS A 116 0.32 2.03 -22.14
CA LYS A 116 1.66 2.53 -21.81
C LYS A 116 1.62 3.68 -20.80
N GLU A 117 1.36 3.36 -19.53
CA GLU A 117 1.33 4.40 -18.48
C GLU A 117 2.41 4.11 -17.44
N TRP A 118 3.30 5.08 -17.20
CA TRP A 118 4.40 4.87 -16.25
C TRP A 118 4.49 6.02 -15.25
N LYS A 119 4.70 5.67 -13.98
CA LYS A 119 4.75 6.66 -12.90
C LYS A 119 5.93 6.35 -11.98
N SER A 120 6.70 7.37 -11.56
CA SER A 120 7.84 7.15 -10.66
C SER A 120 7.74 8.10 -9.47
N ARG A 121 7.50 7.58 -8.26
CA ARG A 121 6.89 8.43 -7.24
C ARG A 121 7.22 8.04 -5.79
N GLY A 122 6.81 8.95 -4.87
CA GLY A 122 7.01 8.84 -3.41
C GLY A 122 5.94 8.01 -2.70
N GLY A 123 6.06 6.70 -3.01
CA GLY A 123 5.12 5.66 -2.63
C GLY A 123 5.35 5.38 -1.17
N ALA A 124 4.94 6.34 -0.37
CA ALA A 124 5.49 6.47 0.95
C ALA A 124 4.43 6.90 1.94
N GLU A 125 4.85 6.92 3.20
CA GLU A 125 4.06 7.55 4.23
C GLU A 125 5.03 8.41 5.05
N PHE A 126 4.93 9.73 4.89
CA PHE A 126 5.90 10.62 5.56
C PHE A 126 5.37 11.26 6.85
N SER A 127 5.96 10.93 7.99
CA SER A 127 5.37 11.32 9.27
C SER A 127 5.80 12.72 9.68
N TRP A 128 4.80 13.58 9.81
CA TRP A 128 4.99 14.98 10.13
C TRP A 128 4.09 15.35 11.31
N ASN A 129 4.44 16.41 12.03
CA ASN A 129 3.73 16.78 13.25
C ASN A 129 2.96 18.09 13.06
N VAL A 130 1.91 18.27 13.85
CA VAL A 130 1.08 19.47 13.75
C VAL A 130 0.66 19.93 15.14
N PHE A 131 0.63 21.24 15.34
CA PHE A 131 0.26 21.79 16.64
C PHE A 131 -1.13 21.30 17.05
N ASN A 132 -1.34 21.14 18.35
CA ASN A 132 -2.59 20.56 18.85
C ASN A 132 -3.72 21.58 18.82
N PHE A 133 -4.63 21.40 17.86
CA PHE A 133 -5.82 22.25 17.76
C PHE A 133 -7.07 21.46 18.12
N GLN A 134 -7.87 21.99 19.03
CA GLN A 134 -9.12 21.34 19.41
C GLN A 134 -8.85 19.93 19.93
N LYS A 135 -7.80 19.79 20.73
CA LYS A 135 -7.44 18.49 21.29
C LYS A 135 -7.16 17.49 20.18
N ASP A 136 -5.93 17.50 19.68
CA ASP A 136 -5.54 16.64 18.57
C ASP A 136 -5.66 15.15 18.91
N GLN A 137 -5.49 14.82 20.19
CA GLN A 137 -5.54 13.43 20.63
C GLN A 137 -4.40 12.63 19.99
N ASP A 138 -3.20 13.21 20.03
CA ASP A 138 -1.99 12.57 19.51
C ASP A 138 -2.22 11.87 18.16
N VAL A 139 -1.95 12.60 17.08
CA VAL A 139 -2.13 12.05 15.74
C VAL A 139 -0.91 12.37 14.86
N ARG A 140 -0.57 11.44 13.97
CA ARG A 140 0.56 11.63 13.06
C ARG A 140 0.08 11.57 11.62
N LEU A 141 0.64 12.40 10.75
CA LEU A 141 0.14 12.54 9.37
C LEU A 141 1.22 12.10 8.36
N ARG A 142 0.78 11.40 7.31
CA ARG A 142 1.65 10.87 6.26
C ARG A 142 0.91 10.97 4.92
N ILE A 143 1.56 10.99 3.72
CA ILE A 143 0.79 11.17 2.52
C ILE A 143 0.96 9.78 1.94
N GLY A 144 -0.14 9.04 2.00
CA GLY A 144 -0.19 7.71 1.42
C GLY A 144 -0.38 7.92 -0.05
N TYR A 145 0.74 8.09 -0.73
CA TYR A 145 0.68 8.68 -2.06
C TYR A 145 1.80 8.26 -2.95
N GLU A 146 1.55 8.50 -4.23
CA GLU A 146 2.59 8.47 -5.22
C GLU A 146 2.85 9.92 -5.58
N ALA A 147 3.95 10.45 -5.05
CA ALA A 147 4.21 11.89 -5.16
C ALA A 147 5.11 12.24 -6.35
N PHE A 148 4.58 13.15 -7.18
CA PHE A 148 5.27 13.72 -8.33
C PHE A 148 4.22 14.49 -9.14
N GLU A 149 3.23 13.77 -9.64
CA GLU A 149 2.10 14.37 -10.34
C GLU A 149 1.04 13.31 -10.64
N GLN A 150 0.43 12.77 -9.59
CA GLN A 150 -0.61 11.75 -9.76
C GLN A 150 -1.75 11.95 -8.78
N VAL A 151 -1.58 11.54 -7.51
CA VAL A 151 -2.66 11.69 -6.54
C VAL A 151 -2.13 11.50 -5.11
N PRO A 152 -2.37 12.43 -4.20
CA PRO A 152 -2.11 12.19 -2.77
C PRO A 152 -3.36 11.87 -1.94
N TYR A 153 -3.28 10.82 -1.11
CA TYR A 153 -4.27 10.62 -0.06
C TYR A 153 -3.56 10.54 1.29
N LEU A 154 -4.15 11.19 2.30
CA LEU A 154 -3.41 11.41 3.55
C LEU A 154 -3.74 10.29 4.50
N GLN A 155 -2.76 9.70 5.15
CA GLN A 155 -2.99 8.59 6.06
C GLN A 155 -2.56 9.00 7.44
N ILE A 156 -3.42 8.83 8.45
CA ILE A 156 -3.07 9.26 9.79
C ILE A 156 -3.32 8.12 10.77
N ARG A 157 -2.58 8.13 11.87
CA ARG A 157 -2.71 7.08 12.87
C ARG A 157 -3.25 7.66 14.17
N GLU A 158 -4.27 7.00 14.73
CA GLU A 158 -4.78 7.39 16.03
C GLU A 158 -5.08 6.15 16.86
N ASN A 159 -4.68 6.18 18.14
CA ASN A 159 -4.88 5.04 19.03
C ASN A 159 -4.26 3.76 18.45
N ASN A 160 -5.00 3.00 17.64
CA ASN A 160 -4.47 1.79 17.04
C ASN A 160 -5.15 1.48 15.71
N TRP A 161 -5.54 2.52 14.96
CA TRP A 161 -6.17 2.30 13.66
C TRP A 161 -5.63 3.30 12.65
N THR A 162 -5.73 2.98 11.36
CA THR A 162 -5.18 3.84 10.33
C THR A 162 -6.31 4.24 9.40
N PHE A 163 -6.37 5.50 9.02
CA PHE A 163 -7.48 5.98 8.20
C PHE A 163 -6.95 7.05 7.24
N ASN A 164 -7.65 7.30 6.13
CA ASN A 164 -7.13 8.23 5.13
C ASN A 164 -8.18 8.90 4.25
N ALA A 165 -7.75 9.98 3.59
CA ALA A 165 -8.60 10.72 2.65
C ALA A 165 -7.94 10.83 1.30
N ASP A 166 -8.68 10.60 0.23
CA ASP A 166 -8.14 10.78 -1.13
C ASP A 166 -8.91 11.91 -1.80
N TYR A 167 -8.22 12.68 -2.64
CA TYR A 167 -8.83 13.85 -3.29
C TYR A 167 -10.11 13.51 -4.05
N LYS A 168 -10.34 12.24 -4.32
CA LYS A 168 -11.56 11.82 -5.02
C LYS A 168 -12.74 11.68 -4.05
N GLY A 169 -12.63 12.22 -2.83
CA GLY A 169 -13.67 12.05 -1.84
C GLY A 169 -13.75 10.59 -1.38
N ARG A 170 -12.61 9.90 -1.32
CA ARG A 170 -12.62 8.49 -0.93
C ARG A 170 -11.93 8.30 0.41
N TRP A 171 -12.60 7.59 1.33
CA TRP A 171 -12.02 7.34 2.65
C TRP A 171 -11.65 5.87 2.77
N ASN A 172 -10.71 5.54 3.65
CA ASN A 172 -10.38 4.14 3.89
C ASN A 172 -9.85 3.93 5.30
N VAL A 173 -9.91 2.68 5.77
CA VAL A 173 -9.29 2.30 7.03
C VAL A 173 -8.44 1.03 6.84
N ARG A 174 -7.44 0.89 7.71
CA ARG A 174 -6.65 -0.33 7.77
C ARG A 174 -6.48 -0.71 9.23
N TYR A 175 -6.88 -1.93 9.58
CA TYR A 175 -6.82 -2.37 10.95
C TYR A 175 -6.41 -3.84 11.03
N ASP A 176 -5.37 -4.14 11.82
CA ASP A 176 -4.88 -5.50 11.93
C ASP A 176 -5.79 -6.35 12.81
N LEU A 177 -5.79 -7.66 12.58
CA LEU A 177 -6.60 -8.60 13.36
C LEU A 177 -6.59 -8.29 14.86
N MET A 1 1.36 -15.51 8.10
CA MET A 1 -0.13 -15.45 8.07
C MET A 1 -0.60 -14.23 8.86
N GLU A 2 -0.71 -13.09 8.17
CA GLU A 2 -1.16 -11.85 8.81
C GLU A 2 -2.44 -11.36 8.15
N THR A 3 -3.31 -10.72 8.93
CA THR A 3 -4.59 -10.25 8.40
C THR A 3 -4.78 -8.77 8.73
N SER A 4 -5.25 -8.01 7.74
CA SER A 4 -5.50 -6.59 7.94
C SER A 4 -6.89 -6.24 7.43
N LEU A 5 -7.58 -5.36 8.14
CA LEU A 5 -8.91 -4.94 7.74
C LEU A 5 -8.78 -3.61 7.00
N ARG A 6 -9.47 -3.49 5.87
CA ARG A 6 -9.48 -2.24 5.12
C ARG A 6 -10.92 -1.84 4.83
N TYR A 7 -11.32 -0.70 5.37
CA TYR A 7 -12.61 -0.13 5.05
C TYR A 7 -12.37 0.95 3.99
N GLY A 8 -13.28 1.09 3.03
CA GLY A 8 -13.10 2.07 1.97
C GLY A 8 -14.36 2.27 1.14
N GLY A 9 -14.84 3.51 1.07
CA GLY A 9 -15.98 3.81 0.21
C GLY A 9 -16.71 5.06 0.69
N ASP A 10 -17.77 5.43 -0.04
CA ASP A 10 -18.66 6.50 0.41
C ASP A 10 -19.55 5.97 1.53
N SER A 11 -20.07 4.75 1.35
CA SER A 11 -20.88 4.09 2.36
C SER A 11 -20.11 2.91 2.93
N LYS A 12 -20.61 2.34 4.02
CA LYS A 12 -19.91 1.25 4.70
C LYS A 12 -19.63 0.10 3.72
N ALA A 13 -18.35 -0.22 3.56
CA ALA A 13 -17.93 -1.31 2.69
C ALA A 13 -16.57 -1.84 3.13
N LEU A 14 -16.51 -3.13 3.42
CA LEU A 14 -15.30 -3.74 3.97
C LEU A 14 -14.58 -4.61 2.96
N LYS A 15 -13.26 -4.69 3.10
CA LYS A 15 -12.45 -5.58 2.27
C LYS A 15 -11.31 -6.13 3.12
N ILE A 16 -11.05 -7.44 3.01
CA ILE A 16 -10.06 -8.07 3.87
C ILE A 16 -8.84 -8.52 3.08
N HIS A 17 -7.65 -8.29 3.63
CA HIS A 17 -6.41 -8.67 2.96
C HIS A 17 -5.56 -9.53 3.89
N ALA A 18 -4.99 -10.60 3.34
CA ALA A 18 -4.08 -11.45 4.12
C ALA A 18 -2.80 -11.67 3.33
N LYS A 19 -1.67 -11.79 4.04
CA LYS A 19 -0.36 -11.87 3.39
C LYS A 19 0.41 -13.09 3.90
N GLU A 20 1.19 -13.69 3.00
CA GLU A 20 1.99 -14.87 3.33
C GLU A 20 3.44 -14.62 2.94
N LYS A 21 4.37 -15.25 3.67
CA LYS A 21 5.79 -15.02 3.42
C LYS A 21 6.59 -16.32 3.53
N LEU A 22 7.58 -16.52 2.66
CA LEU A 22 8.48 -17.66 2.84
C LEU A 22 9.81 -17.44 2.12
N ARG A 23 10.81 -18.22 2.51
CA ARG A 23 12.15 -18.06 1.95
C ARG A 23 12.31 -18.89 0.67
N ILE A 24 12.69 -18.21 -0.40
CA ILE A 24 12.96 -18.89 -1.67
C ILE A 24 14.40 -19.38 -1.66
N ASP A 25 15.29 -18.44 -1.39
CA ASP A 25 16.71 -18.72 -1.25
C ASP A 25 17.26 -17.93 -0.07
N THR A 26 18.56 -18.05 0.18
CA THR A 26 19.19 -17.32 1.28
C THR A 26 19.05 -15.81 1.10
N ASN A 27 19.01 -15.34 -0.15
CA ASN A 27 18.97 -13.90 -0.43
C ASN A 27 17.66 -13.44 -1.08
N THR A 28 16.62 -14.29 -1.08
CA THR A 28 15.35 -13.91 -1.71
C THR A 28 14.16 -14.23 -0.80
N PHE A 29 13.28 -13.24 -0.62
CA PHE A 29 12.08 -13.44 0.20
C PHE A 29 10.81 -13.26 -0.64
N PHE A 30 9.78 -14.03 -0.33
CA PHE A 30 8.51 -13.95 -1.05
C PHE A 30 7.49 -13.26 -0.14
N GLN A 31 6.73 -12.30 -0.65
CA GLN A 31 5.66 -11.68 0.14
C GLN A 31 4.50 -11.34 -0.78
N VAL A 32 3.35 -11.98 -0.57
CA VAL A 32 2.21 -11.75 -1.47
C VAL A 32 0.92 -11.65 -0.65
N ARG A 33 -0.12 -11.08 -1.24
CA ARG A 33 -1.37 -10.88 -0.51
C ARG A 33 -2.58 -11.04 -1.42
N GLY A 34 -3.70 -11.40 -0.82
CA GLY A 34 -4.95 -11.54 -1.54
C GLY A 34 -6.05 -10.75 -0.84
N GLY A 35 -6.77 -9.95 -1.62
CA GLY A 35 -7.89 -9.19 -1.09
C GLY A 35 -9.20 -9.83 -1.52
N LEU A 36 -10.06 -10.11 -0.53
CA LEU A 36 -11.32 -10.79 -0.77
C LEU A 36 -12.45 -9.76 -0.65
N ASP A 37 -13.36 -9.72 -1.63
CA ASP A 37 -14.44 -8.75 -1.59
C ASP A 37 -15.46 -9.16 -0.52
N THR A 38 -15.51 -8.41 0.57
CA THR A 38 -16.33 -8.80 1.72
C THR A 38 -17.79 -8.98 1.32
N LYS A 39 -18.28 -8.11 0.45
CA LYS A 39 -19.69 -8.12 0.07
C LYS A 39 -20.13 -9.46 -0.50
N THR A 40 -19.21 -10.21 -1.12
CA THR A 40 -19.58 -11.45 -1.80
C THR A 40 -18.98 -12.66 -1.11
N GLY A 41 -17.66 -12.70 -1.05
CA GLY A 41 -16.94 -13.85 -0.52
C GLY A 41 -16.12 -14.51 -1.62
N GLN A 42 -15.48 -13.68 -2.44
CA GLN A 42 -14.71 -14.15 -3.59
C GLN A 42 -13.41 -13.35 -3.65
N PRO A 43 -12.47 -13.71 -4.50
CA PRO A 43 -11.25 -12.87 -4.72
C PRO A 43 -11.61 -11.39 -4.94
N SER A 44 -10.58 -10.56 -5.03
CA SER A 44 -10.74 -9.19 -5.49
C SER A 44 -9.54 -8.78 -6.33
N SER A 45 -8.35 -8.97 -5.76
CA SER A 45 -7.11 -8.65 -6.47
C SER A 45 -5.93 -9.38 -5.82
N GLY A 46 -4.86 -9.59 -6.58
CA GLY A 46 -3.68 -10.28 -6.03
C GLY A 46 -2.42 -9.45 -6.23
N SER A 47 -1.49 -9.53 -5.26
CA SER A 47 -0.25 -8.77 -5.37
C SER A 47 0.91 -9.59 -4.82
N ALA A 48 2.11 -9.35 -5.34
CA ALA A 48 3.27 -10.11 -4.88
C ALA A 48 4.55 -9.28 -4.89
N LEU A 49 5.50 -9.65 -4.01
CA LEU A 49 6.76 -8.93 -3.93
C LEU A 49 7.94 -9.88 -3.85
N ILE A 50 8.99 -9.56 -4.60
CA ILE A 50 10.26 -10.29 -4.50
C ILE A 50 11.32 -9.32 -3.98
N ARG A 51 11.97 -9.65 -2.86
CA ARG A 51 12.91 -8.72 -2.23
C ARG A 51 14.27 -9.35 -1.94
N HIS A 52 15.31 -8.53 -2.02
CA HIS A 52 16.66 -8.92 -1.62
C HIS A 52 17.28 -7.81 -0.78
N PHE A 53 17.97 -8.17 0.30
CA PHE A 53 18.53 -7.17 1.21
C PHE A 53 19.86 -6.64 0.67
N TYR A 54 20.16 -5.38 0.98
CA TYR A 54 21.38 -4.75 0.46
C TYR A 54 22.01 -3.84 1.52
N PRO A 55 23.25 -3.42 1.34
CA PRO A 55 23.96 -2.58 2.35
C PRO A 55 23.28 -1.23 2.59
N ASN A 56 24.05 -0.22 3.01
CA ASN A 56 23.48 1.07 3.39
C ASN A 56 22.59 0.90 4.61
N PHE A 57 23.20 0.39 5.69
CA PHE A 57 22.50 0.08 6.93
C PHE A 57 21.57 -1.11 6.75
N SER A 58 20.47 -0.91 6.03
CA SER A 58 19.53 -2.00 5.77
C SER A 58 18.44 -1.54 4.81
N ALA A 59 18.48 -2.03 3.58
CA ALA A 59 17.45 -1.70 2.61
C ALA A 59 17.24 -2.88 1.67
N THR A 60 16.14 -2.90 0.93
CA THR A 60 15.88 -4.00 0.01
C THR A 60 15.53 -3.49 -1.39
N LEU A 61 15.91 -4.27 -2.39
CA LEU A 61 15.54 -3.97 -3.76
C LEU A 61 14.62 -5.08 -4.24
N GLY A 62 13.52 -4.73 -4.89
CA GLY A 62 12.54 -5.74 -5.28
C GLY A 62 11.54 -5.20 -6.27
N VAL A 63 10.58 -6.04 -6.66
CA VAL A 63 9.54 -5.60 -7.60
C VAL A 63 8.19 -5.99 -6.98
N GLY A 64 7.17 -5.20 -7.29
CA GLY A 64 5.82 -5.49 -6.84
C GLY A 64 4.89 -5.53 -8.04
N VAL A 65 3.95 -6.46 -8.05
CA VAL A 65 2.99 -6.54 -9.15
C VAL A 65 1.57 -6.69 -8.61
N ARG A 66 0.59 -6.41 -9.47
CA ARG A 66 -0.82 -6.54 -9.12
C ARG A 66 -1.59 -7.05 -10.34
N TYR A 67 -2.40 -8.08 -10.13
CA TYR A 67 -3.13 -8.73 -11.22
C TYR A 67 -4.63 -8.52 -11.10
N ASP A 68 -5.23 -8.13 -12.23
CA ASP A 68 -6.67 -8.17 -12.39
C ASP A 68 -6.98 -8.84 -13.73
N LYS A 69 -8.09 -9.55 -13.81
CA LYS A 69 -8.32 -10.47 -14.92
C LYS A 69 -8.55 -9.74 -16.23
N GLN A 70 -7.85 -10.19 -17.27
CA GLN A 70 -8.08 -9.71 -18.62
C GLN A 70 -9.02 -10.68 -19.35
N ASP A 71 -8.58 -11.93 -19.45
CA ASP A 71 -9.39 -12.97 -20.10
C ASP A 71 -8.72 -14.34 -20.00
N SER A 72 -7.38 -14.36 -20.00
CA SER A 72 -6.64 -15.61 -20.02
C SER A 72 -6.88 -16.47 -18.77
N VAL A 73 -7.23 -15.83 -17.65
CA VAL A 73 -7.40 -16.56 -16.40
C VAL A 73 -8.42 -17.69 -16.56
N GLY A 74 -9.55 -17.37 -17.19
CA GLY A 74 -10.55 -18.39 -17.49
C GLY A 74 -11.67 -18.49 -16.43
N VAL A 75 -11.51 -17.83 -15.28
CA VAL A 75 -12.51 -17.89 -14.23
C VAL A 75 -12.87 -16.48 -13.77
N ARG A 76 -13.85 -16.37 -12.87
CA ARG A 76 -14.30 -15.07 -12.39
C ARG A 76 -13.48 -14.60 -11.20
N TYR A 77 -12.19 -14.94 -11.18
CA TYR A 77 -11.31 -14.55 -10.08
C TYR A 77 -11.26 -13.04 -9.91
N ALA A 78 -11.17 -12.32 -11.03
CA ALA A 78 -11.02 -10.87 -10.99
C ALA A 78 -11.73 -10.20 -12.16
N LYS A 79 -11.88 -8.88 -12.08
CA LYS A 79 -12.48 -8.12 -13.17
C LYS A 79 -11.91 -6.70 -13.21
N ASN A 80 -11.07 -6.42 -14.20
CA ASN A 80 -10.46 -5.09 -14.35
C ASN A 80 -9.50 -5.03 -15.55
N ASP A 81 -8.98 -6.18 -16.01
CA ASP A 81 -8.06 -6.27 -17.14
C ASP A 81 -6.90 -5.26 -17.03
N LYS A 82 -6.00 -5.51 -16.08
CA LYS A 82 -4.86 -4.62 -15.87
C LYS A 82 -3.74 -5.37 -15.16
N LEU A 83 -2.53 -5.22 -15.66
CA LEU A 83 -1.35 -5.68 -14.94
C LEU A 83 -0.49 -4.46 -14.59
N ARG A 84 -0.14 -4.34 -13.31
CA ARG A 84 0.63 -3.19 -12.85
C ARG A 84 1.88 -3.70 -12.16
N TYR A 85 3.08 -3.28 -12.57
CA TYR A 85 4.29 -3.73 -11.89
C TYR A 85 5.39 -2.67 -11.85
N THR A 86 6.28 -2.80 -10.87
CA THR A 86 7.26 -1.76 -10.58
C THR A 86 8.48 -2.33 -9.89
N VAL A 87 9.60 -1.61 -9.96
CA VAL A 87 10.80 -2.02 -9.23
C VAL A 87 11.30 -0.83 -8.43
N LEU A 88 11.66 -1.06 -7.17
CA LEU A 88 11.87 0.05 -6.26
C LEU A 88 12.78 -0.34 -5.11
N ALA A 89 13.31 0.68 -4.44
CA ALA A 89 14.05 0.50 -3.20
C ALA A 89 13.12 0.67 -2.02
N LYS A 90 13.29 -0.14 -0.98
CA LYS A 90 12.49 -0.01 0.23
C LYS A 90 13.39 0.44 1.37
N LYS A 91 13.05 1.59 1.95
CA LYS A 91 13.86 2.15 3.02
C LYS A 91 12.97 2.70 4.13
N THR A 92 13.31 2.39 5.37
CA THR A 92 12.56 2.90 6.51
C THR A 92 13.51 3.57 7.50
N PHE A 93 13.06 4.66 8.12
CA PHE A 93 13.91 5.37 9.06
C PHE A 93 13.06 5.96 10.19
N PRO A 94 13.30 5.67 11.45
CA PRO A 94 12.64 6.41 12.56
C PRO A 94 13.46 7.63 12.96
N VAL A 95 12.91 8.80 12.72
CA VAL A 95 13.61 10.06 13.03
C VAL A 95 12.80 10.93 14.01
N THR A 96 11.89 10.31 14.76
CA THR A 96 11.19 10.99 15.83
C THR A 96 12.04 11.08 17.09
N ASN A 97 12.79 10.01 17.37
CA ASN A 97 13.64 9.98 18.55
C ASN A 97 14.66 11.12 18.50
N ASP A 98 15.27 11.30 17.34
CA ASP A 98 16.22 12.41 17.13
C ASP A 98 15.61 13.54 16.28
N GLY A 99 14.29 13.55 16.10
CA GLY A 99 13.64 14.57 15.30
C GLY A 99 12.14 14.59 15.55
N LEU A 100 11.36 14.22 14.54
CA LEU A 100 9.91 14.25 14.66
C LEU A 100 9.19 13.57 13.47
N VAL A 101 9.91 12.76 12.69
CA VAL A 101 9.27 12.06 11.55
C VAL A 101 9.61 10.56 11.57
N ASN A 102 8.91 9.81 10.73
CA ASN A 102 9.16 8.37 10.60
C ASN A 102 8.50 7.88 9.32
N PHE A 103 9.26 7.22 8.45
CA PHE A 103 8.72 6.86 7.14
C PHE A 103 9.16 5.47 6.68
N LYS A 104 8.34 4.88 5.81
CA LYS A 104 8.74 3.69 5.08
C LYS A 104 8.33 3.89 3.64
N ILE A 105 9.27 3.87 2.71
CA ILE A 105 8.98 4.34 1.35
C ILE A 105 9.36 3.31 0.30
N LYS A 106 8.66 3.41 -0.82
CA LYS A 106 8.99 2.66 -2.02
C LYS A 106 9.36 3.66 -3.10
N GLY A 107 10.61 3.61 -3.57
CA GLY A 107 11.10 4.58 -4.53
C GLY A 107 11.50 3.89 -5.82
N GLY A 108 10.72 4.10 -6.87
CA GLY A 108 11.00 3.42 -8.13
C GLY A 108 10.05 3.81 -9.24
N CYS A 109 9.86 2.90 -10.20
CA CYS A 109 9.06 3.20 -11.38
C CYS A 109 8.12 2.05 -11.71
N ASP A 110 6.92 2.38 -12.18
CA ASP A 110 5.91 1.39 -12.51
C ASP A 110 5.48 1.52 -13.96
N VAL A 111 4.93 0.44 -14.50
CA VAL A 111 4.33 0.47 -15.83
C VAL A 111 2.90 -0.07 -15.74
N ASP A 112 2.01 0.62 -16.45
CA ASP A 112 0.64 0.15 -16.59
C ASP A 112 0.52 -0.63 -17.89
N GLN A 113 0.21 -1.92 -17.74
CA GLN A 113 -0.07 -2.80 -18.87
C GLN A 113 -1.53 -2.67 -19.22
N ASP A 114 -1.74 -1.76 -20.16
CA ASP A 114 -3.05 -1.26 -20.58
C ASP A 114 -2.85 -0.03 -21.46
N PHE A 115 -1.83 0.78 -21.13
CA PHE A 115 -1.45 1.93 -21.93
C PHE A 115 -0.02 2.26 -21.53
N LYS A 116 0.86 2.44 -22.51
CA LYS A 116 2.27 2.72 -22.24
C LYS A 116 2.44 3.86 -21.24
N GLU A 117 2.15 3.60 -19.96
CA GLU A 117 2.28 4.63 -18.93
C GLU A 117 3.39 4.27 -17.95
N TRP A 118 4.39 5.13 -17.84
CA TRP A 118 5.53 4.86 -16.95
C TRP A 118 5.79 6.07 -16.04
N LYS A 119 5.70 5.86 -14.73
CA LYS A 119 5.77 6.96 -13.78
C LYS A 119 6.57 6.61 -12.53
N SER A 120 7.11 7.63 -11.86
CA SER A 120 7.84 7.42 -10.62
C SER A 120 6.87 7.23 -9.45
N ARG A 121 7.35 6.62 -8.36
CA ARG A 121 6.50 6.27 -7.23
C ARG A 121 7.01 6.82 -5.90
N GLY A 122 6.13 7.59 -5.22
CA GLY A 122 6.31 8.04 -3.84
C GLY A 122 5.42 7.22 -2.90
N GLY A 123 5.69 5.91 -2.98
CA GLY A 123 4.76 4.90 -2.50
C GLY A 123 5.13 4.52 -1.09
N ALA A 124 4.38 5.05 -0.13
CA ALA A 124 4.94 5.20 1.20
C ALA A 124 3.92 5.49 2.27
N GLU A 125 4.44 5.51 3.49
CA GLU A 125 3.75 6.11 4.62
C GLU A 125 4.74 7.09 5.26
N PHE A 126 4.49 8.40 5.10
CA PHE A 126 5.43 9.40 5.66
C PHE A 126 4.88 10.06 6.93
N SER A 127 5.57 9.94 8.06
CA SER A 127 5.04 10.52 9.31
C SER A 127 5.65 11.90 9.53
N TRP A 128 4.80 12.92 9.46
CA TRP A 128 5.22 14.30 9.64
C TRP A 128 4.36 14.98 10.70
N ASN A 129 4.90 16.03 11.32
CA ASN A 129 4.21 16.70 12.42
C ASN A 129 3.24 17.76 11.90
N VAL A 130 1.94 17.51 12.10
CA VAL A 130 0.92 18.48 11.74
C VAL A 130 -0.12 18.60 12.86
N PHE A 131 -0.46 19.83 13.21
CA PHE A 131 -1.44 20.08 14.25
C PHE A 131 -2.75 20.58 13.64
N ASN A 132 -3.86 19.98 14.05
CA ASN A 132 -5.16 20.37 13.52
C ASN A 132 -5.67 21.65 14.18
N PHE A 133 -5.66 21.67 15.51
CA PHE A 133 -6.16 22.83 16.24
C PHE A 133 -5.57 22.88 17.64
N GLN A 134 -5.88 21.87 18.46
CA GLN A 134 -5.42 21.85 19.84
C GLN A 134 -4.19 20.97 19.99
N LYS A 135 -3.21 21.47 20.76
CA LYS A 135 -1.99 20.71 21.01
C LYS A 135 -2.29 19.40 21.74
N ASP A 136 -3.29 19.42 22.62
CA ASP A 136 -3.63 18.24 23.41
C ASP A 136 -3.84 17.01 22.53
N GLN A 137 -4.42 17.22 21.35
CA GLN A 137 -4.67 16.11 20.43
C GLN A 137 -3.48 15.92 19.49
N ASP A 138 -2.71 14.87 19.75
CA ASP A 138 -1.54 14.56 18.93
C ASP A 138 -1.94 13.75 17.71
N VAL A 139 -1.73 14.32 16.52
CA VAL A 139 -2.06 13.63 15.28
C VAL A 139 -0.90 13.76 14.29
N ARG A 140 -0.69 12.71 13.49
CA ARG A 140 0.39 12.72 12.51
C ARG A 140 -0.20 12.68 11.11
N LEU A 141 0.51 13.25 10.12
CA LEU A 141 -0.01 13.37 8.75
C LEU A 141 0.96 12.66 7.77
N ARG A 142 0.39 12.01 6.75
CA ARG A 142 1.20 11.19 5.81
C ARG A 142 0.46 11.15 4.46
N ILE A 143 1.00 10.60 3.33
CA ILE A 143 0.11 10.17 2.28
C ILE A 143 0.28 8.66 2.27
N GLY A 144 -0.86 7.99 2.29
CA GLY A 144 -0.92 6.54 2.19
C GLY A 144 -1.20 6.26 0.73
N TYR A 145 -0.13 6.02 0.00
CA TYR A 145 -0.21 6.26 -1.42
C TYR A 145 0.81 5.53 -2.26
N GLU A 146 0.52 5.65 -3.55
CA GLU A 146 1.50 5.52 -4.60
C GLU A 146 1.35 6.80 -5.41
N ALA A 147 2.27 7.75 -5.23
CA ALA A 147 2.11 9.05 -5.85
C ALA A 147 2.87 9.10 -7.17
N PHE A 148 2.28 9.81 -8.14
CA PHE A 148 2.70 9.73 -9.53
C PHE A 148 2.58 8.28 -10.01
N GLU A 149 1.45 7.66 -9.66
CA GLU A 149 1.20 6.28 -10.08
C GLU A 149 -0.29 6.03 -10.31
N GLN A 150 -1.07 6.04 -9.23
CA GLN A 150 -2.49 5.72 -9.33
C GLN A 150 -3.35 6.74 -8.58
N VAL A 151 -2.98 7.03 -7.35
CA VAL A 151 -3.81 7.91 -6.51
C VAL A 151 -3.15 8.11 -5.15
N PRO A 152 -3.14 9.30 -4.60
CA PRO A 152 -2.76 9.50 -3.18
C PRO A 152 -3.97 9.68 -2.25
N TYR A 153 -3.99 8.96 -1.13
CA TYR A 153 -4.97 9.22 -0.08
C TYR A 153 -4.22 9.57 1.20
N LEU A 154 -4.74 10.51 1.98
CA LEU A 154 -3.94 11.13 3.05
C LEU A 154 -4.22 10.39 4.34
N GLN A 155 -3.20 10.00 5.09
CA GLN A 155 -3.43 9.16 6.27
C GLN A 155 -3.16 10.00 7.50
N ILE A 156 -3.87 9.70 8.58
CA ILE A 156 -3.51 10.24 9.87
C ILE A 156 -3.55 9.13 10.90
N ARG A 157 -2.68 9.25 11.89
CA ARG A 157 -2.62 8.27 12.97
C ARG A 157 -3.17 8.88 14.24
N GLU A 158 -4.18 8.21 14.82
CA GLU A 158 -4.75 8.65 16.08
C GLU A 158 -5.00 7.44 16.98
N ASN A 159 -4.51 7.52 18.22
CA ASN A 159 -4.62 6.40 19.16
C ASN A 159 -3.94 5.15 18.60
N ASN A 160 -4.63 4.37 17.78
CA ASN A 160 -4.03 3.18 17.17
C ASN A 160 -4.77 2.76 15.90
N TRP A 161 -5.35 3.72 15.18
CA TRP A 161 -6.04 3.42 13.93
C TRP A 161 -5.48 4.31 12.83
N THR A 162 -5.52 3.85 11.58
CA THR A 162 -5.01 4.65 10.47
C THR A 162 -6.16 4.91 9.52
N PHE A 163 -6.52 6.18 9.35
CA PHE A 163 -7.70 6.53 8.57
C PHE A 163 -7.24 7.52 7.50
N ASN A 164 -7.98 7.60 6.38
CA ASN A 164 -7.53 8.46 5.30
C ASN A 164 -8.63 8.94 4.37
N ALA A 165 -8.25 9.92 3.54
CA ALA A 165 -9.14 10.50 2.55
C ALA A 165 -8.60 10.22 1.15
N ASP A 166 -9.48 9.84 0.24
CA ASP A 166 -9.08 9.68 -1.15
C ASP A 166 -9.75 10.77 -1.97
N TYR A 167 -9.03 11.31 -2.94
CA TYR A 167 -9.55 12.40 -3.77
C TYR A 167 -10.89 12.05 -4.43
N LYS A 168 -11.27 10.77 -4.45
CA LYS A 168 -12.56 10.38 -5.00
C LYS A 168 -13.69 10.52 -3.97
N GLY A 169 -13.46 11.28 -2.90
CA GLY A 169 -14.45 11.44 -1.84
C GLY A 169 -14.63 10.13 -1.08
N ARG A 170 -13.55 9.37 -0.89
CA ARG A 170 -13.67 8.07 -0.22
C ARG A 170 -13.02 8.12 1.16
N TRP A 171 -13.64 7.48 2.14
CA TRP A 171 -13.08 7.41 3.49
C TRP A 171 -12.61 5.99 3.77
N ASN A 172 -11.45 5.83 4.39
CA ASN A 172 -10.91 4.49 4.63
C ASN A 172 -10.24 4.35 6.00
N VAL A 173 -10.15 3.11 6.48
CA VAL A 173 -9.39 2.79 7.68
C VAL A 173 -8.53 1.55 7.44
N ARG A 174 -7.42 1.47 8.16
CA ARG A 174 -6.59 0.28 8.16
C ARG A 174 -6.31 -0.10 9.61
N TYR A 175 -6.63 -1.34 9.96
CA TYR A 175 -6.45 -1.80 11.33
C TYR A 175 -6.00 -3.25 11.36
N ASP A 176 -4.90 -3.52 12.06
CA ASP A 176 -4.33 -4.86 12.08
C ASP A 176 -5.15 -5.80 12.96
N LEU A 177 -5.17 -7.09 12.60
CA LEU A 177 -5.90 -8.07 13.39
C LEU A 177 -5.02 -8.60 14.51
N MET A 1 1.93 -14.93 8.27
CA MET A 1 0.48 -14.88 7.92
C MET A 1 -0.23 -13.86 8.81
N GLU A 2 -0.57 -12.72 8.22
CA GLU A 2 -1.25 -11.66 8.96
C GLU A 2 -2.50 -11.21 8.20
N THR A 3 -3.51 -10.76 8.92
CA THR A 3 -4.77 -10.34 8.29
C THR A 3 -5.13 -8.94 8.75
N SER A 4 -5.64 -8.12 7.84
CA SER A 4 -6.03 -6.76 8.18
C SER A 4 -7.36 -6.43 7.52
N LEU A 5 -8.14 -5.60 8.18
CA LEU A 5 -9.41 -5.15 7.63
C LEU A 5 -9.20 -3.80 6.97
N ARG A 6 -9.80 -3.62 5.80
CA ARG A 6 -9.75 -2.34 5.11
C ARG A 6 -11.18 -1.92 4.76
N TYR A 7 -11.56 -0.77 5.27
CA TYR A 7 -12.85 -0.17 4.93
C TYR A 7 -12.56 0.93 3.92
N GLY A 8 -13.40 1.07 2.90
CA GLY A 8 -13.16 2.10 1.89
C GLY A 8 -14.36 2.32 0.98
N GLY A 9 -14.71 3.59 0.77
CA GLY A 9 -15.75 3.94 -0.19
C GLY A 9 -16.48 5.21 0.24
N ASP A 10 -17.47 5.59 -0.57
CA ASP A 10 -18.40 6.66 -0.18
C ASP A 10 -19.38 6.14 0.87
N SER A 11 -19.84 4.91 0.69
CA SER A 11 -20.75 4.28 1.64
C SER A 11 -20.03 3.10 2.31
N LYS A 12 -20.59 2.61 3.41
CA LYS A 12 -19.96 1.53 4.16
C LYS A 12 -19.68 0.32 3.27
N ALA A 13 -18.44 -0.14 3.30
CA ALA A 13 -18.03 -1.29 2.49
C ALA A 13 -16.74 -1.88 3.04
N LEU A 14 -16.79 -3.15 3.43
CA LEU A 14 -15.66 -3.80 4.09
C LEU A 14 -14.97 -4.81 3.18
N LYS A 15 -13.65 -4.86 3.29
CA LYS A 15 -12.85 -5.82 2.53
C LYS A 15 -11.74 -6.39 3.41
N ILE A 16 -11.24 -7.58 3.06
CA ILE A 16 -10.16 -8.20 3.83
C ILE A 16 -8.92 -8.34 2.96
N HIS A 17 -7.77 -8.01 3.54
CA HIS A 17 -6.49 -8.20 2.86
C HIS A 17 -5.52 -8.89 3.81
N ALA A 18 -4.87 -9.95 3.34
CA ALA A 18 -3.95 -10.71 4.19
C ALA A 18 -2.70 -11.10 3.40
N LYS A 19 -1.58 -11.26 4.12
CA LYS A 19 -0.28 -11.42 3.46
C LYS A 19 0.45 -12.65 4.00
N GLU A 20 1.20 -13.30 3.10
CA GLU A 20 1.98 -14.49 3.47
C GLU A 20 3.44 -14.30 3.09
N LYS A 21 4.33 -14.98 3.80
CA LYS A 21 5.77 -14.82 3.59
C LYS A 21 6.46 -16.16 3.41
N LEU A 22 7.37 -16.25 2.43
CA LEU A 22 8.07 -17.51 2.18
C LEU A 22 9.54 -17.24 1.87
N ARG A 23 10.43 -18.04 2.45
CA ARG A 23 11.85 -17.94 2.13
C ARG A 23 12.15 -18.77 0.89
N ILE A 24 12.59 -18.12 -0.19
CA ILE A 24 12.79 -18.82 -1.46
C ILE A 24 14.24 -19.28 -1.59
N ASP A 25 15.19 -18.33 -1.57
CA ASP A 25 16.60 -18.68 -1.73
C ASP A 25 17.48 -17.42 -1.74
N THR A 26 18.78 -17.63 -1.55
CA THR A 26 19.76 -16.55 -1.65
C THR A 26 19.34 -15.32 -0.83
N ASN A 27 18.83 -15.56 0.36
CA ASN A 27 18.41 -14.46 1.23
C ASN A 27 17.37 -13.59 0.53
N THR A 28 16.43 -14.24 -0.14
CA THR A 28 15.38 -13.54 -0.85
C THR A 28 14.02 -13.86 -0.22
N PHE A 29 13.14 -12.87 -0.14
CA PHE A 29 11.86 -13.03 0.53
C PHE A 29 10.70 -12.93 -0.45
N PHE A 30 9.71 -13.79 -0.24
CA PHE A 30 8.46 -13.74 -0.98
C PHE A 30 7.42 -13.07 -0.09
N GLN A 31 6.69 -12.08 -0.60
CA GLN A 31 5.63 -11.47 0.18
C GLN A 31 4.47 -11.10 -0.75
N VAL A 32 3.32 -11.74 -0.56
CA VAL A 32 2.20 -11.53 -1.47
C VAL A 32 0.91 -11.42 -0.67
N ARG A 33 -0.10 -10.76 -1.24
CA ARG A 33 -1.33 -10.51 -0.51
C ARG A 33 -2.55 -10.79 -1.38
N GLY A 34 -3.61 -11.24 -0.72
CA GLY A 34 -4.87 -11.52 -1.40
C GLY A 34 -5.98 -10.67 -0.79
N GLY A 35 -6.72 -9.99 -1.65
CA GLY A 35 -7.84 -9.17 -1.20
C GLY A 35 -9.15 -9.84 -1.59
N LEU A 36 -10.00 -10.07 -0.59
CA LEU A 36 -11.29 -10.71 -0.80
C LEU A 36 -12.36 -9.63 -0.91
N ASP A 37 -13.21 -9.73 -1.93
CA ASP A 37 -14.11 -8.63 -2.27
C ASP A 37 -15.14 -8.36 -1.17
N THR A 38 -15.96 -7.34 -1.41
CA THR A 38 -16.89 -6.85 -0.38
C THR A 38 -17.82 -7.95 0.14
N LYS A 39 -17.38 -8.60 1.21
CA LYS A 39 -18.21 -9.58 1.92
C LYS A 39 -18.91 -10.56 0.97
N THR A 40 -18.35 -10.77 -0.21
CA THR A 40 -18.93 -11.71 -1.17
C THR A 40 -18.41 -13.13 -0.90
N GLY A 41 -17.11 -13.22 -0.61
CA GLY A 41 -16.48 -14.52 -0.39
C GLY A 41 -15.77 -15.00 -1.65
N GLN A 42 -15.16 -14.07 -2.36
CA GLN A 42 -14.46 -14.39 -3.61
C GLN A 42 -13.20 -13.53 -3.72
N PRO A 43 -12.34 -13.76 -4.69
CA PRO A 43 -11.17 -12.87 -4.90
C PRO A 43 -11.58 -11.40 -4.98
N SER A 44 -10.58 -10.53 -5.09
CA SER A 44 -10.80 -9.14 -5.44
C SER A 44 -9.60 -8.61 -6.22
N SER A 45 -8.41 -8.85 -5.67
CA SER A 45 -7.17 -8.44 -6.32
C SER A 45 -5.99 -9.20 -5.71
N GLY A 46 -4.89 -9.31 -6.45
CA GLY A 46 -3.70 -10.00 -5.93
C GLY A 46 -2.43 -9.21 -6.19
N SER A 47 -1.45 -9.31 -5.29
CA SER A 47 -0.19 -8.60 -5.47
C SER A 47 0.96 -9.41 -4.87
N ALA A 48 2.16 -9.21 -5.39
CA ALA A 48 3.32 -9.98 -4.91
C ALA A 48 4.60 -9.16 -4.94
N LEU A 49 5.53 -9.48 -4.04
CA LEU A 49 6.82 -8.79 -3.99
C LEU A 49 7.97 -9.76 -3.83
N ILE A 50 9.04 -9.51 -4.58
CA ILE A 50 10.29 -10.27 -4.42
C ILE A 50 11.38 -9.28 -4.01
N ARG A 51 12.12 -9.53 -2.92
CA ARG A 51 13.12 -8.55 -2.47
C ARG A 51 14.37 -9.20 -1.90
N HIS A 52 15.47 -8.45 -1.96
CA HIS A 52 16.73 -8.84 -1.32
C HIS A 52 17.32 -7.63 -0.60
N PHE A 53 18.00 -7.86 0.52
CA PHE A 53 18.44 -6.74 1.37
C PHE A 53 19.96 -6.56 1.34
N TYR A 54 20.40 -5.32 1.57
CA TYR A 54 21.81 -5.04 1.72
C TYR A 54 22.13 -5.00 3.22
N PRO A 55 23.24 -5.59 3.66
CA PRO A 55 23.49 -5.79 5.13
C PRO A 55 23.33 -4.55 5.98
N ASN A 56 23.43 -4.74 7.30
CA ASN A 56 23.27 -3.64 8.25
C ASN A 56 21.90 -2.99 8.06
N PHE A 57 20.88 -3.83 7.92
CA PHE A 57 19.55 -3.38 7.55
C PHE A 57 19.62 -2.64 6.21
N SER A 58 20.15 -1.42 6.23
CA SER A 58 20.36 -0.62 5.02
C SER A 58 19.10 -0.50 4.16
N ALA A 59 18.86 -1.46 3.26
CA ALA A 59 17.73 -1.32 2.33
C ALA A 59 17.50 -2.60 1.55
N THR A 60 16.40 -2.65 0.79
CA THR A 60 16.13 -3.80 -0.07
C THR A 60 15.71 -3.34 -1.46
N LEU A 61 16.01 -4.16 -2.46
CA LEU A 61 15.58 -3.89 -3.83
C LEU A 61 14.67 -5.03 -4.26
N GLY A 62 13.57 -4.71 -4.95
CA GLY A 62 12.63 -5.75 -5.33
C GLY A 62 11.66 -5.26 -6.39
N VAL A 63 10.74 -6.14 -6.79
CA VAL A 63 9.74 -5.77 -7.80
C VAL A 63 8.36 -6.11 -7.22
N GLY A 64 7.36 -5.34 -7.64
CA GLY A 64 5.99 -5.58 -7.18
C GLY A 64 5.07 -5.64 -8.39
N VAL A 65 4.10 -6.55 -8.34
CA VAL A 65 3.11 -6.63 -9.42
C VAL A 65 1.71 -6.79 -8.83
N ARG A 66 0.71 -6.55 -9.67
CA ARG A 66 -0.69 -6.61 -9.26
C ARG A 66 -1.56 -7.09 -10.41
N TYR A 67 -2.53 -7.94 -10.10
CA TYR A 67 -3.44 -8.46 -11.11
C TYR A 67 -4.87 -8.01 -10.84
N ASP A 68 -5.51 -7.47 -11.87
CA ASP A 68 -6.93 -7.14 -11.80
C ASP A 68 -7.66 -7.85 -12.94
N LYS A 69 -8.85 -8.34 -12.64
CA LYS A 69 -9.62 -9.24 -13.51
C LYS A 69 -10.55 -8.42 -14.39
N GLN A 70 -10.97 -8.96 -15.53
CA GLN A 70 -11.89 -8.24 -16.41
C GLN A 70 -13.29 -8.84 -16.34
N ASP A 71 -14.30 -7.96 -16.39
CA ASP A 71 -15.69 -8.42 -16.38
C ASP A 71 -16.54 -7.49 -17.25
N SER A 72 -17.69 -7.99 -17.68
CA SER A 72 -18.59 -7.20 -18.53
C SER A 72 -17.85 -6.66 -19.76
N VAL A 73 -17.76 -7.48 -20.80
CA VAL A 73 -17.06 -7.08 -22.02
C VAL A 73 -17.65 -7.78 -23.25
N GLY A 74 -18.13 -9.01 -23.08
CA GLY A 74 -18.70 -9.76 -24.20
C GLY A 74 -17.69 -10.70 -24.85
N VAL A 75 -16.63 -11.07 -24.12
CA VAL A 75 -15.63 -12.00 -24.65
C VAL A 75 -15.42 -13.15 -23.67
N ARG A 76 -15.43 -14.37 -24.18
CA ARG A 76 -15.30 -15.54 -23.33
C ARG A 76 -13.96 -15.57 -22.60
N TYR A 77 -12.90 -15.11 -23.27
CA TYR A 77 -11.57 -15.12 -22.68
C TYR A 77 -11.04 -13.71 -22.46
N ALA A 78 -10.54 -13.46 -21.26
CA ALA A 78 -9.92 -12.18 -20.91
C ALA A 78 -9.52 -12.19 -19.43
N LYS A 79 -10.49 -11.98 -18.54
CA LYS A 79 -10.26 -12.13 -17.11
C LYS A 79 -9.04 -11.34 -16.64
N ASN A 80 -8.86 -10.14 -17.19
CA ASN A 80 -7.75 -9.29 -16.76
C ASN A 80 -7.97 -7.82 -17.12
N ASP A 81 -8.47 -7.00 -16.17
CA ASP A 81 -8.56 -5.56 -16.44
C ASP A 81 -7.20 -4.98 -16.80
N LYS A 82 -6.15 -5.42 -16.09
CA LYS A 82 -4.83 -4.82 -16.27
C LYS A 82 -3.81 -5.52 -15.39
N LEU A 83 -2.60 -5.65 -15.89
CA LEU A 83 -1.47 -6.14 -15.11
C LEU A 83 -0.45 -5.03 -14.93
N ARG A 84 0.05 -4.85 -13.71
CA ARG A 84 1.05 -3.81 -13.44
C ARG A 84 2.29 -4.43 -12.80
N TYR A 85 3.46 -3.88 -13.12
CA TYR A 85 4.69 -4.34 -12.49
C TYR A 85 5.66 -3.18 -12.31
N THR A 86 6.48 -3.27 -11.27
CA THR A 86 7.33 -2.13 -10.88
C THR A 86 8.58 -2.60 -10.16
N VAL A 87 9.61 -1.76 -10.09
CA VAL A 87 10.81 -2.11 -9.34
C VAL A 87 11.23 -0.88 -8.53
N LEU A 88 11.60 -1.10 -7.27
CA LEU A 88 11.80 0.03 -6.36
C LEU A 88 12.73 -0.35 -5.21
N ALA A 89 13.26 0.68 -4.56
CA ALA A 89 14.04 0.51 -3.35
C ALA A 89 13.15 0.72 -2.13
N LYS A 90 13.38 -0.08 -1.09
CA LYS A 90 12.64 0.10 0.16
C LYS A 90 13.60 0.65 1.21
N LYS A 91 13.25 1.79 1.79
CA LYS A 91 14.12 2.45 2.75
C LYS A 91 13.30 2.96 3.94
N THR A 92 13.80 2.75 5.14
CA THR A 92 13.09 3.20 6.35
C THR A 92 14.01 4.10 7.16
N PHE A 93 13.45 5.17 7.73
CA PHE A 93 14.22 6.05 8.59
C PHE A 93 13.37 6.49 9.78
N PRO A 94 13.58 5.95 10.96
CA PRO A 94 12.93 6.51 12.18
C PRO A 94 13.67 7.75 12.67
N VAL A 95 13.00 8.89 12.57
CA VAL A 95 13.59 10.17 13.01
C VAL A 95 12.74 10.80 14.13
N THR A 96 12.09 9.95 14.91
CA THR A 96 11.30 10.38 16.05
C THR A 96 12.19 10.81 17.22
N ASN A 97 13.33 10.14 17.38
CA ASN A 97 14.27 10.49 18.44
C ASN A 97 14.67 11.96 18.32
N ASP A 98 14.93 12.39 17.08
CA ASP A 98 15.08 13.82 16.80
C ASP A 98 13.75 14.54 16.99
N GLY A 99 12.65 13.88 16.62
CA GLY A 99 11.31 14.42 16.83
C GLY A 99 10.70 15.03 15.56
N LEU A 100 11.24 14.71 14.39
CA LEU A 100 10.72 15.26 13.15
C LEU A 100 9.77 14.28 12.46
N VAL A 101 10.27 13.09 12.12
CA VAL A 101 9.53 12.22 11.20
C VAL A 101 9.83 10.73 11.41
N ASN A 102 9.14 9.92 10.62
CA ASN A 102 9.40 8.49 10.56
C ASN A 102 8.72 7.93 9.31
N PHE A 103 9.49 7.35 8.38
CA PHE A 103 8.89 6.92 7.11
C PHE A 103 9.39 5.56 6.64
N LYS A 104 8.55 4.91 5.85
CA LYS A 104 8.95 3.72 5.12
C LYS A 104 8.50 3.92 3.69
N ILE A 105 9.43 3.92 2.73
CA ILE A 105 9.09 4.35 1.37
C ILE A 105 9.46 3.30 0.34
N LYS A 106 8.76 3.36 -0.78
CA LYS A 106 9.08 2.60 -1.97
C LYS A 106 9.32 3.57 -3.10
N GLY A 107 10.55 3.59 -3.62
CA GLY A 107 10.91 4.57 -4.64
C GLY A 107 11.33 3.87 -5.93
N GLY A 108 10.57 4.09 -6.99
CA GLY A 108 10.87 3.42 -8.26
C GLY A 108 9.86 3.72 -9.34
N CYS A 109 9.72 2.79 -10.28
CA CYS A 109 8.91 3.03 -11.48
C CYS A 109 7.98 1.86 -11.75
N ASP A 110 6.75 2.17 -12.15
CA ASP A 110 5.74 1.16 -12.44
C ASP A 110 5.27 1.32 -13.88
N VAL A 111 4.88 0.23 -14.52
CA VAL A 111 4.31 0.30 -15.85
C VAL A 111 2.97 -0.42 -15.89
N ASP A 112 2.01 0.21 -16.55
CA ASP A 112 0.71 -0.41 -16.75
C ASP A 112 0.74 -1.21 -18.05
N GLN A 113 0.49 -2.52 -17.91
CA GLN A 113 0.39 -3.42 -19.04
C GLN A 113 -1.04 -3.37 -19.55
N ASP A 114 -1.19 -2.49 -20.52
CA ASP A 114 -2.47 -2.08 -21.11
C ASP A 114 -2.19 -0.88 -22.02
N PHE A 115 -1.39 0.06 -21.51
CA PHE A 115 -0.85 1.14 -22.30
C PHE A 115 0.55 1.42 -21.77
N LYS A 116 1.56 1.35 -22.62
CA LYS A 116 2.94 1.57 -22.19
C LYS A 116 3.11 2.85 -21.39
N GLU A 117 2.54 2.87 -20.18
CA GLU A 117 2.58 4.08 -19.36
C GLU A 117 3.48 3.86 -18.15
N TRP A 118 4.56 4.64 -18.06
CA TRP A 118 5.57 4.45 -17.03
C TRP A 118 5.67 5.67 -16.13
N LYS A 119 5.50 5.45 -14.82
CA LYS A 119 5.42 6.57 -13.88
C LYS A 119 6.15 6.28 -12.57
N SER A 120 6.58 7.32 -11.87
CA SER A 120 7.34 7.16 -10.63
C SER A 120 6.43 6.97 -9.42
N ARG A 121 6.99 6.44 -8.33
CA ARG A 121 6.23 6.17 -7.11
C ARG A 121 6.84 6.81 -5.86
N GLY A 122 6.00 7.56 -5.14
CA GLY A 122 6.28 8.04 -3.78
C GLY A 122 5.43 7.25 -2.78
N GLY A 123 5.68 5.94 -2.81
CA GLY A 123 4.77 4.96 -2.24
C GLY A 123 5.19 4.59 -0.84
N ALA A 124 4.43 5.08 0.13
CA ALA A 124 5.00 5.22 1.46
C ALA A 124 3.98 5.46 2.55
N GLU A 125 4.53 5.47 3.76
CA GLU A 125 3.90 6.16 4.87
C GLU A 125 4.92 7.19 5.35
N PHE A 126 4.67 8.48 5.09
CA PHE A 126 5.58 9.52 5.60
C PHE A 126 5.06 10.19 6.88
N SER A 127 5.73 9.99 8.01
CA SER A 127 5.23 10.56 9.26
C SER A 127 5.81 11.94 9.46
N TRP A 128 4.94 12.94 9.47
CA TRP A 128 5.32 14.33 9.65
C TRP A 128 4.42 14.98 10.70
N ASN A 129 4.91 16.05 11.32
CA ASN A 129 4.16 16.73 12.37
C ASN A 129 3.45 17.98 11.84
N VAL A 130 2.22 18.18 12.28
CA VAL A 130 1.43 19.33 11.83
C VAL A 130 0.71 19.97 13.02
N PHE A 131 0.10 19.15 13.86
CA PHE A 131 -0.60 19.65 15.03
C PHE A 131 0.18 19.38 16.30
N ASN A 132 0.28 20.38 17.17
CA ASN A 132 1.04 20.24 18.41
C ASN A 132 0.25 20.81 19.59
N PHE A 133 -0.24 19.92 20.45
CA PHE A 133 -0.98 20.34 21.65
C PHE A 133 -0.24 19.90 22.90
N GLN A 134 -0.43 20.64 23.99
CA GLN A 134 0.25 20.33 25.24
C GLN A 134 -0.09 18.92 25.71
N LYS A 135 -1.36 18.53 25.56
CA LYS A 135 -1.80 17.20 25.96
C LYS A 135 -3.26 16.99 25.57
N ASP A 136 -3.48 16.42 24.40
CA ASP A 136 -4.84 16.13 23.95
C ASP A 136 -4.87 14.86 23.09
N GLN A 137 -4.40 14.95 21.86
CA GLN A 137 -4.40 13.80 20.96
C GLN A 137 -3.11 13.74 20.15
N ASP A 138 -2.43 12.59 20.21
CA ASP A 138 -1.21 12.39 19.42
C ASP A 138 -1.57 11.83 18.05
N VAL A 139 -1.28 12.59 16.99
CA VAL A 139 -1.60 12.17 15.64
C VAL A 139 -0.42 12.41 14.70
N ARG A 140 -0.21 11.49 13.76
CA ARG A 140 0.87 11.63 12.78
C ARG A 140 0.29 11.59 11.36
N LEU A 141 0.80 12.45 10.47
CA LEU A 141 0.23 12.61 9.13
C LEU A 141 1.20 12.10 8.05
N ARG A 142 0.62 11.48 7.01
CA ARG A 142 1.37 10.91 5.88
C ARG A 142 0.50 10.89 4.63
N ILE A 143 1.00 10.57 3.41
CA ILE A 143 0.07 10.18 2.38
C ILE A 143 0.21 8.66 2.38
N GLY A 144 -0.94 8.02 2.45
CA GLY A 144 -1.02 6.58 2.31
C GLY A 144 -1.23 6.37 0.83
N TYR A 145 -0.13 6.08 0.13
CA TYR A 145 -0.16 6.30 -1.31
C TYR A 145 0.88 5.56 -2.10
N GLU A 146 0.68 5.68 -3.40
CA GLU A 146 1.70 5.56 -4.41
C GLU A 146 1.55 6.82 -5.27
N ALA A 147 2.44 7.79 -5.08
CA ALA A 147 2.23 9.10 -5.72
C ALA A 147 2.98 9.20 -7.04
N PHE A 148 2.50 10.14 -7.86
CA PHE A 148 3.01 10.37 -9.21
C PHE A 148 2.59 9.29 -10.20
N GLU A 149 1.52 8.54 -9.89
CA GLU A 149 0.99 7.58 -10.87
C GLU A 149 -0.40 7.05 -10.51
N GLN A 150 -0.61 6.63 -9.26
CA GLN A 150 -1.84 5.95 -8.89
C GLN A 150 -2.83 6.89 -8.22
N VAL A 151 -2.57 7.26 -6.96
CA VAL A 151 -3.47 8.12 -6.21
C VAL A 151 -2.88 8.43 -4.84
N PRO A 152 -2.98 9.64 -4.34
CA PRO A 152 -2.64 9.95 -2.92
C PRO A 152 -3.86 10.08 -2.03
N TYR A 153 -3.91 9.32 -0.93
CA TYR A 153 -4.91 9.57 0.11
C TYR A 153 -4.19 9.88 1.43
N LEU A 154 -4.75 10.80 2.22
CA LEU A 154 -4.03 11.34 3.37
C LEU A 154 -4.41 10.54 4.59
N GLN A 155 -3.43 10.02 5.30
CA GLN A 155 -3.70 9.01 6.30
C GLN A 155 -3.11 9.45 7.63
N ILE A 156 -3.82 9.20 8.72
CA ILE A 156 -3.31 9.53 10.04
C ILE A 156 -3.52 8.38 10.99
N ARG A 157 -2.62 8.28 11.96
CA ARG A 157 -2.76 7.28 13.02
C ARG A 157 -3.21 7.99 14.29
N GLU A 158 -4.33 7.53 14.85
CA GLU A 158 -4.83 8.09 16.09
C GLU A 158 -5.29 6.96 17.01
N ASN A 159 -4.87 7.01 18.27
CA ASN A 159 -5.21 5.97 19.24
C ASN A 159 -4.69 4.60 18.78
N ASN A 160 -5.45 3.89 17.95
CA ASN A 160 -5.00 2.60 17.44
C ASN A 160 -5.68 2.24 16.10
N TRP A 161 -6.03 3.26 15.32
CA TRP A 161 -6.64 3.02 14.01
C TRP A 161 -5.99 3.93 12.99
N THR A 162 -5.96 3.54 11.72
CA THR A 162 -5.36 4.39 10.69
C THR A 162 -6.43 4.66 9.63
N PHE A 163 -6.71 5.93 9.41
CA PHE A 163 -7.84 6.31 8.56
C PHE A 163 -7.35 7.34 7.55
N ASN A 164 -8.07 7.51 6.43
CA ASN A 164 -7.62 8.45 5.42
C ASN A 164 -8.72 8.98 4.50
N ALA A 165 -8.33 9.96 3.69
CA ALA A 165 -9.21 10.52 2.67
C ALA A 165 -8.56 10.39 1.30
N ASP A 166 -9.34 10.00 0.29
CA ASP A 166 -8.83 9.87 -1.06
C ASP A 166 -9.47 10.93 -1.94
N TYR A 167 -8.73 11.41 -2.92
CA TYR A 167 -9.19 12.50 -3.78
C TYR A 167 -10.52 12.20 -4.47
N LYS A 168 -10.94 10.94 -4.46
CA LYS A 168 -12.23 10.58 -5.06
C LYS A 168 -13.40 10.85 -4.10
N GLY A 169 -13.17 11.60 -3.02
CA GLY A 169 -14.19 11.82 -2.01
C GLY A 169 -14.47 10.54 -1.24
N ARG A 170 -13.43 9.73 -1.00
CA ARG A 170 -13.61 8.45 -0.31
C ARG A 170 -12.94 8.46 1.05
N TRP A 171 -13.44 7.65 1.98
CA TRP A 171 -12.86 7.55 3.31
C TRP A 171 -12.53 6.10 3.61
N ASN A 172 -11.47 5.86 4.38
CA ASN A 172 -11.03 4.48 4.63
C ASN A 172 -10.44 4.30 6.03
N VAL A 173 -10.41 3.05 6.47
CA VAL A 173 -9.71 2.67 7.71
C VAL A 173 -8.89 1.40 7.44
N ARG A 174 -7.81 1.24 8.19
CA ARG A 174 -7.05 0.00 8.18
C ARG A 174 -6.75 -0.37 9.62
N TYR A 175 -7.09 -1.60 9.99
CA TYR A 175 -6.91 -2.04 11.37
C TYR A 175 -6.49 -3.51 11.40
N ASP A 176 -5.46 -3.82 12.20
CA ASP A 176 -4.92 -5.17 12.24
C ASP A 176 -5.85 -6.12 12.99
N LEU A 177 -5.88 -7.38 12.57
CA LEU A 177 -6.73 -8.37 13.22
C LEU A 177 -8.19 -7.93 13.17
N MET A 1 1.01 -15.75 8.64
CA MET A 1 -0.15 -15.15 7.92
C MET A 1 -0.75 -14.05 8.78
N GLU A 2 -0.82 -12.84 8.22
CA GLU A 2 -1.40 -11.71 8.93
C GLU A 2 -2.63 -11.20 8.18
N THR A 3 -3.66 -10.76 8.91
CA THR A 3 -4.90 -10.33 8.28
C THR A 3 -5.27 -8.93 8.74
N SER A 4 -5.73 -8.11 7.81
CA SER A 4 -6.15 -6.75 8.14
C SER A 4 -7.45 -6.41 7.41
N LEU A 5 -8.29 -5.62 8.07
CA LEU A 5 -9.55 -5.21 7.47
C LEU A 5 -9.36 -3.83 6.85
N ARG A 6 -9.86 -3.66 5.63
CA ARG A 6 -9.83 -2.38 4.96
C ARG A 6 -11.25 -1.94 4.64
N TYR A 7 -11.62 -0.77 5.12
CA TYR A 7 -12.95 -0.22 4.88
C TYR A 7 -12.83 0.85 3.80
N GLY A 8 -13.87 0.94 2.96
CA GLY A 8 -14.02 2.05 2.04
C GLY A 8 -15.21 2.91 2.47
N GLY A 9 -15.06 4.23 2.41
CA GLY A 9 -16.08 5.14 2.92
C GLY A 9 -16.80 5.84 1.78
N ASP A 10 -18.02 5.36 1.50
CA ASP A 10 -18.87 5.90 0.45
C ASP A 10 -20.16 5.10 0.40
N SER A 11 -20.01 3.78 0.43
CA SER A 11 -21.14 2.85 0.49
C SER A 11 -20.71 1.59 1.20
N LYS A 12 -21.62 0.62 1.35
CA LYS A 12 -21.27 -0.65 1.98
C LYS A 12 -20.11 -1.30 1.22
N ALA A 13 -18.97 -1.45 1.90
CA ALA A 13 -17.76 -1.89 1.22
C ALA A 13 -16.66 -2.28 2.20
N LEU A 14 -16.64 -3.55 2.61
CA LEU A 14 -15.56 -4.07 3.45
C LEU A 14 -14.78 -5.15 2.71
N LYS A 15 -13.46 -5.14 2.89
CA LYS A 15 -12.60 -6.13 2.23
C LYS A 15 -11.56 -6.66 3.20
N ILE A 16 -11.11 -7.89 2.96
CA ILE A 16 -10.05 -8.49 3.78
C ILE A 16 -8.79 -8.63 2.94
N HIS A 17 -7.68 -8.13 3.49
CA HIS A 17 -6.38 -8.27 2.84
C HIS A 17 -5.41 -8.94 3.81
N ALA A 18 -4.74 -9.98 3.35
CA ALA A 18 -3.83 -10.72 4.22
C ALA A 18 -2.56 -11.09 3.45
N LYS A 19 -1.45 -11.21 4.17
CA LYS A 19 -0.14 -11.40 3.54
C LYS A 19 0.53 -12.70 4.01
N GLU A 20 1.29 -13.31 3.11
CA GLU A 20 2.01 -14.54 3.42
C GLU A 20 3.45 -14.43 2.94
N LYS A 21 4.38 -15.06 3.65
CA LYS A 21 5.80 -14.98 3.32
C LYS A 21 6.37 -16.37 3.01
N LEU A 22 7.31 -16.42 2.07
CA LEU A 22 7.94 -17.69 1.70
C LEU A 22 9.44 -17.49 1.52
N ARG A 23 10.23 -18.50 1.89
CA ARG A 23 11.67 -18.40 1.72
C ARG A 23 12.09 -19.04 0.40
N ILE A 24 12.63 -18.23 -0.51
CA ILE A 24 13.09 -18.73 -1.79
C ILE A 24 14.58 -19.09 -1.69
N ASP A 25 15.33 -18.16 -1.10
CA ASP A 25 16.77 -18.34 -0.90
C ASP A 25 17.20 -17.54 0.33
N THR A 26 18.45 -17.71 0.75
CA THR A 26 18.94 -17.01 1.93
C THR A 26 18.75 -15.50 1.79
N ASN A 27 18.93 -14.98 0.58
CA ASN A 27 18.80 -13.54 0.33
C ASN A 27 17.55 -13.18 -0.50
N THR A 28 16.63 -14.13 -0.71
CA THR A 28 15.43 -13.86 -1.51
C THR A 28 14.16 -14.15 -0.73
N PHE A 29 13.29 -13.14 -0.64
CA PHE A 29 12.04 -13.29 0.12
C PHE A 29 10.82 -13.15 -0.80
N PHE A 30 9.78 -13.92 -0.48
CA PHE A 30 8.50 -13.82 -1.18
C PHE A 30 7.51 -13.15 -0.24
N GLN A 31 6.80 -12.13 -0.71
CA GLN A 31 5.77 -11.51 0.11
C GLN A 31 4.61 -11.11 -0.78
N VAL A 32 3.44 -11.70 -0.56
CA VAL A 32 2.31 -11.46 -1.46
C VAL A 32 1.03 -11.25 -0.67
N ARG A 33 0.06 -10.58 -1.29
CA ARG A 33 -1.15 -10.17 -0.59
C ARG A 33 -2.38 -10.60 -1.37
N GLY A 34 -3.36 -11.13 -0.67
CA GLY A 34 -4.61 -11.55 -1.28
C GLY A 34 -5.77 -10.75 -0.72
N GLY A 35 -6.52 -10.10 -1.61
CA GLY A 35 -7.70 -9.34 -1.23
C GLY A 35 -8.95 -10.09 -1.62
N LEU A 36 -9.78 -10.41 -0.63
CA LEU A 36 -10.99 -11.18 -0.86
C LEU A 36 -12.20 -10.24 -0.71
N ASP A 37 -13.13 -10.31 -1.65
CA ASP A 37 -14.33 -9.47 -1.59
C ASP A 37 -15.33 -10.07 -0.61
N THR A 38 -15.56 -9.37 0.51
CA THR A 38 -16.33 -9.92 1.62
C THR A 38 -17.66 -10.52 1.16
N LYS A 39 -17.78 -11.84 1.27
CA LYS A 39 -19.01 -12.56 0.96
C LYS A 39 -19.54 -12.16 -0.42
N THR A 40 -18.68 -12.29 -1.43
CA THR A 40 -19.06 -11.92 -2.79
C THR A 40 -18.52 -12.94 -3.80
N GLY A 41 -17.20 -12.96 -3.97
CA GLY A 41 -16.59 -13.82 -4.97
C GLY A 41 -15.61 -14.81 -4.34
N GLN A 42 -14.83 -14.31 -3.36
CA GLN A 42 -13.76 -15.02 -2.62
C GLN A 42 -12.40 -14.44 -2.98
N PRO A 43 -12.14 -14.09 -4.23
CA PRO A 43 -10.99 -13.21 -4.56
C PRO A 43 -11.43 -11.77 -4.76
N SER A 44 -10.47 -10.90 -5.04
CA SER A 44 -10.77 -9.55 -5.50
C SER A 44 -9.59 -9.00 -6.31
N SER A 45 -8.40 -9.14 -5.74
CA SER A 45 -7.17 -8.70 -6.41
C SER A 45 -5.95 -9.36 -5.76
N GLY A 46 -4.84 -9.45 -6.50
CA GLY A 46 -3.63 -10.07 -5.94
C GLY A 46 -2.39 -9.22 -6.18
N SER A 47 -1.41 -9.33 -5.30
CA SER A 47 -0.15 -8.61 -5.49
C SER A 47 1.00 -9.45 -4.95
N ALA A 48 2.21 -9.26 -5.47
CA ALA A 48 3.35 -10.03 -5.00
C ALA A 48 4.65 -9.24 -5.09
N LEU A 49 5.60 -9.56 -4.20
CA LEU A 49 6.90 -8.89 -4.21
C LEU A 49 8.05 -9.88 -4.07
N ILE A 50 9.09 -9.66 -4.88
CA ILE A 50 10.34 -10.41 -4.76
C ILE A 50 11.44 -9.43 -4.34
N ARG A 51 12.14 -9.68 -3.24
CA ARG A 51 13.11 -8.69 -2.74
C ARG A 51 14.36 -9.33 -2.14
N HIS A 52 15.44 -8.55 -2.14
CA HIS A 52 16.70 -8.95 -1.52
C HIS A 52 17.20 -7.82 -0.62
N PHE A 53 17.90 -8.16 0.46
CA PHE A 53 18.36 -7.14 1.41
C PHE A 53 19.78 -6.70 1.10
N TYR A 54 20.10 -5.43 1.38
CA TYR A 54 21.43 -4.91 1.11
C TYR A 54 21.88 -3.99 2.26
N PRO A 55 23.16 -3.66 2.34
CA PRO A 55 23.72 -2.85 3.47
C PRO A 55 23.04 -1.48 3.64
N ASN A 56 23.70 -0.57 4.34
CA ASN A 56 23.11 0.71 4.72
C ASN A 56 22.01 0.45 5.75
N PHE A 57 22.41 -0.05 6.91
CA PHE A 57 21.50 -0.46 7.97
C PHE A 57 20.63 -1.63 7.51
N SER A 58 19.65 -1.37 6.66
CA SER A 58 18.79 -2.43 6.15
C SER A 58 17.81 -1.88 5.13
N ALA A 59 18.01 -2.23 3.86
CA ALA A 59 17.08 -1.80 2.81
C ALA A 59 16.93 -2.91 1.79
N THR A 60 15.85 -2.89 1.01
CA THR A 60 15.58 -3.96 0.07
C THR A 60 15.30 -3.43 -1.34
N LEU A 61 15.70 -4.20 -2.34
CA LEU A 61 15.37 -3.90 -3.73
C LEU A 61 14.55 -5.06 -4.27
N GLY A 62 13.49 -4.77 -5.03
CA GLY A 62 12.63 -5.84 -5.51
C GLY A 62 11.69 -5.35 -6.59
N VAL A 63 10.80 -6.24 -7.03
CA VAL A 63 9.80 -5.86 -8.04
C VAL A 63 8.42 -6.22 -7.47
N GLY A 64 7.41 -5.49 -7.88
CA GLY A 64 6.04 -5.74 -7.44
C GLY A 64 5.12 -5.81 -8.63
N VAL A 65 4.11 -6.67 -8.57
CA VAL A 65 3.09 -6.71 -9.62
C VAL A 65 1.69 -6.80 -9.03
N ARG A 66 0.71 -6.50 -9.87
CA ARG A 66 -0.69 -6.48 -9.45
C ARG A 66 -1.53 -7.21 -10.49
N TYR A 67 -2.44 -8.06 -10.02
CA TYR A 67 -3.27 -8.88 -10.91
C TYR A 67 -4.73 -8.43 -10.85
N ASP A 68 -5.23 -7.94 -11.98
CA ASP A 68 -6.66 -7.74 -12.17
C ASP A 68 -7.21 -8.92 -12.96
N LYS A 69 -8.32 -9.46 -12.49
CA LYS A 69 -8.78 -10.79 -12.89
C LYS A 69 -9.25 -10.84 -14.33
N GLN A 70 -9.22 -12.04 -14.92
CA GLN A 70 -9.67 -12.24 -16.29
C GLN A 70 -11.16 -11.92 -16.43
N ASP A 71 -11.94 -12.23 -15.41
CA ASP A 71 -13.37 -11.96 -15.44
C ASP A 71 -13.62 -10.45 -15.44
N SER A 72 -14.64 -10.02 -16.18
CA SER A 72 -14.96 -8.59 -16.28
C SER A 72 -16.29 -8.29 -15.58
N VAL A 73 -16.42 -7.06 -15.10
CA VAL A 73 -17.65 -6.65 -14.41
C VAL A 73 -18.85 -6.65 -15.36
N GLY A 74 -18.62 -6.24 -16.60
CA GLY A 74 -19.69 -6.20 -17.58
C GLY A 74 -19.21 -5.61 -18.91
N VAL A 75 -20.13 -5.45 -19.85
CA VAL A 75 -19.78 -4.87 -21.14
C VAL A 75 -19.49 -3.38 -20.98
N ARG A 76 -20.29 -2.69 -20.18
CA ARG A 76 -20.15 -1.25 -20.01
C ARG A 76 -18.78 -0.89 -19.44
N TYR A 77 -18.31 -1.66 -18.47
CA TYR A 77 -17.01 -1.41 -17.85
C TYR A 77 -16.16 -2.68 -17.89
N ALA A 78 -14.86 -2.53 -18.18
CA ALA A 78 -13.98 -3.68 -18.28
C ALA A 78 -12.54 -3.31 -17.93
N LYS A 79 -12.36 -2.64 -16.80
CA LYS A 79 -11.04 -2.29 -16.32
C LYS A 79 -10.20 -3.53 -15.96
N ASN A 80 -10.86 -4.61 -15.56
CA ASN A 80 -10.16 -5.84 -15.19
C ASN A 80 -9.29 -6.34 -16.33
N ASP A 81 -8.69 -7.53 -16.15
CA ASP A 81 -7.82 -8.10 -17.17
C ASP A 81 -6.65 -7.15 -17.46
N LYS A 82 -5.81 -6.95 -16.44
CA LYS A 82 -4.77 -5.94 -16.52
C LYS A 82 -3.66 -6.26 -15.53
N LEU A 83 -2.43 -6.24 -16.02
CA LEU A 83 -1.27 -6.50 -15.17
C LEU A 83 -0.43 -5.23 -15.00
N ARG A 84 0.11 -5.05 -13.80
CA ARG A 84 1.08 -3.99 -13.56
C ARG A 84 2.36 -4.60 -13.01
N TYR A 85 3.51 -4.01 -13.34
CA TYR A 85 4.77 -4.45 -12.74
C TYR A 85 5.70 -3.26 -12.52
N THR A 86 6.54 -3.35 -11.50
CA THR A 86 7.34 -2.21 -11.07
C THR A 86 8.61 -2.66 -10.35
N VAL A 87 9.62 -1.80 -10.27
CA VAL A 87 10.82 -2.13 -9.52
C VAL A 87 11.21 -0.94 -8.65
N LEU A 88 11.52 -1.20 -7.39
CA LEU A 88 11.61 -0.12 -6.42
C LEU A 88 12.50 -0.49 -5.23
N ALA A 89 12.92 0.53 -4.50
CA ALA A 89 13.70 0.35 -3.28
C ALA A 89 12.81 0.58 -2.06
N LYS A 90 13.12 -0.08 -0.94
CA LYS A 90 12.41 0.15 0.30
C LYS A 90 13.38 0.62 1.37
N LYS A 91 13.12 1.80 1.95
CA LYS A 91 14.03 2.39 2.91
C LYS A 91 13.26 3.07 4.03
N THR A 92 13.75 2.96 5.26
CA THR A 92 13.10 3.59 6.41
C THR A 92 14.11 4.40 7.22
N PHE A 93 13.65 5.48 7.84
CA PHE A 93 14.51 6.27 8.70
C PHE A 93 13.69 6.87 9.85
N PRO A 94 14.01 6.59 11.10
CA PRO A 94 13.32 7.28 12.23
C PRO A 94 14.06 8.55 12.63
N VAL A 95 13.42 9.70 12.42
CA VAL A 95 14.02 11.00 12.74
C VAL A 95 13.17 11.76 13.77
N THR A 96 12.29 11.07 14.48
CA THR A 96 11.53 11.68 15.57
C THR A 96 12.40 11.82 16.81
N ASN A 97 13.13 10.76 17.14
CA ASN A 97 13.99 10.79 18.32
C ASN A 97 15.03 11.90 18.20
N ASP A 98 15.61 12.02 17.01
CA ASP A 98 16.58 13.10 16.75
C ASP A 98 15.96 14.27 15.97
N GLY A 99 14.62 14.32 15.88
CA GLY A 99 13.96 15.39 15.15
C GLY A 99 12.45 15.39 15.45
N LEU A 100 11.66 15.01 14.45
CA LEU A 100 10.21 14.99 14.62
C LEU A 100 9.48 14.25 13.49
N VAL A 101 10.20 13.48 12.68
CA VAL A 101 9.57 12.74 11.58
C VAL A 101 10.04 11.29 11.51
N ASN A 102 9.35 10.49 10.72
CA ASN A 102 9.76 9.10 10.51
C ASN A 102 9.04 8.55 9.27
N PHE A 103 9.77 7.91 8.35
CA PHE A 103 9.15 7.49 7.09
C PHE A 103 9.59 6.11 6.67
N LYS A 104 8.70 5.45 5.93
CA LYS A 104 9.05 4.20 5.25
C LYS A 104 8.60 4.35 3.82
N ILE A 105 9.52 4.26 2.86
CA ILE A 105 9.19 4.65 1.49
C ILE A 105 9.40 3.49 0.52
N LYS A 106 8.68 3.57 -0.58
CA LYS A 106 8.87 2.65 -1.68
C LYS A 106 9.06 3.51 -2.93
N GLY A 107 10.23 3.42 -3.56
CA GLY A 107 10.59 4.38 -4.60
C GLY A 107 11.02 3.67 -5.87
N GLY A 108 10.34 3.97 -6.97
CA GLY A 108 10.68 3.33 -8.24
C GLY A 108 9.71 3.68 -9.34
N CYS A 109 9.60 2.78 -10.33
CA CYS A 109 8.82 3.06 -11.52
C CYS A 109 7.92 1.88 -11.85
N ASP A 110 6.70 2.16 -12.29
CA ASP A 110 5.74 1.12 -12.61
C ASP A 110 5.23 1.30 -14.03
N VAL A 111 4.76 0.21 -14.64
CA VAL A 111 4.15 0.29 -15.96
C VAL A 111 2.85 -0.51 -15.98
N ASP A 112 1.85 0.03 -16.65
CA ASP A 112 0.58 -0.64 -16.79
C ASP A 112 0.59 -1.45 -18.08
N GLN A 113 0.39 -2.77 -17.91
CA GLN A 113 0.36 -3.71 -19.02
C GLN A 113 -1.05 -3.76 -19.57
N ASP A 114 -1.23 -2.93 -20.58
CA ASP A 114 -2.52 -2.64 -21.22
C ASP A 114 -2.33 -1.43 -22.14
N PHE A 115 -1.58 -0.44 -21.65
CA PHE A 115 -1.17 0.70 -22.45
C PHE A 115 0.12 1.22 -21.85
N LYS A 116 1.15 1.38 -22.66
CA LYS A 116 2.46 1.80 -22.16
C LYS A 116 2.38 3.05 -21.27
N GLU A 117 1.83 2.88 -20.07
CA GLU A 117 1.71 4.01 -19.15
C GLU A 117 2.70 3.85 -17.99
N TRP A 118 3.58 4.84 -17.80
CA TRP A 118 4.64 4.72 -16.79
C TRP A 118 4.54 5.85 -15.77
N LYS A 119 4.67 5.49 -14.49
CA LYS A 119 4.53 6.46 -13.41
C LYS A 119 5.62 6.25 -12.36
N SER A 120 5.96 7.31 -11.61
CA SER A 120 6.94 7.19 -10.53
C SER A 120 6.23 7.22 -9.18
N ARG A 121 6.80 6.52 -8.20
CA ARG A 121 6.08 6.27 -6.94
C ARG A 121 6.77 6.86 -5.71
N GLY A 122 6.05 7.77 -5.03
CA GLY A 122 6.32 8.18 -3.64
C GLY A 122 5.56 7.30 -2.64
N GLY A 123 5.89 6.01 -2.79
CA GLY A 123 5.13 4.88 -2.28
C GLY A 123 5.46 4.71 -0.81
N ALA A 124 4.90 5.58 0.00
CA ALA A 124 5.45 5.79 1.32
C ALA A 124 4.38 6.20 2.32
N GLU A 125 4.83 6.23 3.57
CA GLU A 125 4.11 6.96 4.59
C GLU A 125 5.14 7.83 5.29
N PHE A 126 5.06 9.13 5.04
CA PHE A 126 6.00 10.06 5.69
C PHE A 126 5.39 10.71 6.92
N SER A 127 5.96 10.46 8.11
CA SER A 127 5.33 10.91 9.35
C SER A 127 5.75 12.34 9.68
N TRP A 128 4.76 13.22 9.77
CA TRP A 128 4.98 14.64 10.01
C TRP A 128 4.20 15.10 11.24
N ASN A 129 4.66 16.20 11.82
CA ASN A 129 4.11 16.70 13.08
C ASN A 129 3.03 17.74 12.83
N VAL A 130 1.92 17.61 13.53
CA VAL A 130 0.82 18.57 13.39
C VAL A 130 0.30 18.98 14.77
N PHE A 131 -0.14 20.23 14.89
CA PHE A 131 -0.55 20.77 16.18
C PHE A 131 -1.58 19.86 16.86
N ASN A 132 -1.54 19.83 18.18
CA ASN A 132 -2.40 18.94 18.95
C ASN A 132 -3.66 19.67 19.43
N PHE A 133 -4.81 19.02 19.28
CA PHE A 133 -6.07 19.58 19.72
C PHE A 133 -6.73 18.67 20.76
N GLN A 134 -7.60 19.24 21.58
CA GLN A 134 -8.27 18.47 22.62
C GLN A 134 -9.03 17.28 22.00
N LYS A 135 -9.62 17.50 20.83
CA LYS A 135 -10.36 16.43 20.15
C LYS A 135 -9.45 15.24 19.85
N ASP A 136 -8.20 15.53 19.49
CA ASP A 136 -7.25 14.47 19.17
C ASP A 136 -5.81 14.96 19.38
N GLN A 137 -5.41 15.02 20.64
CA GLN A 137 -4.09 15.53 20.99
C GLN A 137 -2.99 14.77 20.25
N ASP A 138 -3.11 13.45 20.22
CA ASP A 138 -2.08 12.62 19.56
C ASP A 138 -2.52 12.23 18.16
N VAL A 139 -1.96 12.89 17.16
CA VAL A 139 -2.25 12.53 15.77
C VAL A 139 -1.00 12.71 14.90
N ARG A 140 -0.80 11.80 13.96
CA ARG A 140 0.33 11.90 13.03
C ARG A 140 -0.18 11.85 11.59
N LEU A 141 0.44 12.60 10.67
CA LEU A 141 -0.06 12.71 9.30
C LEU A 141 1.04 12.27 8.32
N ARG A 142 0.69 11.41 7.38
CA ARG A 142 1.66 10.90 6.40
C ARG A 142 0.92 10.50 5.13
N ILE A 143 1.46 10.61 3.88
CA ILE A 143 0.57 10.54 2.76
C ILE A 143 0.70 9.07 2.41
N GLY A 144 -0.43 8.39 2.50
CA GLY A 144 -0.52 7.01 2.09
C GLY A 144 -0.70 7.10 0.60
N TYR A 145 0.44 7.13 -0.09
CA TYR A 145 0.41 7.59 -1.47
C TYR A 145 1.48 7.01 -2.34
N GLU A 146 1.16 7.10 -3.61
CA GLU A 146 2.13 6.94 -4.67
C GLU A 146 2.18 8.33 -5.27
N ALA A 147 3.27 9.06 -5.00
CA ALA A 147 3.28 10.48 -5.35
C ALA A 147 3.94 10.69 -6.70
N PHE A 148 3.63 11.86 -7.26
CA PHE A 148 3.75 12.23 -8.68
C PHE A 148 2.33 12.19 -9.27
N GLU A 149 2.16 11.84 -10.55
CA GLU A 149 0.85 11.97 -11.20
C GLU A 149 -0.24 11.10 -10.57
N GLN A 150 0.14 9.98 -9.98
CA GLN A 150 -0.82 8.97 -9.54
C GLN A 150 -1.92 9.56 -8.63
N VAL A 151 -1.78 9.48 -7.30
CA VAL A 151 -2.82 9.97 -6.40
C VAL A 151 -2.30 9.99 -4.95
N PRO A 152 -2.47 11.07 -4.21
CA PRO A 152 -2.19 11.06 -2.75
C PRO A 152 -3.43 10.97 -1.88
N TYR A 153 -3.41 10.06 -0.90
CA TYR A 153 -4.42 10.07 0.15
C TYR A 153 -3.76 10.14 1.53
N LEU A 154 -4.36 10.87 2.45
CA LEU A 154 -3.69 11.23 3.70
C LEU A 154 -4.02 10.24 4.80
N GLN A 155 -2.99 9.65 5.36
CA GLN A 155 -3.13 8.55 6.29
C GLN A 155 -2.76 9.06 7.66
N ILE A 156 -3.64 8.89 8.64
CA ILE A 156 -3.34 9.36 9.98
C ILE A 156 -3.58 8.26 11.00
N ARG A 157 -2.87 8.37 12.12
CA ARG A 157 -3.05 7.47 13.24
C ARG A 157 -3.67 8.23 14.39
N GLU A 158 -4.82 7.74 14.87
CA GLU A 158 -5.48 8.36 16.01
C GLU A 158 -5.99 7.29 16.96
N ASN A 159 -5.69 7.43 18.25
CA ASN A 159 -6.09 6.46 19.26
C ASN A 159 -5.52 5.07 18.93
N ASN A 160 -6.21 4.28 18.10
CA ASN A 160 -5.71 2.97 17.71
C ASN A 160 -6.26 2.52 16.36
N TRP A 161 -6.57 3.47 15.48
CA TRP A 161 -7.09 3.15 14.15
C TRP A 161 -6.31 3.93 13.10
N THR A 162 -6.24 3.41 11.87
CA THR A 162 -5.51 4.09 10.81
C THR A 162 -6.48 4.35 9.68
N PHE A 163 -6.58 5.61 9.24
CA PHE A 163 -7.63 5.98 8.30
C PHE A 163 -7.08 6.90 7.21
N ASN A 164 -7.75 6.92 6.06
CA ASN A 164 -7.24 7.60 4.88
C ASN A 164 -8.29 8.48 4.22
N ALA A 165 -7.87 9.59 3.61
CA ALA A 165 -8.75 10.35 2.72
C ALA A 165 -8.11 10.47 1.35
N ASP A 166 -8.86 10.12 0.31
CA ASP A 166 -8.35 10.20 -1.04
C ASP A 166 -9.01 11.36 -1.74
N TYR A 167 -8.32 11.99 -2.68
CA TYR A 167 -8.88 13.12 -3.40
C TYR A 167 -10.19 12.79 -4.13
N LYS A 168 -10.46 11.49 -4.32
CA LYS A 168 -11.69 11.06 -4.97
C LYS A 168 -12.94 11.40 -4.13
N GLY A 169 -12.76 11.80 -2.88
CA GLY A 169 -13.85 11.86 -1.92
C GLY A 169 -14.03 10.51 -1.24
N ARG A 170 -12.94 9.75 -1.04
CA ARG A 170 -13.08 8.41 -0.45
C ARG A 170 -12.41 8.34 0.92
N TRP A 171 -13.10 7.72 1.87
CA TRP A 171 -12.55 7.53 3.21
C TRP A 171 -12.21 6.06 3.41
N ASN A 172 -11.28 5.75 4.31
CA ASN A 172 -10.95 4.36 4.57
C ASN A 172 -10.41 4.15 5.99
N VAL A 173 -10.50 2.90 6.45
CA VAL A 173 -9.88 2.51 7.72
C VAL A 173 -9.03 1.25 7.51
N ARG A 174 -8.01 1.12 8.35
CA ARG A 174 -7.20 -0.08 8.39
C ARG A 174 -7.05 -0.50 9.84
N TYR A 175 -7.42 -1.75 10.13
CA TYR A 175 -7.36 -2.24 11.50
C TYR A 175 -6.93 -3.71 11.51
N ASP A 176 -5.96 -4.03 12.36
CA ASP A 176 -5.39 -5.38 12.39
C ASP A 176 -6.35 -6.38 13.02
N LEU A 177 -6.31 -7.63 12.55
CA LEU A 177 -7.18 -8.67 13.08
C LEU A 177 -6.40 -9.59 14.00
N MET A 1 1.80 -14.39 8.45
CA MET A 1 0.36 -14.39 8.05
C MET A 1 -0.42 -13.43 8.96
N GLU A 2 -0.75 -12.27 8.42
CA GLU A 2 -1.51 -11.27 9.18
C GLU A 2 -2.76 -10.87 8.41
N THR A 3 -3.82 -10.50 9.12
CA THR A 3 -5.07 -10.14 8.48
C THR A 3 -5.57 -8.80 9.01
N SER A 4 -6.01 -7.94 8.10
CA SER A 4 -6.53 -6.63 8.49
C SER A 4 -7.85 -6.36 7.79
N LEU A 5 -8.67 -5.53 8.41
CA LEU A 5 -9.93 -5.13 7.80
C LEU A 5 -9.73 -3.80 7.09
N ARG A 6 -10.25 -3.71 5.87
CA ARG A 6 -10.17 -2.49 5.09
C ARG A 6 -11.58 -2.03 4.75
N TYR A 7 -11.93 -0.84 5.19
CA TYR A 7 -13.24 -0.27 4.91
C TYR A 7 -13.12 0.71 3.74
N GLY A 8 -14.14 0.72 2.90
CA GLY A 8 -14.27 1.73 1.85
C GLY A 8 -15.58 2.50 2.06
N GLY A 9 -15.47 3.81 2.24
CA GLY A 9 -16.63 4.62 2.56
C GLY A 9 -17.20 5.28 1.32
N ASP A 10 -18.36 4.79 0.88
CA ASP A 10 -19.04 5.31 -0.29
C ASP A 10 -20.48 4.82 -0.31
N SER A 11 -20.66 3.52 -0.03
CA SER A 11 -21.99 2.93 0.03
C SER A 11 -21.90 1.45 0.41
N LYS A 12 -21.58 1.17 1.66
CA LYS A 12 -21.47 -0.20 2.14
C LYS A 12 -20.37 -0.95 1.38
N ALA A 13 -19.25 -1.20 2.05
CA ALA A 13 -18.13 -1.85 1.38
C ALA A 13 -17.05 -2.26 2.39
N LEU A 14 -17.02 -3.55 2.74
CA LEU A 14 -15.95 -4.08 3.59
C LEU A 14 -15.18 -5.18 2.90
N LYS A 15 -13.87 -5.18 3.10
CA LYS A 15 -13.00 -6.18 2.49
C LYS A 15 -11.88 -6.56 3.44
N ILE A 16 -11.19 -7.67 3.15
CA ILE A 16 -10.05 -8.10 3.94
C ILE A 16 -8.77 -8.01 3.13
N HIS A 17 -7.73 -7.47 3.77
CA HIS A 17 -6.42 -7.35 3.16
C HIS A 17 -5.43 -8.08 4.05
N ALA A 18 -4.73 -9.07 3.49
CA ALA A 18 -3.87 -9.92 4.29
C ALA A 18 -2.55 -10.17 3.59
N LYS A 19 -1.52 -10.47 4.38
CA LYS A 19 -0.14 -10.48 3.89
C LYS A 19 0.58 -11.76 4.32
N GLU A 20 1.43 -12.30 3.43
CA GLU A 20 2.12 -13.54 3.73
C GLU A 20 3.58 -13.46 3.25
N LYS A 21 4.49 -14.15 3.95
CA LYS A 21 5.90 -14.13 3.58
C LYS A 21 6.47 -15.54 3.46
N LEU A 22 7.47 -15.72 2.58
CA LEU A 22 8.07 -17.04 2.38
C LEU A 22 9.57 -16.90 2.16
N ARG A 23 10.32 -17.93 2.55
CA ARG A 23 11.76 -17.91 2.35
C ARG A 23 12.12 -18.71 1.10
N ILE A 24 12.65 -18.04 0.09
CA ILE A 24 12.98 -18.71 -1.17
C ILE A 24 14.42 -19.19 -1.12
N ASP A 25 15.35 -18.24 -0.97
CA ASP A 25 16.77 -18.57 -0.94
C ASP A 25 17.43 -17.88 0.25
N THR A 26 18.76 -17.97 0.32
CA THR A 26 19.50 -17.39 1.43
C THR A 26 19.29 -15.88 1.51
N ASN A 27 19.11 -15.22 0.36
CA ASN A 27 18.94 -13.77 0.33
C ASN A 27 17.74 -13.34 -0.53
N THR A 28 16.74 -14.20 -0.65
CA THR A 28 15.55 -13.87 -1.45
C THR A 28 14.29 -14.01 -0.60
N PHE A 29 13.47 -12.96 -0.58
CA PHE A 29 12.26 -12.96 0.24
C PHE A 29 11.02 -12.87 -0.63
N PHE A 30 9.98 -13.59 -0.22
CA PHE A 30 8.68 -13.54 -0.88
C PHE A 30 7.74 -12.72 0.01
N GLN A 31 7.05 -11.73 -0.56
CA GLN A 31 6.11 -10.94 0.22
C GLN A 31 4.92 -10.58 -0.66
N VAL A 32 3.73 -11.07 -0.32
CA VAL A 32 2.58 -10.92 -1.21
C VAL A 32 1.33 -10.58 -0.42
N ARG A 33 0.32 -10.06 -1.09
CA ARG A 33 -0.88 -9.62 -0.40
C ARG A 33 -2.10 -9.76 -1.30
N GLY A 34 -3.27 -9.93 -0.68
CA GLY A 34 -4.51 -10.05 -1.44
C GLY A 34 -5.62 -9.24 -0.79
N GLY A 35 -6.55 -8.77 -1.59
CA GLY A 35 -7.69 -8.00 -1.10
C GLY A 35 -8.98 -8.57 -1.66
N LEU A 36 -9.78 -9.22 -0.82
CA LEU A 36 -10.95 -9.96 -1.30
C LEU A 36 -12.19 -9.54 -0.55
N ASP A 37 -13.35 -9.67 -1.18
CA ASP A 37 -14.60 -9.28 -0.53
C ASP A 37 -14.97 -10.30 0.54
N THR A 38 -15.39 -9.80 1.70
CA THR A 38 -15.58 -10.64 2.89
C THR A 38 -16.31 -11.94 2.58
N LYS A 39 -15.63 -13.05 2.85
CA LYS A 39 -16.20 -14.38 2.70
C LYS A 39 -16.54 -14.70 1.24
N THR A 40 -15.65 -14.31 0.31
CA THR A 40 -15.78 -14.72 -1.09
C THR A 40 -16.97 -14.02 -1.74
N GLY A 41 -17.15 -12.74 -1.41
CA GLY A 41 -18.13 -11.91 -2.10
C GLY A 41 -17.86 -11.93 -3.60
N GLN A 42 -16.56 -11.87 -3.97
CA GLN A 42 -16.08 -12.01 -5.35
C GLN A 42 -14.70 -11.36 -5.49
N PRO A 43 -14.56 -10.07 -5.25
CA PRO A 43 -13.21 -9.41 -5.26
C PRO A 43 -12.16 -10.26 -4.56
N SER A 44 -10.89 -10.01 -4.90
CA SER A 44 -9.75 -10.86 -4.50
C SER A 44 -8.55 -10.57 -5.41
N SER A 45 -8.16 -9.29 -5.46
CA SER A 45 -7.00 -8.90 -6.26
C SER A 45 -5.73 -9.37 -5.56
N GLY A 46 -4.63 -9.49 -6.29
CA GLY A 46 -3.41 -10.04 -5.69
C GLY A 46 -2.16 -9.33 -6.19
N SER A 47 -1.14 -9.28 -5.34
CA SER A 47 0.14 -8.70 -5.74
C SER A 47 1.26 -9.41 -5.00
N ALA A 48 2.47 -9.35 -5.55
CA ALA A 48 3.60 -10.05 -4.94
C ALA A 48 4.90 -9.28 -5.10
N LEU A 49 5.83 -9.51 -4.18
CA LEU A 49 7.13 -8.84 -4.22
C LEU A 49 8.27 -9.83 -4.09
N ILE A 50 9.29 -9.64 -4.94
CA ILE A 50 10.53 -10.42 -4.82
C ILE A 50 11.65 -9.44 -4.49
N ARG A 51 12.39 -9.67 -3.39
CA ARG A 51 13.39 -8.69 -2.97
C ARG A 51 14.64 -9.34 -2.37
N HIS A 52 15.75 -8.59 -2.44
CA HIS A 52 17.00 -9.03 -1.84
C HIS A 52 17.54 -7.90 -0.95
N PHE A 53 18.20 -8.26 0.14
CA PHE A 53 18.67 -7.27 1.11
C PHE A 53 20.04 -6.72 0.69
N TYR A 54 20.30 -5.46 1.03
CA TYR A 54 21.56 -4.82 0.67
C TYR A 54 22.07 -3.96 1.83
N PRO A 55 23.33 -3.55 1.80
CA PRO A 55 23.93 -2.78 2.94
C PRO A 55 23.23 -1.44 3.17
N ASN A 56 23.95 -0.47 3.76
CA ASN A 56 23.35 0.81 4.13
C ASN A 56 22.29 0.58 5.20
N PHE A 57 22.75 0.03 6.33
CA PHE A 57 21.88 -0.34 7.45
C PHE A 57 20.95 -1.50 7.06
N SER A 58 19.97 -1.22 6.22
CA SER A 58 19.06 -2.28 5.77
C SER A 58 18.10 -1.74 4.69
N ALA A 59 18.31 -2.18 3.46
CA ALA A 59 17.41 -1.79 2.38
C ALA A 59 17.29 -2.94 1.40
N THR A 60 16.20 -2.96 0.62
CA THR A 60 15.99 -4.06 -0.32
C THR A 60 15.65 -3.54 -1.72
N LEU A 61 16.05 -4.29 -2.72
CA LEU A 61 15.67 -3.99 -4.11
C LEU A 61 14.81 -5.13 -4.62
N GLY A 62 13.70 -4.82 -5.29
CA GLY A 62 12.81 -5.88 -5.73
C GLY A 62 11.80 -5.37 -6.75
N VAL A 63 10.88 -6.24 -7.16
CA VAL A 63 9.86 -5.84 -8.13
C VAL A 63 8.50 -6.21 -7.53
N GLY A 64 7.48 -5.47 -7.91
CA GLY A 64 6.12 -5.73 -7.46
C GLY A 64 5.18 -5.78 -8.65
N VAL A 65 4.26 -6.73 -8.65
CA VAL A 65 3.22 -6.77 -9.68
C VAL A 65 1.87 -7.03 -9.03
N ARG A 66 0.81 -6.73 -9.77
CA ARG A 66 -0.54 -6.92 -9.28
C ARG A 66 -1.46 -7.37 -10.41
N TYR A 67 -2.37 -8.30 -10.08
CA TYR A 67 -3.30 -8.83 -11.07
C TYR A 67 -4.71 -8.35 -10.78
N ASP A 68 -5.38 -7.94 -11.86
CA ASP A 68 -6.79 -7.57 -11.80
C ASP A 68 -7.54 -8.37 -12.86
N LYS A 69 -8.73 -8.85 -12.49
CA LYS A 69 -9.47 -9.85 -13.25
C LYS A 69 -10.43 -9.17 -14.22
N GLN A 70 -10.83 -9.87 -15.28
CA GLN A 70 -11.83 -9.34 -16.21
C GLN A 70 -12.94 -10.35 -16.44
N ASP A 71 -13.91 -10.37 -15.53
CA ASP A 71 -15.05 -11.28 -15.64
C ASP A 71 -15.89 -11.01 -16.88
N SER A 72 -15.94 -9.75 -17.31
CA SER A 72 -16.80 -9.36 -18.41
C SER A 72 -16.57 -10.22 -19.65
N VAL A 73 -15.32 -10.63 -19.87
CA VAL A 73 -14.99 -11.46 -21.02
C VAL A 73 -14.12 -12.65 -20.59
N GLY A 74 -14.36 -13.81 -21.19
CA GLY A 74 -13.59 -15.00 -20.87
C GLY A 74 -13.88 -16.13 -21.86
N VAL A 75 -14.06 -15.78 -23.13
CA VAL A 75 -14.35 -16.78 -24.15
C VAL A 75 -13.26 -17.85 -24.19
N ARG A 76 -12.01 -17.43 -24.03
CA ARG A 76 -10.89 -18.36 -24.01
C ARG A 76 -9.79 -17.86 -23.09
N TYR A 77 -9.11 -16.79 -23.50
CA TYR A 77 -8.06 -16.19 -22.68
C TYR A 77 -8.14 -14.67 -22.75
N ALA A 78 -8.68 -14.06 -21.70
CA ALA A 78 -8.80 -12.60 -21.63
C ALA A 78 -9.48 -12.16 -20.34
N LYS A 79 -9.20 -12.87 -19.25
CA LYS A 79 -9.83 -12.56 -17.96
C LYS A 79 -8.85 -11.80 -17.06
N ASN A 80 -8.57 -10.55 -17.43
CA ASN A 80 -7.67 -9.72 -16.63
C ASN A 80 -7.85 -8.24 -16.96
N ASP A 81 -8.47 -7.47 -16.06
CA ASP A 81 -8.68 -6.05 -16.32
C ASP A 81 -7.36 -5.33 -16.56
N LYS A 82 -6.35 -5.65 -15.75
CA LYS A 82 -5.11 -4.87 -15.75
C LYS A 82 -3.99 -5.69 -15.12
N LEU A 83 -2.81 -5.60 -15.70
CA LEU A 83 -1.60 -6.09 -15.07
C LEU A 83 -0.67 -4.91 -14.83
N ARG A 84 -0.06 -4.84 -13.65
CA ARG A 84 0.93 -3.80 -13.38
C ARG A 84 2.22 -4.42 -12.85
N TYR A 85 3.35 -3.81 -13.16
CA TYR A 85 4.63 -4.29 -12.65
C TYR A 85 5.60 -3.13 -12.43
N THR A 86 6.46 -3.25 -11.43
CA THR A 86 7.30 -2.12 -11.02
C THR A 86 8.57 -2.60 -10.33
N VAL A 87 9.59 -1.75 -10.26
CA VAL A 87 10.82 -2.10 -9.53
C VAL A 87 11.27 -0.91 -8.71
N LEU A 88 11.63 -1.15 -7.45
CA LEU A 88 11.84 -0.04 -6.52
C LEU A 88 12.77 -0.43 -5.38
N ALA A 89 13.30 0.58 -4.71
CA ALA A 89 14.07 0.39 -3.49
C ALA A 89 13.16 0.57 -2.28
N LYS A 90 13.33 -0.28 -1.27
CA LYS A 90 12.55 -0.15 -0.04
C LYS A 90 13.48 0.28 1.08
N LYS A 91 13.16 1.41 1.70
CA LYS A 91 14.02 1.98 2.73
C LYS A 91 13.19 2.51 3.89
N THR A 92 13.63 2.25 5.11
CA THR A 92 12.92 2.74 6.29
C THR A 92 13.89 3.49 7.20
N PHE A 93 13.40 4.54 7.85
CA PHE A 93 14.24 5.32 8.75
C PHE A 93 13.42 5.82 9.95
N PRO A 94 13.76 5.47 11.17
CA PRO A 94 13.09 6.08 12.36
C PRO A 94 13.82 7.35 12.80
N VAL A 95 13.15 8.48 12.66
CA VAL A 95 13.74 9.78 13.04
C VAL A 95 12.90 10.46 14.14
N THR A 96 12.25 9.63 14.95
CA THR A 96 11.49 10.11 16.11
C THR A 96 12.37 10.42 17.33
N ASN A 97 13.68 10.21 17.23
CA ASN A 97 14.59 10.53 18.33
C ASN A 97 14.43 12.00 18.74
N ASP A 98 14.30 12.87 17.74
CA ASP A 98 14.02 14.29 17.99
C ASP A 98 12.56 14.67 17.71
N GLY A 99 11.69 13.68 17.44
CA GLY A 99 10.29 13.95 17.15
C GLY A 99 10.14 14.55 15.76
N LEU A 100 10.83 13.99 14.78
CA LEU A 100 10.82 14.53 13.43
C LEU A 100 9.82 13.74 12.59
N VAL A 101 10.15 12.48 12.36
CA VAL A 101 9.40 11.65 11.40
C VAL A 101 9.72 10.16 11.57
N ASN A 102 9.03 9.35 10.77
CA ASN A 102 9.37 7.93 10.64
C ASN A 102 8.68 7.39 9.40
N PHE A 103 9.43 6.78 8.47
CA PHE A 103 8.83 6.42 7.18
C PHE A 103 9.33 5.09 6.63
N LYS A 104 8.51 4.51 5.75
CA LYS A 104 8.92 3.36 4.97
C LYS A 104 8.50 3.65 3.54
N ILE A 105 9.46 3.69 2.60
CA ILE A 105 9.16 4.19 1.26
C ILE A 105 9.48 3.17 0.19
N LYS A 106 8.81 3.33 -0.94
CA LYS A 106 9.12 2.57 -2.15
C LYS A 106 9.41 3.58 -3.25
N GLY A 107 10.63 3.57 -3.76
CA GLY A 107 11.04 4.56 -4.75
C GLY A 107 11.44 3.87 -6.04
N GLY A 108 10.65 4.08 -7.09
CA GLY A 108 10.94 3.39 -8.35
C GLY A 108 9.89 3.67 -9.42
N CYS A 109 9.81 2.77 -10.40
CA CYS A 109 9.00 3.02 -11.59
C CYS A 109 8.01 1.88 -11.80
N ASP A 110 6.77 2.25 -12.08
CA ASP A 110 5.70 1.28 -12.31
C ASP A 110 5.10 1.51 -13.68
N VAL A 111 4.64 0.45 -14.33
CA VAL A 111 4.00 0.58 -15.63
C VAL A 111 2.68 -0.18 -15.66
N ASP A 112 1.68 0.44 -16.29
CA ASP A 112 0.39 -0.20 -16.46
C ASP A 112 0.38 -0.97 -17.77
N GLN A 113 0.10 -2.28 -17.64
CA GLN A 113 -0.02 -3.17 -18.78
C GLN A 113 -1.45 -3.10 -19.28
N ASP A 114 -1.61 -2.22 -20.25
CA ASP A 114 -2.90 -1.81 -20.82
C ASP A 114 -2.64 -0.58 -21.70
N PHE A 115 -1.87 0.36 -21.16
CA PHE A 115 -1.36 1.48 -21.92
C PHE A 115 0.05 1.74 -21.44
N LYS A 116 1.04 1.68 -22.34
CA LYS A 116 2.43 1.89 -21.97
C LYS A 116 2.63 3.17 -21.15
N GLU A 117 2.10 3.18 -19.93
CA GLU A 117 2.15 4.37 -19.08
C GLU A 117 3.09 4.13 -17.90
N TRP A 118 4.14 4.94 -17.80
CA TRP A 118 5.19 4.70 -16.79
C TRP A 118 5.31 5.90 -15.85
N LYS A 119 5.33 5.62 -14.55
CA LYS A 119 5.34 6.68 -13.54
C LYS A 119 6.40 6.40 -12.47
N SER A 120 6.97 7.44 -11.87
CA SER A 120 7.90 7.28 -10.75
C SER A 120 7.23 7.75 -9.46
N ARG A 121 7.27 6.95 -8.40
CA ARG A 121 6.39 7.17 -7.25
C ARG A 121 7.12 7.30 -5.91
N GLY A 122 6.57 8.20 -5.08
CA GLY A 122 6.91 8.36 -3.66
C GLY A 122 5.90 7.59 -2.79
N GLY A 123 6.00 6.27 -2.93
CA GLY A 123 4.94 5.38 -2.47
C GLY A 123 5.31 4.83 -1.11
N ALA A 124 4.57 5.26 -0.11
CA ALA A 124 5.14 5.24 1.22
C ALA A 124 4.11 5.44 2.32
N GLU A 125 4.64 5.30 3.54
CA GLU A 125 4.03 5.93 4.70
C GLU A 125 5.06 6.93 5.22
N PHE A 126 4.80 8.23 5.05
CA PHE A 126 5.71 9.25 5.61
C PHE A 126 5.14 9.89 6.87
N SER A 127 5.70 9.57 8.04
CA SER A 127 5.11 10.05 9.29
C SER A 127 5.69 11.42 9.62
N TRP A 128 4.80 12.39 9.72
CA TRP A 128 5.18 13.77 10.06
C TRP A 128 4.38 14.25 11.25
N ASN A 129 4.90 15.25 11.95
CA ASN A 129 4.28 15.74 13.18
C ASN A 129 3.55 17.06 12.95
N VAL A 130 2.45 17.25 13.65
CA VAL A 130 1.63 18.45 13.48
C VAL A 130 1.21 19.01 14.83
N PHE A 131 1.26 20.33 14.97
CA PHE A 131 0.89 20.96 16.23
C PHE A 131 -0.63 21.14 16.32
N ASN A 132 -1.16 20.95 17.53
CA ASN A 132 -2.60 21.05 17.73
C ASN A 132 -2.98 22.41 18.31
N PHE A 133 -4.10 22.96 17.86
CA PHE A 133 -4.54 24.27 18.34
C PHE A 133 -5.07 24.17 19.77
N GLN A 134 -5.82 23.11 20.06
CA GLN A 134 -6.37 22.94 21.40
C GLN A 134 -7.07 21.58 21.54
N LYS A 135 -6.28 20.54 21.77
CA LYS A 135 -6.82 19.21 22.01
C LYS A 135 -5.72 18.24 22.46
N ASP A 136 -6.08 17.30 23.31
CA ASP A 136 -5.10 16.36 23.86
C ASP A 136 -4.98 15.07 23.05
N GLN A 137 -5.46 15.08 21.81
CA GLN A 137 -5.38 13.88 20.96
C GLN A 137 -4.23 14.01 19.96
N ASP A 138 -3.18 13.23 20.19
CA ASP A 138 -2.03 13.24 19.30
C ASP A 138 -2.33 12.47 18.01
N VAL A 139 -1.94 13.04 16.88
CA VAL A 139 -2.18 12.41 15.58
C VAL A 139 -0.94 12.53 14.70
N ARG A 140 -0.69 11.49 13.88
CA ARG A 140 0.45 11.52 12.96
C ARG A 140 -0.06 11.46 11.52
N LEU A 141 0.59 12.18 10.60
CA LEU A 141 0.09 12.32 9.23
C LEU A 141 1.13 11.85 8.20
N ARG A 142 0.65 11.25 7.11
CA ARG A 142 1.47 10.78 5.99
C ARG A 142 0.64 10.77 4.71
N ILE A 143 1.19 10.52 3.48
CA ILE A 143 0.32 10.20 2.39
C ILE A 143 0.49 8.68 2.27
N GLY A 144 -0.64 8.02 2.26
CA GLY A 144 -0.70 6.59 2.02
C GLY A 144 -0.92 6.45 0.52
N TYR A 145 0.17 6.24 -0.20
CA TYR A 145 0.14 6.60 -1.60
C TYR A 145 1.20 5.96 -2.46
N GLU A 146 1.01 6.22 -3.75
CA GLU A 146 2.08 6.25 -4.73
C GLU A 146 1.94 7.60 -5.43
N ALA A 147 2.85 8.54 -5.16
CA ALA A 147 2.66 9.92 -5.66
C ALA A 147 3.39 10.17 -6.97
N PHE A 148 2.60 10.64 -7.94
CA PHE A 148 3.08 11.14 -9.23
C PHE A 148 1.86 11.51 -10.06
N GLU A 149 1.05 10.49 -10.38
CA GLU A 149 -0.23 10.70 -11.05
C GLU A 149 -1.29 9.70 -10.59
N GLN A 150 -0.88 8.51 -10.12
CA GLN A 150 -1.82 7.47 -9.73
C GLN A 150 -2.84 8.00 -8.72
N VAL A 151 -2.48 8.12 -7.44
CA VAL A 151 -3.43 8.58 -6.43
C VAL A 151 -2.75 8.75 -5.07
N PRO A 152 -2.80 9.92 -4.45
CA PRO A 152 -2.45 10.07 -3.02
C PRO A 152 -3.67 10.16 -2.11
N TYR A 153 -3.70 9.37 -1.04
CA TYR A 153 -4.71 9.56 0.01
C TYR A 153 -4.02 9.84 1.34
N LEU A 154 -4.60 10.71 2.14
CA LEU A 154 -3.93 11.22 3.34
C LEU A 154 -4.33 10.38 4.53
N GLN A 155 -3.35 9.82 5.21
CA GLN A 155 -3.63 8.76 6.18
C GLN A 155 -3.08 9.18 7.53
N ILE A 156 -3.90 9.03 8.57
CA ILE A 156 -3.48 9.41 9.90
C ILE A 156 -3.79 8.30 10.88
N ARG A 157 -3.05 8.26 11.98
CA ARG A 157 -3.27 7.25 13.00
C ARG A 157 -3.63 7.91 14.33
N GLU A 158 -4.69 7.41 14.96
CA GLU A 158 -5.06 7.87 16.30
C GLU A 158 -5.46 6.68 17.16
N ASN A 159 -4.94 6.64 18.39
CA ASN A 159 -5.22 5.53 19.30
C ASN A 159 -4.79 4.18 18.70
N ASN A 160 -5.64 3.55 17.90
CA ASN A 160 -5.29 2.27 17.27
C ASN A 160 -6.02 2.06 15.94
N TRP A 161 -6.41 3.14 15.26
CA TRP A 161 -7.09 3.02 13.99
C TRP A 161 -6.37 3.88 12.95
N THR A 162 -6.34 3.43 11.70
CA THR A 162 -5.65 4.18 10.65
C THR A 162 -6.66 4.48 9.56
N PHE A 163 -6.81 5.76 9.22
CA PHE A 163 -7.92 6.18 8.37
C PHE A 163 -7.40 7.20 7.36
N ASN A 164 -8.08 7.37 6.23
CA ASN A 164 -7.60 8.31 5.21
C ASN A 164 -8.68 8.85 4.28
N ALA A 165 -8.28 9.86 3.51
CA ALA A 165 -9.12 10.43 2.47
C ALA A 165 -8.46 10.28 1.11
N ASP A 166 -9.24 9.88 0.11
CA ASP A 166 -8.71 9.77 -1.25
C ASP A 166 -9.37 10.84 -2.11
N TYR A 167 -8.64 11.35 -3.08
CA TYR A 167 -9.13 12.44 -3.92
C TYR A 167 -10.45 12.09 -4.63
N LYS A 168 -10.81 10.81 -4.66
CA LYS A 168 -12.07 10.39 -5.27
C LYS A 168 -13.26 10.56 -4.31
N GLY A 169 -13.07 11.30 -3.21
CA GLY A 169 -14.12 11.44 -2.20
C GLY A 169 -14.34 10.11 -1.49
N ARG A 170 -13.27 9.34 -1.28
CA ARG A 170 -13.42 8.02 -0.66
C ARG A 170 -12.82 8.00 0.74
N TRP A 171 -13.53 7.36 1.67
CA TRP A 171 -13.02 7.24 3.04
C TRP A 171 -12.50 5.83 3.26
N ASN A 172 -11.44 5.67 4.06
CA ASN A 172 -10.90 4.34 4.32
C ASN A 172 -10.48 4.15 5.77
N VAL A 173 -10.60 2.92 6.27
CA VAL A 173 -10.03 2.55 7.56
C VAL A 173 -9.21 1.27 7.39
N ARG A 174 -8.15 1.17 8.19
CA ARG A 174 -7.35 -0.04 8.26
C ARG A 174 -7.16 -0.39 9.73
N TYR A 175 -7.54 -1.59 10.10
CA TYR A 175 -7.42 -2.02 11.48
C TYR A 175 -6.95 -3.48 11.56
N ASP A 176 -5.88 -3.72 12.29
CA ASP A 176 -5.28 -5.06 12.37
C ASP A 176 -6.09 -5.97 13.27
N LEU A 177 -6.20 -7.24 12.88
CA LEU A 177 -6.96 -8.21 13.68
C LEU A 177 -6.06 -8.89 14.70
N MET A 1 1.49 -15.32 8.86
CA MET A 1 0.20 -14.91 8.22
C MET A 1 -0.45 -13.80 9.05
N GLU A 2 -0.62 -12.63 8.44
CA GLU A 2 -1.23 -11.49 9.12
C GLU A 2 -2.53 -11.11 8.40
N THR A 3 -3.56 -10.77 9.18
CA THR A 3 -4.86 -10.44 8.60
C THR A 3 -5.33 -9.08 9.11
N SER A 4 -5.92 -8.30 8.22
CA SER A 4 -6.39 -6.97 8.60
C SER A 4 -7.67 -6.63 7.85
N LEU A 5 -8.44 -5.70 8.41
CA LEU A 5 -9.66 -5.25 7.78
C LEU A 5 -9.39 -3.96 7.02
N ARG A 6 -9.95 -3.84 5.83
CA ARG A 6 -9.83 -2.62 5.04
C ARG A 6 -11.22 -2.14 4.67
N TYR A 7 -11.54 -0.91 5.07
CA TYR A 7 -12.84 -0.34 4.80
C TYR A 7 -12.71 0.63 3.63
N GLY A 8 -13.73 0.65 2.79
CA GLY A 8 -13.87 1.65 1.73
C GLY A 8 -15.15 2.44 1.94
N GLY A 9 -15.02 3.74 2.10
CA GLY A 9 -16.17 4.57 2.46
C GLY A 9 -16.81 5.16 1.21
N ASP A 10 -17.86 4.47 0.75
CA ASP A 10 -18.64 4.89 -0.41
C ASP A 10 -20.08 4.42 -0.26
N SER A 11 -20.25 3.18 0.20
CA SER A 11 -21.57 2.62 0.41
C SER A 11 -21.49 1.42 1.37
N LYS A 12 -20.81 1.61 2.49
CA LYS A 12 -20.68 0.56 3.49
C LYS A 12 -19.97 -0.67 2.91
N ALA A 13 -18.77 -0.43 2.38
CA ALA A 13 -18.02 -1.50 1.73
C ALA A 13 -16.88 -2.00 2.63
N LEU A 14 -16.78 -3.33 2.78
CA LEU A 14 -15.70 -3.91 3.57
C LEU A 14 -14.98 -5.02 2.80
N LYS A 15 -13.67 -5.10 3.01
CA LYS A 15 -12.85 -6.11 2.36
C LYS A 15 -11.77 -6.61 3.33
N ILE A 16 -11.17 -7.76 3.04
CA ILE A 16 -10.09 -8.29 3.86
C ILE A 16 -8.78 -8.31 3.09
N HIS A 17 -7.70 -7.96 3.79
CA HIS A 17 -6.36 -7.99 3.22
C HIS A 17 -5.45 -8.76 4.17
N ALA A 18 -4.68 -9.69 3.64
CA ALA A 18 -3.78 -10.47 4.47
C ALA A 18 -2.49 -10.77 3.70
N LYS A 19 -1.39 -10.96 4.43
CA LYS A 19 -0.08 -11.11 3.81
C LYS A 19 0.59 -12.41 4.22
N GLU A 20 1.36 -12.99 3.29
CA GLU A 20 2.05 -14.25 3.54
C GLU A 20 3.51 -14.13 3.11
N LYS A 21 4.40 -14.85 3.79
CA LYS A 21 5.83 -14.80 3.49
C LYS A 21 6.39 -16.19 3.16
N LEU A 22 7.34 -16.24 2.22
CA LEU A 22 7.91 -17.52 1.81
C LEU A 22 9.41 -17.37 1.55
N ARG A 23 10.17 -18.44 1.77
CA ARG A 23 11.60 -18.42 1.49
C ARG A 23 11.86 -19.05 0.12
N ILE A 24 12.33 -18.25 -0.83
CA ILE A 24 12.55 -18.73 -2.18
C ILE A 24 13.93 -19.37 -2.30
N ASP A 25 14.92 -18.67 -1.77
CA ASP A 25 16.30 -19.13 -1.83
C ASP A 25 17.16 -18.26 -0.91
N THR A 26 18.47 -18.47 -0.95
CA THR A 26 19.38 -17.69 -0.11
C THR A 26 19.21 -16.19 -0.35
N ASN A 27 18.83 -15.49 0.71
CA ASN A 27 18.67 -14.03 0.63
C ASN A 27 17.62 -13.63 -0.40
N THR A 28 16.53 -14.41 -0.46
CA THR A 28 15.42 -14.07 -1.34
C THR A 28 14.09 -14.23 -0.60
N PHE A 29 13.31 -13.15 -0.51
CA PHE A 29 12.08 -13.18 0.26
C PHE A 29 10.86 -12.99 -0.63
N PHE A 30 9.80 -13.75 -0.33
CA PHE A 30 8.51 -13.60 -1.00
C PHE A 30 7.57 -12.91 -0.02
N GLN A 31 6.92 -11.84 -0.46
CA GLN A 31 5.92 -11.17 0.37
C GLN A 31 4.76 -10.77 -0.51
N VAL A 32 3.59 -11.36 -0.30
CA VAL A 32 2.48 -11.18 -1.25
C VAL A 32 1.19 -10.84 -0.51
N ARG A 33 0.28 -10.20 -1.24
CA ARG A 33 -0.92 -9.63 -0.64
C ARG A 33 -2.15 -10.25 -1.28
N GLY A 34 -3.11 -10.65 -0.45
CA GLY A 34 -4.35 -11.23 -0.95
C GLY A 34 -5.54 -10.42 -0.47
N GLY A 35 -6.30 -9.89 -1.42
CA GLY A 35 -7.50 -9.14 -1.09
C GLY A 35 -8.73 -9.95 -1.47
N LEU A 36 -9.61 -10.17 -0.49
CA LEU A 36 -10.81 -10.96 -0.70
C LEU A 36 -12.00 -10.01 -0.74
N ASP A 37 -12.88 -10.20 -1.73
CA ASP A 37 -14.10 -9.41 -1.82
C ASP A 37 -15.21 -10.07 -1.01
N THR A 38 -15.75 -9.33 -0.04
CA THR A 38 -16.82 -9.86 0.81
C THR A 38 -17.98 -10.43 -0.02
N LYS A 39 -18.21 -9.87 -1.20
CA LYS A 39 -19.35 -10.26 -2.02
C LYS A 39 -19.41 -11.77 -2.25
N THR A 40 -18.24 -12.41 -2.41
CA THR A 40 -18.19 -13.84 -2.67
C THR A 40 -17.40 -14.56 -1.58
N GLY A 41 -16.22 -14.04 -1.28
CA GLY A 41 -15.39 -14.59 -0.22
C GLY A 41 -14.19 -15.33 -0.80
N GLN A 42 -13.54 -14.74 -1.80
CA GLN A 42 -12.36 -15.36 -2.38
C GLN A 42 -11.62 -14.41 -3.33
N PRO A 43 -12.29 -13.84 -4.31
CA PRO A 43 -11.61 -13.01 -5.34
C PRO A 43 -11.70 -11.52 -5.06
N SER A 44 -10.62 -10.80 -5.34
CA SER A 44 -10.65 -9.34 -5.37
C SER A 44 -9.42 -8.83 -6.13
N SER A 45 -8.23 -9.12 -5.60
CA SER A 45 -6.99 -8.73 -6.26
C SER A 45 -5.80 -9.42 -5.61
N GLY A 46 -4.70 -9.59 -6.35
CA GLY A 46 -3.51 -10.23 -5.79
C GLY A 46 -2.24 -9.52 -6.23
N SER A 47 -1.23 -9.50 -5.37
CA SER A 47 0.04 -8.88 -5.72
C SER A 47 1.17 -9.61 -5.02
N ALA A 48 2.40 -9.47 -5.52
CA ALA A 48 3.54 -10.16 -4.91
C ALA A 48 4.82 -9.36 -5.03
N LEU A 49 5.72 -9.56 -4.07
CA LEU A 49 7.01 -8.86 -4.07
C LEU A 49 8.17 -9.84 -3.93
N ILE A 50 9.20 -9.62 -4.75
CA ILE A 50 10.46 -10.36 -4.63
C ILE A 50 11.53 -9.37 -4.19
N ARG A 51 12.26 -9.65 -3.10
CA ARG A 51 13.20 -8.65 -2.59
C ARG A 51 14.46 -9.28 -1.98
N HIS A 52 15.53 -8.48 -1.99
CA HIS A 52 16.79 -8.85 -1.36
C HIS A 52 17.31 -7.65 -0.58
N PHE A 53 17.96 -7.89 0.56
CA PHE A 53 18.34 -6.79 1.45
C PHE A 53 19.86 -6.57 1.47
N TYR A 54 20.26 -5.33 1.72
CA TYR A 54 21.66 -5.01 1.93
C TYR A 54 21.94 -5.03 3.43
N PRO A 55 23.03 -5.61 3.88
CA PRO A 55 23.27 -5.87 5.34
C PRO A 55 23.05 -4.65 6.24
N ASN A 56 23.16 -4.89 7.55
CA ASN A 56 22.96 -3.82 8.53
C ASN A 56 21.59 -3.18 8.34
N PHE A 57 20.58 -4.03 8.13
CA PHE A 57 19.25 -3.57 7.74
C PHE A 57 19.33 -2.80 6.43
N SER A 58 19.87 -1.59 6.46
CA SER A 58 20.07 -0.76 5.28
C SER A 58 18.81 -0.64 4.42
N ALA A 59 18.59 -1.58 3.48
CA ALA A 59 17.47 -1.42 2.56
C ALA A 59 17.25 -2.69 1.73
N THR A 60 16.16 -2.72 0.96
CA THR A 60 15.89 -3.85 0.09
C THR A 60 15.51 -3.37 -1.30
N LEU A 61 15.87 -4.14 -2.32
CA LEU A 61 15.48 -3.85 -3.69
C LEU A 61 14.60 -4.98 -4.19
N GLY A 62 13.52 -4.67 -4.92
CA GLY A 62 12.64 -5.73 -5.37
C GLY A 62 11.65 -5.23 -6.41
N VAL A 63 10.78 -6.12 -6.87
CA VAL A 63 9.77 -5.73 -7.86
C VAL A 63 8.41 -6.15 -7.31
N GLY A 64 7.37 -5.43 -7.70
CA GLY A 64 6.01 -5.74 -7.28
C GLY A 64 5.11 -5.82 -8.49
N VAL A 65 4.20 -6.78 -8.49
CA VAL A 65 3.20 -6.87 -9.56
C VAL A 65 1.82 -7.13 -8.95
N ARG A 66 0.79 -6.89 -9.75
CA ARG A 66 -0.58 -7.03 -9.29
C ARG A 66 -1.48 -7.49 -10.44
N TYR A 67 -2.42 -8.38 -10.14
CA TYR A 67 -3.32 -8.92 -11.16
C TYR A 67 -4.75 -8.53 -10.87
N ASP A 68 -5.43 -8.04 -11.90
CA ASP A 68 -6.85 -7.77 -11.85
C ASP A 68 -7.53 -8.54 -12.98
N LYS A 69 -8.75 -9.01 -12.71
CA LYS A 69 -9.41 -10.03 -13.52
C LYS A 69 -10.32 -9.38 -14.54
N GLN A 70 -10.64 -10.10 -15.62
CA GLN A 70 -11.59 -9.60 -16.59
C GLN A 70 -13.02 -9.98 -16.18
N ASP A 71 -13.19 -11.26 -15.87
CA ASP A 71 -14.50 -11.77 -15.47
C ASP A 71 -14.33 -13.12 -14.77
N SER A 72 -15.45 -13.80 -14.51
CA SER A 72 -15.39 -15.11 -13.87
C SER A 72 -14.53 -16.07 -14.69
N VAL A 73 -14.06 -17.13 -14.05
CA VAL A 73 -13.19 -18.10 -14.72
C VAL A 73 -14.02 -19.29 -15.21
N GLY A 74 -13.78 -19.67 -16.46
CA GLY A 74 -14.52 -20.78 -17.06
C GLY A 74 -13.61 -21.71 -17.89
N VAL A 75 -12.51 -21.17 -18.42
CA VAL A 75 -11.61 -21.95 -19.27
C VAL A 75 -10.19 -21.91 -18.71
N ARG A 76 -9.35 -22.80 -19.23
CA ARG A 76 -7.97 -22.92 -18.75
C ARG A 76 -7.25 -21.58 -18.78
N TYR A 77 -7.54 -20.77 -19.78
CA TYR A 77 -6.88 -19.47 -19.92
C TYR A 77 -7.69 -18.37 -19.23
N ALA A 78 -7.04 -17.61 -18.37
CA ALA A 78 -7.71 -16.54 -17.64
C ALA A 78 -7.30 -15.17 -18.19
N LYS A 79 -8.27 -14.25 -18.24
CA LYS A 79 -8.01 -12.90 -18.71
C LYS A 79 -7.94 -11.93 -17.53
N ASN A 80 -7.09 -10.91 -17.64
CA ASN A 80 -6.93 -9.93 -16.58
C ASN A 80 -7.30 -8.53 -17.09
N ASP A 81 -8.13 -7.78 -16.35
CA ASP A 81 -8.43 -6.42 -16.77
C ASP A 81 -7.15 -5.59 -16.88
N LYS A 82 -6.22 -5.80 -15.96
CA LYS A 82 -5.02 -4.99 -15.88
C LYS A 82 -3.92 -5.75 -15.15
N LEU A 83 -2.72 -5.74 -15.73
CA LEU A 83 -1.54 -6.26 -15.04
C LEU A 83 -0.53 -5.13 -14.86
N ARG A 84 -0.03 -4.96 -13.63
CA ARG A 84 0.92 -3.90 -13.34
C ARG A 84 2.21 -4.50 -12.78
N TYR A 85 3.34 -3.87 -13.07
CA TYR A 85 4.61 -4.31 -12.50
C TYR A 85 5.52 -3.11 -12.24
N THR A 86 6.38 -3.22 -11.21
CA THR A 86 7.16 -2.07 -10.77
C THR A 86 8.44 -2.52 -10.07
N VAL A 87 9.43 -1.63 -9.95
CA VAL A 87 10.66 -1.96 -9.22
C VAL A 87 11.10 -0.75 -8.40
N LEU A 88 11.52 -0.99 -7.15
CA LEU A 88 11.74 0.11 -6.24
C LEU A 88 12.73 -0.26 -5.14
N ALA A 89 13.26 0.76 -4.48
CA ALA A 89 14.03 0.58 -3.26
C ALA A 89 13.11 0.79 -2.06
N LYS A 90 13.29 -0.02 -1.01
CA LYS A 90 12.45 0.11 0.17
C LYS A 90 13.31 0.45 1.38
N LYS A 91 12.98 1.55 2.04
CA LYS A 91 13.74 1.98 3.20
C LYS A 91 12.82 2.42 4.32
N THR A 92 13.18 2.08 5.56
CA THR A 92 12.43 2.52 6.73
C THR A 92 13.37 3.26 7.67
N PHE A 93 12.93 4.41 8.19
CA PHE A 93 13.80 5.19 9.07
C PHE A 93 12.97 5.84 10.18
N PRO A 94 13.24 5.56 11.46
CA PRO A 94 12.62 6.34 12.56
C PRO A 94 13.47 7.55 12.92
N VAL A 95 12.94 8.73 12.64
CA VAL A 95 13.69 9.99 12.86
C VAL A 95 12.91 10.96 13.75
N THR A 96 11.92 10.47 14.49
CA THR A 96 11.24 11.28 15.49
C THR A 96 12.11 11.46 16.73
N ASN A 97 12.77 10.39 17.15
CA ASN A 97 13.66 10.46 18.30
C ASN A 97 14.78 11.46 18.07
N ASP A 98 15.33 11.46 16.86
CA ASP A 98 16.39 12.39 16.49
C ASP A 98 15.91 13.41 15.44
N GLY A 99 14.63 13.76 15.49
CA GLY A 99 14.07 14.70 14.53
C GLY A 99 12.57 14.89 14.75
N LEU A 100 11.78 14.42 13.80
CA LEU A 100 10.33 14.58 13.89
C LEU A 100 9.57 13.78 12.82
N VAL A 101 10.22 12.80 12.18
CA VAL A 101 9.53 12.00 11.15
C VAL A 101 9.79 10.50 11.31
N ASN A 102 9.02 9.71 10.58
CA ASN A 102 9.12 8.24 10.62
C ASN A 102 8.39 7.70 9.39
N PHE A 103 9.05 6.88 8.58
CA PHE A 103 8.45 6.50 7.29
C PHE A 103 8.94 5.19 6.72
N LYS A 104 8.13 4.65 5.82
CA LYS A 104 8.52 3.52 4.99
C LYS A 104 8.24 3.92 3.55
N ILE A 105 9.28 3.93 2.72
CA ILE A 105 9.17 4.57 1.40
C ILE A 105 9.59 3.62 0.30
N LYS A 106 8.77 3.57 -0.75
CA LYS A 106 9.08 2.83 -1.94
C LYS A 106 9.43 3.81 -3.04
N GLY A 107 10.67 3.75 -3.53
CA GLY A 107 11.13 4.73 -4.51
C GLY A 107 11.43 4.04 -5.81
N GLY A 108 10.54 4.20 -6.80
CA GLY A 108 10.74 3.50 -8.07
C GLY A 108 9.65 3.84 -9.08
N CYS A 109 9.48 2.96 -10.06
CA CYS A 109 8.60 3.24 -11.19
C CYS A 109 7.73 2.03 -11.51
N ASP A 110 6.49 2.30 -11.92
CA ASP A 110 5.54 1.25 -12.25
C ASP A 110 5.00 1.47 -13.65
N VAL A 111 4.53 0.40 -14.28
CA VAL A 111 3.89 0.51 -15.58
C VAL A 111 2.59 -0.30 -15.59
N ASP A 112 1.57 0.26 -16.23
CA ASP A 112 0.30 -0.44 -16.38
C ASP A 112 0.28 -1.12 -17.73
N GLN A 113 0.12 -2.44 -17.69
CA GLN A 113 0.02 -3.27 -18.88
C GLN A 113 -1.44 -3.27 -19.32
N ASP A 114 -1.69 -2.38 -20.25
CA ASP A 114 -3.01 -2.04 -20.77
C ASP A 114 -2.89 -0.77 -21.63
N PHE A 115 -2.09 0.18 -21.15
CA PHE A 115 -1.72 1.35 -21.92
C PHE A 115 -0.35 1.77 -21.42
N LYS A 116 0.62 1.92 -22.32
CA LYS A 116 1.99 2.22 -21.91
C LYS A 116 2.04 3.45 -21.02
N GLU A 117 1.64 3.29 -19.76
CA GLU A 117 1.65 4.40 -18.81
C GLU A 117 2.67 4.13 -17.72
N TRP A 118 3.62 5.04 -17.54
CA TRP A 118 4.72 4.84 -16.61
C TRP A 118 4.79 5.99 -15.59
N LYS A 119 4.85 5.64 -14.32
CA LYS A 119 4.84 6.66 -13.26
C LYS A 119 5.81 6.29 -12.14
N SER A 120 6.50 7.29 -11.59
CA SER A 120 7.29 7.08 -10.38
C SER A 120 6.37 7.12 -9.16
N ARG A 121 6.86 6.76 -7.97
CA ARG A 121 6.01 6.87 -6.78
C ARG A 121 6.79 7.09 -5.47
N GLY A 122 6.27 8.04 -4.69
CA GLY A 122 6.54 8.18 -3.25
C GLY A 122 5.61 7.23 -2.48
N GLY A 123 5.87 5.94 -2.78
CA GLY A 123 5.05 4.80 -2.41
C GLY A 123 5.25 4.52 -0.95
N ALA A 124 4.59 5.30 -0.11
CA ALA A 124 5.06 5.40 1.26
C ALA A 124 3.98 5.79 2.25
N GLU A 125 4.41 5.66 3.50
CA GLU A 125 3.81 6.34 4.61
C GLU A 125 4.87 7.30 5.12
N PHE A 126 4.70 8.61 4.89
CA PHE A 126 5.68 9.59 5.39
C PHE A 126 5.15 10.33 6.60
N SER A 127 5.66 10.05 7.81
CA SER A 127 5.06 10.64 9.01
C SER A 127 5.76 11.95 9.35
N TRP A 128 4.96 13.01 9.46
CA TRP A 128 5.45 14.34 9.77
C TRP A 128 4.62 14.91 10.93
N ASN A 129 5.19 15.88 11.64
CA ASN A 129 4.56 16.44 12.83
C ASN A 129 3.92 17.79 12.54
N VAL A 130 2.81 18.08 13.20
CA VAL A 130 2.06 19.31 12.95
C VAL A 130 1.66 19.96 14.27
N PHE A 131 1.76 21.28 14.33
CA PHE A 131 1.44 22.01 15.55
C PHE A 131 -0.05 22.33 15.61
N ASN A 132 -0.64 22.09 16.77
CA ASN A 132 -2.07 22.33 16.97
C ASN A 132 -2.29 23.58 17.79
N PHE A 133 -3.49 24.16 17.66
CA PHE A 133 -3.81 25.38 18.39
C PHE A 133 -3.59 25.22 19.88
N GLN A 134 -4.01 24.08 20.42
CA GLN A 134 -3.84 23.80 21.84
C GLN A 134 -3.75 22.30 22.11
N LYS A 135 -4.89 21.61 22.07
CA LYS A 135 -4.91 20.18 22.32
C LYS A 135 -5.93 19.49 21.41
N ASP A 136 -5.50 18.41 20.76
CA ASP A 136 -6.39 17.65 19.89
C ASP A 136 -5.88 16.23 19.66
N GLN A 137 -5.28 15.63 20.70
CA GLN A 137 -4.75 14.29 20.62
C GLN A 137 -3.62 14.18 19.60
N ASP A 138 -2.49 13.61 20.02
CA ASP A 138 -1.33 13.50 19.14
C ASP A 138 -1.66 12.67 17.91
N VAL A 139 -1.37 13.22 16.73
CA VAL A 139 -1.64 12.54 15.48
C VAL A 139 -0.48 12.72 14.51
N ARG A 140 -0.22 11.70 13.69
CA ARG A 140 0.87 11.79 12.70
C ARG A 140 0.29 11.83 11.30
N LEU A 141 0.83 12.70 10.43
CA LEU A 141 0.28 12.92 9.10
C LEU A 141 1.25 12.42 8.01
N ARG A 142 0.70 11.78 6.98
CA ARG A 142 1.47 11.24 5.86
C ARG A 142 0.60 11.20 4.61
N ILE A 143 1.11 10.87 3.40
CA ILE A 143 0.20 10.64 2.29
C ILE A 143 0.37 9.14 2.07
N GLY A 144 -0.78 8.47 2.12
CA GLY A 144 -0.84 7.07 1.82
C GLY A 144 -0.97 7.01 0.32
N TYR A 145 0.16 6.89 -0.35
CA TYR A 145 0.16 7.22 -1.77
C TYR A 145 1.31 6.69 -2.56
N GLU A 146 1.08 6.74 -3.86
CA GLU A 146 2.13 6.65 -4.84
C GLU A 146 2.26 8.05 -5.43
N ALA A 147 3.36 8.73 -5.10
CA ALA A 147 3.48 10.14 -5.46
C ALA A 147 4.21 10.35 -6.78
N PHE A 148 3.47 10.92 -7.73
CA PHE A 148 3.96 11.34 -9.04
C PHE A 148 2.76 11.80 -9.86
N GLU A 149 1.90 10.85 -10.21
CA GLU A 149 0.63 11.16 -10.86
C GLU A 149 -0.48 10.16 -10.50
N GLN A 150 -0.14 9.02 -9.89
CA GLN A 150 -1.13 7.99 -9.61
C GLN A 150 -2.29 8.54 -8.78
N VAL A 151 -2.08 8.75 -7.48
CA VAL A 151 -3.14 9.27 -6.61
C VAL A 151 -2.59 9.50 -5.20
N PRO A 152 -2.79 10.66 -4.61
CA PRO A 152 -2.47 10.87 -3.17
C PRO A 152 -3.70 10.82 -2.26
N TYR A 153 -3.69 9.93 -1.25
CA TYR A 153 -4.70 9.99 -0.20
C TYR A 153 -4.02 10.17 1.16
N LEU A 154 -4.60 11.02 2.02
CA LEU A 154 -3.88 11.50 3.20
C LEU A 154 -4.21 10.62 4.37
N GLN A 155 -3.22 10.13 5.10
CA GLN A 155 -3.48 9.08 6.09
C GLN A 155 -2.90 9.50 7.42
N ILE A 156 -3.59 9.17 8.51
CA ILE A 156 -3.10 9.53 9.82
C ILE A 156 -3.19 8.35 10.77
N ARG A 157 -2.31 8.36 11.76
CA ARG A 157 -2.32 7.34 12.80
C ARG A 157 -2.83 7.96 14.10
N GLU A 158 -4.00 7.51 14.53
CA GLU A 158 -4.59 7.96 15.78
C GLU A 158 -5.21 6.78 16.52
N ASN A 159 -4.89 6.63 17.81
CA ASN A 159 -5.51 5.59 18.63
C ASN A 159 -5.44 4.22 17.97
N ASN A 160 -4.31 3.92 17.34
CA ASN A 160 -4.06 2.61 16.75
C ASN A 160 -5.05 2.27 15.62
N TRP A 161 -5.52 3.29 14.91
CA TRP A 161 -6.30 3.07 13.70
C TRP A 161 -5.69 3.90 12.58
N THR A 162 -5.74 3.42 11.34
CA THR A 162 -5.13 4.14 10.22
C THR A 162 -6.22 4.50 9.23
N PHE A 163 -6.47 5.79 9.04
CA PHE A 163 -7.60 6.23 8.23
C PHE A 163 -7.11 7.28 7.24
N ASN A 164 -7.81 7.44 6.11
CA ASN A 164 -7.35 8.40 5.12
C ASN A 164 -8.43 8.92 4.18
N ALA A 165 -8.08 9.96 3.42
CA ALA A 165 -8.97 10.56 2.43
C ALA A 165 -8.34 10.47 1.05
N ASP A 166 -9.11 10.07 0.05
CA ASP A 166 -8.61 10.03 -1.32
C ASP A 166 -9.37 11.06 -2.14
N TYR A 167 -8.70 11.68 -3.11
CA TYR A 167 -9.33 12.72 -3.92
C TYR A 167 -10.59 12.23 -4.65
N LYS A 168 -10.80 10.91 -4.67
CA LYS A 168 -12.02 10.36 -5.26
C LYS A 168 -13.27 10.67 -4.41
N GLY A 169 -13.11 11.29 -3.25
CA GLY A 169 -14.16 11.36 -2.26
C GLY A 169 -14.29 10.02 -1.53
N ARG A 170 -13.16 9.33 -1.31
CA ARG A 170 -13.20 7.98 -0.72
C ARG A 170 -12.59 7.99 0.67
N TRP A 171 -13.27 7.33 1.61
CA TRP A 171 -12.74 7.20 2.97
C TRP A 171 -12.18 5.79 3.14
N ASN A 172 -11.12 5.64 3.93
CA ASN A 172 -10.55 4.30 4.15
C ASN A 172 -10.10 4.12 5.60
N VAL A 173 -10.20 2.88 6.09
CA VAL A 173 -9.58 2.49 7.36
C VAL A 173 -8.79 1.20 7.16
N ARG A 174 -7.72 1.06 7.95
CA ARG A 174 -6.97 -0.18 8.01
C ARG A 174 -6.73 -0.50 9.47
N TYR A 175 -7.09 -1.72 9.88
CA TYR A 175 -6.91 -2.13 11.27
C TYR A 175 -6.50 -3.59 11.34
N ASP A 176 -5.32 -3.84 11.91
CA ASP A 176 -4.77 -5.19 11.96
C ASP A 176 -5.29 -5.94 13.18
N LEU A 177 -5.35 -7.27 13.09
CA LEU A 177 -5.77 -8.09 14.22
C LEU A 177 -4.69 -8.11 15.30
#